data_2PJW
# 
_entry.id   2PJW 
# 
_audit_conform.dict_name       mmcif_pdbx.dic 
_audit_conform.dict_version    5.398 
_audit_conform.dict_location   http://mmcif.pdb.org/dictionaries/ascii/mmcif_pdbx.dic 
# 
loop_
_database_2.database_id 
_database_2.database_code 
_database_2.pdbx_database_accession 
_database_2.pdbx_DOI 
PDB   2PJW         pdb_00002pjw 10.2210/pdb2pjw/pdb 
RCSB  RCSB042458   ?            ?                   
WWPDB D_1000042458 ?            ?                   
# 
loop_
_pdbx_audit_revision_history.ordinal 
_pdbx_audit_revision_history.data_content_type 
_pdbx_audit_revision_history.major_revision 
_pdbx_audit_revision_history.minor_revision 
_pdbx_audit_revision_history.revision_date 
1 'Structure model' 1 0 2007-06-05 
2 'Structure model' 1 1 2008-05-01 
3 'Structure model' 1 2 2011-07-13 
4 'Structure model' 1 3 2017-10-18 
5 'Structure model' 1 4 2024-11-13 
# 
_pdbx_audit_revision_details.ordinal             1 
_pdbx_audit_revision_details.revision_ordinal    1 
_pdbx_audit_revision_details.data_content_type   'Structure model' 
_pdbx_audit_revision_details.provider            repository 
_pdbx_audit_revision_details.type                'Initial release' 
_pdbx_audit_revision_details.description         ? 
_pdbx_audit_revision_details.details             ? 
# 
loop_
_pdbx_audit_revision_group.ordinal 
_pdbx_audit_revision_group.revision_ordinal 
_pdbx_audit_revision_group.data_content_type 
_pdbx_audit_revision_group.group 
1 2 'Structure model' 'Version format compliance' 
2 3 'Structure model' 'Version format compliance' 
3 4 'Structure model' 'Refinement description'    
4 5 'Structure model' 'Data collection'           
5 5 'Structure model' 'Database references'       
6 5 'Structure model' 'Derived calculations'      
7 5 'Structure model' 'Structure summary'         
# 
loop_
_pdbx_audit_revision_category.ordinal 
_pdbx_audit_revision_category.revision_ordinal 
_pdbx_audit_revision_category.data_content_type 
_pdbx_audit_revision_category.category 
1 4 'Structure model' software                  
2 5 'Structure model' chem_comp_atom            
3 5 'Structure model' chem_comp_bond            
4 5 'Structure model' database_2                
5 5 'Structure model' pdbx_entry_details        
6 5 'Structure model' pdbx_modification_feature 
7 5 'Structure model' struct_conn               
8 5 'Structure model' struct_ref_seq_dif        
# 
loop_
_pdbx_audit_revision_item.ordinal 
_pdbx_audit_revision_item.revision_ordinal 
_pdbx_audit_revision_item.data_content_type 
_pdbx_audit_revision_item.item 
1 4 'Structure model' '_software.name'                      
2 5 'Structure model' '_database_2.pdbx_DOI'                
3 5 'Structure model' '_database_2.pdbx_database_accession' 
4 5 'Structure model' '_struct_conn.pdbx_leaving_atom_flag' 
5 5 'Structure model' '_struct_ref_seq_dif.details'         
# 
_pdbx_database_status.status_code                     REL 
_pdbx_database_status.entry_id                        2PJW 
_pdbx_database_status.recvd_initial_deposition_date   2007-04-16 
_pdbx_database_status.deposit_site                    RCSB 
_pdbx_database_status.process_site                    RCSB 
_pdbx_database_status.status_code_sf                  REL 
_pdbx_database_status.status_code_mr                  ? 
_pdbx_database_status.SG_entry                        ? 
_pdbx_database_status.pdb_format_compatible           Y 
_pdbx_database_status.status_code_cs                  ? 
_pdbx_database_status.methods_development_category    ? 
_pdbx_database_status.status_code_nmr_data            ? 
# 
_pdbx_database_related.db_name        PDB 
_pdbx_database_related.db_id          1YD8 
_pdbx_database_related.details        'Human GGA3 GAT DOMAIN' 
_pdbx_database_related.content_type   unspecified 
# 
loop_
_audit_author.name 
_audit_author.pdbx_ordinal 
'Prag, G.'     1 
'Hurley, J.H.' 2 
# 
loop_
_citation.id 
_citation.title 
_citation.journal_abbrev 
_citation.journal_volume 
_citation.page_first 
_citation.page_last 
_citation.year 
_citation.journal_id_ASTM 
_citation.country 
_citation.journal_id_ISSN 
_citation.journal_id_CSD 
_citation.book_publisher 
_citation.pdbx_database_id_PubMed 
_citation.pdbx_database_id_DOI 
primary 'The Vps27/Hse1 Complex Is a GAT Domain-Based Scaffold for Ubiquitin-Dependent Sorting.' Dev.Cell               12  973  
986  2007 ?      US 1534-5807 ?    ? 17543868 10.1016/j.devcel.2007.04.013 
1       
;Structural mechanism for ubiquitinated-cargo recognition by the Golgi-localized, {gamma}-ear-containing, ADP-ribosylation-factor-binding proteins
;
Proc.Natl.Acad.Sci.USA 102 2334 2339 2005 PNASA6 US 0027-8424 0040 ? ?        ?                            
# 
loop_
_citation_author.citation_id 
_citation_author.name 
_citation_author.ordinal 
_citation_author.identifier_ORCID 
primary 'Prag, G.'         1  ? 
primary 'Watson, H.'       2  ? 
primary 'Kim, Y.C.'        3  ? 
primary 'Beach, B.M.'      4  ? 
primary 'Ghirlando, R.'    5  ? 
primary 'Hummer, G.'       6  ? 
primary 'Bonifacino, J.S.' 7  ? 
primary 'Hurley, J.H.'     8  ? 
1       'Prag, G.'         9  ? 
1       'Lee, S.'          10 ? 
1       'Mattera, R.'      11 ? 
1       'Arighi, C.N.'     12 ? 
1       'Beach, B.M.'      13 ? 
1       'Bonifacino, J.S.' 14 ? 
1       'Hurley, J.H.'     15 ? 
# 
loop_
_entity.id 
_entity.type 
_entity.src_method 
_entity.pdbx_description 
_entity.formula_weight 
_entity.pdbx_number_of_molecules 
_entity.pdbx_ec 
_entity.pdbx_mutation 
_entity.pdbx_fragment 
_entity.details 
1 polymer man 'Uncharacterized protein YHL002W'                10049.697 1  ? ? ? ? 
2 polymer man 'Vacuolar protein sorting-associated protein 27' 10770.648 1  ? ? ? ? 
3 water   nat water                                            18.015    29 ? ? ? ? 
# 
loop_
_entity_poly.entity_id 
_entity_poly.type 
_entity_poly.nstd_linkage 
_entity_poly.nstd_monomer 
_entity_poly.pdbx_seq_one_letter_code 
_entity_poly.pdbx_seq_one_letter_code_can 
_entity_poly.pdbx_strand_id 
_entity_poly.pdbx_target_identifier 
1 'polypeptide(L)' no yes 
;KEAIVFSQKTTIDQLHNSLNAASKTGNSNEVLQDPHIGD(MSE)YGSVTPLRPQVTR(MSE)LGKYAKEKED(MSE)LSL
RQVLANAERSYNQL(MSE)DRAAN
;
;KEAIVFSQKTTIDQLHNSLNAASKTGNSNEVLQDPHIGDMYGSVTPLRPQVTRMLGKYAKEKEDMLSLRQVLANAERSYN
QLMDRAAN
;
H ? 
2 'polypeptide(L)' no yes 
;VDLSDEEKDSIY(MSE)FASLVEK(MSE)KSRPLNEILEDSKLQNLAQRVFASKARLNYALNDKAQKYNTLIE(MSE)NG
KISEI(MSE)NIYDRLLEQQLQSINLS
;
;VDLSDEEKDSIYMFASLVEKMKSRPLNEILEDSKLQNLAQRVFASKARLNYALNDKAQKYNTLIEMNGKISEIMNIYDRL
LEQQLQSINLS
;
V ? 
# 
_pdbx_entity_nonpoly.entity_id   3 
_pdbx_entity_nonpoly.name        water 
_pdbx_entity_nonpoly.comp_id     HOH 
# 
loop_
_entity_poly_seq.entity_id 
_entity_poly_seq.num 
_entity_poly_seq.mon_id 
_entity_poly_seq.hetero 
1 1  LYS n 
1 2  GLU n 
1 3  ALA n 
1 4  ILE n 
1 5  VAL n 
1 6  PHE n 
1 7  SER n 
1 8  GLN n 
1 9  LYS n 
1 10 THR n 
1 11 THR n 
1 12 ILE n 
1 13 ASP n 
1 14 GLN n 
1 15 LEU n 
1 16 HIS n 
1 17 ASN n 
1 18 SER n 
1 19 LEU n 
1 20 ASN n 
1 21 ALA n 
1 22 ALA n 
1 23 SER n 
1 24 LYS n 
1 25 THR n 
1 26 GLY n 
1 27 ASN n 
1 28 SER n 
1 29 ASN n 
1 30 GLU n 
1 31 VAL n 
1 32 LEU n 
1 33 GLN n 
1 34 ASP n 
1 35 PRO n 
1 36 HIS n 
1 37 ILE n 
1 38 GLY n 
1 39 ASP n 
1 40 MSE n 
1 41 TYR n 
1 42 GLY n 
1 43 SER n 
1 44 VAL n 
1 45 THR n 
1 46 PRO n 
1 47 LEU n 
1 48 ARG n 
1 49 PRO n 
1 50 GLN n 
1 51 VAL n 
1 52 THR n 
1 53 ARG n 
1 54 MSE n 
1 55 LEU n 
1 56 GLY n 
1 57 LYS n 
1 58 TYR n 
1 59 ALA n 
1 60 LYS n 
1 61 GLU n 
1 62 LYS n 
1 63 GLU n 
1 64 ASP n 
1 65 MSE n 
1 66 LEU n 
1 67 SER n 
1 68 LEU n 
1 69 ARG n 
1 70 GLN n 
1 71 VAL n 
1 72 LEU n 
1 73 ALA n 
1 74 ASN n 
1 75 ALA n 
1 76 GLU n 
1 77 ARG n 
1 78 SER n 
1 79 TYR n 
1 80 ASN n 
1 81 GLN n 
1 82 LEU n 
1 83 MSE n 
1 84 ASP n 
1 85 ARG n 
1 86 ALA n 
1 87 ALA n 
1 88 ASN n 
2 1  VAL n 
2 2  ASP n 
2 3  LEU n 
2 4  SER n 
2 5  ASP n 
2 6  GLU n 
2 7  GLU n 
2 8  LYS n 
2 9  ASP n 
2 10 SER n 
2 11 ILE n 
2 12 TYR n 
2 13 MSE n 
2 14 PHE n 
2 15 ALA n 
2 16 SER n 
2 17 LEU n 
2 18 VAL n 
2 19 GLU n 
2 20 LYS n 
2 21 MSE n 
2 22 LYS n 
2 23 SER n 
2 24 ARG n 
2 25 PRO n 
2 26 LEU n 
2 27 ASN n 
2 28 GLU n 
2 29 ILE n 
2 30 LEU n 
2 31 GLU n 
2 32 ASP n 
2 33 SER n 
2 34 LYS n 
2 35 LEU n 
2 36 GLN n 
2 37 ASN n 
2 38 LEU n 
2 39 ALA n 
2 40 GLN n 
2 41 ARG n 
2 42 VAL n 
2 43 PHE n 
2 44 ALA n 
2 45 SER n 
2 46 LYS n 
2 47 ALA n 
2 48 ARG n 
2 49 LEU n 
2 50 ASN n 
2 51 TYR n 
2 52 ALA n 
2 53 LEU n 
2 54 ASN n 
2 55 ASP n 
2 56 LYS n 
2 57 ALA n 
2 58 GLN n 
2 59 LYS n 
2 60 TYR n 
2 61 ASN n 
2 62 THR n 
2 63 LEU n 
2 64 ILE n 
2 65 GLU n 
2 66 MSE n 
2 67 ASN n 
2 68 GLY n 
2 69 LYS n 
2 70 ILE n 
2 71 SER n 
2 72 GLU n 
2 73 ILE n 
2 74 MSE n 
2 75 ASN n 
2 76 ILE n 
2 77 TYR n 
2 78 ASP n 
2 79 ARG n 
2 80 LEU n 
2 81 LEU n 
2 82 GLU n 
2 83 GLN n 
2 84 GLN n 
2 85 LEU n 
2 86 GLN n 
2 87 SER n 
2 88 ILE n 
2 89 ASN n 
2 90 LEU n 
2 91 SER n 
# 
loop_
_entity_src_gen.entity_id 
_entity_src_gen.pdbx_src_id 
_entity_src_gen.pdbx_alt_source_flag 
_entity_src_gen.pdbx_seq_type 
_entity_src_gen.pdbx_beg_seq_num 
_entity_src_gen.pdbx_end_seq_num 
_entity_src_gen.gene_src_common_name 
_entity_src_gen.gene_src_genus 
_entity_src_gen.pdbx_gene_src_gene 
_entity_src_gen.gene_src_species 
_entity_src_gen.gene_src_strain 
_entity_src_gen.gene_src_tissue 
_entity_src_gen.gene_src_tissue_fraction 
_entity_src_gen.gene_src_details 
_entity_src_gen.pdbx_gene_src_fragment 
_entity_src_gen.pdbx_gene_src_scientific_name 
_entity_src_gen.pdbx_gene_src_ncbi_taxonomy_id 
_entity_src_gen.pdbx_gene_src_variant 
_entity_src_gen.pdbx_gene_src_cell_line 
_entity_src_gen.pdbx_gene_src_atcc 
_entity_src_gen.pdbx_gene_src_organ 
_entity_src_gen.pdbx_gene_src_organelle 
_entity_src_gen.pdbx_gene_src_cell 
_entity_src_gen.pdbx_gene_src_cellular_location 
_entity_src_gen.host_org_common_name 
_entity_src_gen.pdbx_host_org_scientific_name 
_entity_src_gen.pdbx_host_org_ncbi_taxonomy_id 
_entity_src_gen.host_org_genus 
_entity_src_gen.pdbx_host_org_gene 
_entity_src_gen.pdbx_host_org_organ 
_entity_src_gen.host_org_species 
_entity_src_gen.pdbx_host_org_tissue 
_entity_src_gen.pdbx_host_org_tissue_fraction 
_entity_src_gen.pdbx_host_org_strain 
_entity_src_gen.pdbx_host_org_variant 
_entity_src_gen.pdbx_host_org_cell_line 
_entity_src_gen.pdbx_host_org_atcc 
_entity_src_gen.pdbx_host_org_culture_collection 
_entity_src_gen.pdbx_host_org_cell 
_entity_src_gen.pdbx_host_org_organelle 
_entity_src_gen.pdbx_host_org_cellular_location 
_entity_src_gen.pdbx_host_org_vector_type 
_entity_src_gen.pdbx_host_org_vector 
_entity_src_gen.host_org_details 
_entity_src_gen.expression_system_id 
_entity_src_gen.plasmid_name 
_entity_src_gen.plasmid_details 
_entity_src_gen.pdbx_description 
1 1 sample ? ? ? 
;baker's yeast
;
Saccharomyces hse1           ? ? ? ? ? ? 'Saccharomyces cerevisiae' 4932 ? ? ? ? ? ? ? ? 'Escherichia coli' 562 Escherichia ? ? ? 
? ? B834 ? ? ? ? ? ? ? PLASMID ? ? ? pST39 ? ? 
2 1 sample ? ? ? 
;baker's yeast
;
Saccharomyces 'VPS27, GRD11' ? ? ? ? ? ? 'Saccharomyces cerevisiae' 4932 ? ? ? ? ? ? ? ? 'Escherichia coli' 562 Escherichia ? ? ? 
? ? B834 ? ? ? ? ? ? ? PLASMID ? ? ? pST39 ? ? 
# 
loop_
_chem_comp.id 
_chem_comp.type 
_chem_comp.mon_nstd_flag 
_chem_comp.name 
_chem_comp.pdbx_synonyms 
_chem_comp.formula 
_chem_comp.formula_weight 
ALA 'L-peptide linking' y ALANINE          ? 'C3 H7 N O2'     89.093  
ARG 'L-peptide linking' y ARGININE         ? 'C6 H15 N4 O2 1' 175.209 
ASN 'L-peptide linking' y ASPARAGINE       ? 'C4 H8 N2 O3'    132.118 
ASP 'L-peptide linking' y 'ASPARTIC ACID'  ? 'C4 H7 N O4'     133.103 
GLN 'L-peptide linking' y GLUTAMINE        ? 'C5 H10 N2 O3'   146.144 
GLU 'L-peptide linking' y 'GLUTAMIC ACID'  ? 'C5 H9 N O4'     147.129 
GLY 'peptide linking'   y GLYCINE          ? 'C2 H5 N O2'     75.067  
HIS 'L-peptide linking' y HISTIDINE        ? 'C6 H10 N3 O2 1' 156.162 
HOH non-polymer         . WATER            ? 'H2 O'           18.015  
ILE 'L-peptide linking' y ISOLEUCINE       ? 'C6 H13 N O2'    131.173 
LEU 'L-peptide linking' y LEUCINE          ? 'C6 H13 N O2'    131.173 
LYS 'L-peptide linking' y LYSINE           ? 'C6 H15 N2 O2 1' 147.195 
MET 'L-peptide linking' y METHIONINE       ? 'C5 H11 N O2 S'  149.211 
MSE 'L-peptide linking' n SELENOMETHIONINE ? 'C5 H11 N O2 Se' 196.106 
PHE 'L-peptide linking' y PHENYLALANINE    ? 'C9 H11 N O2'    165.189 
PRO 'L-peptide linking' y PROLINE          ? 'C5 H9 N O2'     115.130 
SER 'L-peptide linking' y SERINE           ? 'C3 H7 N O3'     105.093 
THR 'L-peptide linking' y THREONINE        ? 'C4 H9 N O3'     119.119 
TYR 'L-peptide linking' y TYROSINE         ? 'C9 H11 N O3'    181.189 
VAL 'L-peptide linking' y VALINE           ? 'C5 H11 N O2'    117.146 
# 
loop_
_pdbx_poly_seq_scheme.asym_id 
_pdbx_poly_seq_scheme.entity_id 
_pdbx_poly_seq_scheme.seq_id 
_pdbx_poly_seq_scheme.mon_id 
_pdbx_poly_seq_scheme.ndb_seq_num 
_pdbx_poly_seq_scheme.pdb_seq_num 
_pdbx_poly_seq_scheme.auth_seq_num 
_pdbx_poly_seq_scheme.pdb_mon_id 
_pdbx_poly_seq_scheme.auth_mon_id 
_pdbx_poly_seq_scheme.pdb_strand_id 
_pdbx_poly_seq_scheme.pdb_ins_code 
_pdbx_poly_seq_scheme.hetero 
A 1 1  LYS 1  288 288 LYS LYS H . n 
A 1 2  GLU 2  289 289 GLU GLU H . n 
A 1 3  ALA 3  290 290 ALA ALA H . n 
A 1 4  ILE 4  291 291 ILE ILE H . n 
A 1 5  VAL 5  292 292 VAL VAL H . n 
A 1 6  PHE 6  293 293 PHE PHE H . n 
A 1 7  SER 7  294 294 SER SER H . n 
A 1 8  GLN 8  295 295 GLN GLN H . n 
A 1 9  LYS 9  296 296 LYS LYS H . n 
A 1 10 THR 10 297 297 THR THR H . n 
A 1 11 THR 11 298 298 THR THR H . n 
A 1 12 ILE 12 299 299 ILE ILE H . n 
A 1 13 ASP 13 300 300 ASP ASP H . n 
A 1 14 GLN 14 301 301 GLN GLN H . n 
A 1 15 LEU 15 302 302 LEU LEU H . n 
A 1 16 HIS 16 303 303 HIS HIS H . n 
A 1 17 ASN 17 304 304 ASN ASN H . n 
A 1 18 SER 18 305 305 SER SER H . n 
A 1 19 LEU 19 306 306 LEU LEU H . n 
A 1 20 ASN 20 307 307 ASN ASN H . n 
A 1 21 ALA 21 308 308 ALA ALA H . n 
A 1 22 ALA 22 309 309 ALA ALA H . n 
A 1 23 SER 23 310 310 SER SER H . n 
A 1 24 LYS 24 311 311 LYS LYS H . n 
A 1 25 THR 25 312 312 THR THR H . n 
A 1 26 GLY 26 313 313 GLY GLY H . n 
A 1 27 ASN 27 314 314 ASN ASN H . n 
A 1 28 SER 28 315 315 SER SER H . n 
A 1 29 ASN 29 316 316 ASN ASN H . n 
A 1 30 GLU 30 317 317 GLU GLU H . n 
A 1 31 VAL 31 318 318 VAL VAL H . n 
A 1 32 LEU 32 319 319 LEU LEU H . n 
A 1 33 GLN 33 320 320 GLN GLN H . n 
A 1 34 ASP 34 321 321 ASP ASP H . n 
A 1 35 PRO 35 322 322 PRO PRO H . n 
A 1 36 HIS 36 323 323 HIS HIS H . n 
A 1 37 ILE 37 324 324 ILE ILE H . n 
A 1 38 GLY 38 325 325 GLY GLY H . n 
A 1 39 ASP 39 326 326 ASP ASP H . n 
A 1 40 MSE 40 327 327 MSE MSE H . n 
A 1 41 TYR 41 328 328 TYR TYR H . n 
A 1 42 GLY 42 329 329 GLY GLY H . n 
A 1 43 SER 43 330 330 SER SER H . n 
A 1 44 VAL 44 331 331 VAL VAL H . n 
A 1 45 THR 45 332 332 THR THR H . n 
A 1 46 PRO 46 333 333 PRO PRO H . n 
A 1 47 LEU 47 334 334 LEU LEU H . n 
A 1 48 ARG 48 335 335 ARG ARG H . n 
A 1 49 PRO 49 336 336 PRO PRO H . n 
A 1 50 GLN 50 337 337 GLN GLN H . n 
A 1 51 VAL 51 338 338 VAL VAL H . n 
A 1 52 THR 52 339 339 THR THR H . n 
A 1 53 ARG 53 340 340 ARG ARG H . n 
A 1 54 MSE 54 341 341 MSE MSE H . n 
A 1 55 LEU 55 342 342 LEU LEU H . n 
A 1 56 GLY 56 343 343 GLY GLY H . n 
A 1 57 LYS 57 344 344 LYS LYS H . n 
A 1 58 TYR 58 345 345 TYR TYR H . n 
A 1 59 ALA 59 346 346 ALA ALA H . n 
A 1 60 LYS 60 347 347 LYS LYS H . n 
A 1 61 GLU 61 348 348 GLU GLU H . n 
A 1 62 LYS 62 349 349 LYS LYS H . n 
A 1 63 GLU 63 350 350 GLU GLU H . n 
A 1 64 ASP 64 351 351 ASP ASP H . n 
A 1 65 MSE 65 352 352 MSE MSE H . n 
A 1 66 LEU 66 353 353 LEU LEU H . n 
A 1 67 SER 67 354 354 SER SER H . n 
A 1 68 LEU 68 355 355 LEU LEU H . n 
A 1 69 ARG 69 356 356 ARG ARG H . n 
A 1 70 GLN 70 357 357 GLN GLN H . n 
A 1 71 VAL 71 358 358 VAL VAL H . n 
A 1 72 LEU 72 359 359 LEU LEU H . n 
A 1 73 ALA 73 360 360 ALA ALA H . n 
A 1 74 ASN 74 361 361 ASN ASN H . n 
A 1 75 ALA 75 362 362 ALA ALA H . n 
A 1 76 GLU 76 363 363 GLU GLU H . n 
A 1 77 ARG 77 364 364 ARG ARG H . n 
A 1 78 SER 78 365 365 SER SER H . n 
A 1 79 TYR 79 366 366 TYR TYR H . n 
A 1 80 ASN 80 367 367 ASN ASN H . n 
A 1 81 GLN 81 368 368 GLN GLN H . n 
A 1 82 LEU 82 369 369 LEU LEU H . n 
A 1 83 MSE 83 370 370 MSE MSE H . n 
A 1 84 ASP 84 371 371 ASP ASP H . n 
A 1 85 ARG 85 372 372 ARG ARG H . n 
A 1 86 ALA 86 373 373 ALA ALA H . n 
A 1 87 ALA 87 374 374 ALA ALA H . n 
A 1 88 ASN 88 375 375 ASN ASN H . n 
B 2 1  VAL 1  348 348 VAL VAL V . n 
B 2 2  ASP 2  349 349 ASP ASP V . n 
B 2 3  LEU 3  350 350 LEU LEU V . n 
B 2 4  SER 4  351 351 SER SER V . n 
B 2 5  ASP 5  352 352 ASP ASP V . n 
B 2 6  GLU 6  353 353 GLU GLU V . n 
B 2 7  GLU 7  354 354 GLU GLU V . n 
B 2 8  LYS 8  355 355 LYS LYS V . n 
B 2 9  ASP 9  356 356 ASP ASP V . n 
B 2 10 SER 10 357 357 SER SER V . n 
B 2 11 ILE 11 358 358 ILE ILE V . n 
B 2 12 TYR 12 359 359 TYR TYR V . n 
B 2 13 MSE 13 360 360 MSE MSE V . n 
B 2 14 PHE 14 361 361 PHE PHE V . n 
B 2 15 ALA 15 362 362 ALA ALA V . n 
B 2 16 SER 16 363 363 SER SER V . n 
B 2 17 LEU 17 364 364 LEU LEU V . n 
B 2 18 VAL 18 365 365 VAL VAL V . n 
B 2 19 GLU 19 366 366 GLU GLU V . n 
B 2 20 LYS 20 367 367 LYS LYS V . n 
B 2 21 MSE 21 368 368 MSE MSE V . n 
B 2 22 LYS 22 369 369 LYS LYS V . n 
B 2 23 SER 23 370 370 SER SER V . n 
B 2 24 ARG 24 371 371 ARG ARG V . n 
B 2 25 PRO 25 372 372 PRO PRO V . n 
B 2 26 LEU 26 373 373 LEU LEU V . n 
B 2 27 ASN 27 374 374 ASN ASN V . n 
B 2 28 GLU 28 375 375 GLU GLU V . n 
B 2 29 ILE 29 376 376 ILE ILE V . n 
B 2 30 LEU 30 377 377 LEU LEU V . n 
B 2 31 GLU 31 378 378 GLU GLU V . n 
B 2 32 ASP 32 379 379 ASP ASP V . n 
B 2 33 SER 33 380 380 SER SER V . n 
B 2 34 LYS 34 381 381 LYS LYS V . n 
B 2 35 LEU 35 382 382 LEU LEU V . n 
B 2 36 GLN 36 383 383 GLN GLN V . n 
B 2 37 ASN 37 384 384 ASN ASN V . n 
B 2 38 LEU 38 385 385 LEU LEU V . n 
B 2 39 ALA 39 386 386 ALA ALA V . n 
B 2 40 GLN 40 387 387 GLN GLN V . n 
B 2 41 ARG 41 388 388 ARG ARG V . n 
B 2 42 VAL 42 389 389 VAL VAL V . n 
B 2 43 PHE 43 390 390 PHE PHE V . n 
B 2 44 ALA 44 391 391 ALA ALA V . n 
B 2 45 SER 45 392 392 SER SER V . n 
B 2 46 LYS 46 393 393 LYS LYS V . n 
B 2 47 ALA 47 394 394 ALA ALA V . n 
B 2 48 ARG 48 395 395 ARG ARG V . n 
B 2 49 LEU 49 396 396 LEU LEU V . n 
B 2 50 ASN 50 397 397 ASN ASN V . n 
B 2 51 TYR 51 398 398 TYR TYR V . n 
B 2 52 ALA 52 399 399 ALA ALA V . n 
B 2 53 LEU 53 400 400 LEU LEU V . n 
B 2 54 ASN 54 401 401 ASN ASN V . n 
B 2 55 ASP 55 402 402 ASP ASP V . n 
B 2 56 LYS 56 403 403 LYS LYS V . n 
B 2 57 ALA 57 404 404 ALA ALA V . n 
B 2 58 GLN 58 405 405 GLN GLN V . n 
B 2 59 LYS 59 406 406 LYS LYS V . n 
B 2 60 TYR 60 407 407 TYR TYR V . n 
B 2 61 ASN 61 408 408 ASN ASN V . n 
B 2 62 THR 62 409 409 THR THR V . n 
B 2 63 LEU 63 410 410 LEU LEU V . n 
B 2 64 ILE 64 411 411 ILE ILE V . n 
B 2 65 GLU 65 412 412 GLU GLU V . n 
B 2 66 MSE 66 413 413 MSE MSE V . n 
B 2 67 ASN 67 414 414 ASN ASN V . n 
B 2 68 GLY 68 415 415 GLY GLY V . n 
B 2 69 LYS 69 416 416 LYS LYS V . n 
B 2 70 ILE 70 417 417 ILE ILE V . n 
B 2 71 SER 71 418 418 SER SER V . n 
B 2 72 GLU 72 419 419 GLU GLU V . n 
B 2 73 ILE 73 420 420 ILE ILE V . n 
B 2 74 MSE 74 421 421 MSE MSE V . n 
B 2 75 ASN 75 422 422 ASN ASN V . n 
B 2 76 ILE 76 423 423 ILE ILE V . n 
B 2 77 TYR 77 424 424 TYR TYR V . n 
B 2 78 ASP 78 425 425 ASP ASP V . n 
B 2 79 ARG 79 426 426 ARG ARG V . n 
B 2 80 LEU 80 427 427 LEU LEU V . n 
B 2 81 LEU 81 428 428 LEU LEU V . n 
B 2 82 GLU 82 429 429 GLU GLU V . n 
B 2 83 GLN 83 430 430 GLN GLN V . n 
B 2 84 GLN 84 431 431 GLN GLN V . n 
B 2 85 LEU 85 432 432 LEU LEU V . n 
B 2 86 GLN 86 433 433 GLN GLN V . n 
B 2 87 SER 87 434 434 SER SER V . n 
B 2 88 ILE 88 435 435 ILE ILE V . n 
B 2 89 ASN 89 436 436 ASN ASN V . n 
B 2 90 LEU 90 437 437 LEU LEU V . n 
B 2 91 SER 91 438 438 SER SER V . n 
# 
loop_
_pdbx_nonpoly_scheme.asym_id 
_pdbx_nonpoly_scheme.entity_id 
_pdbx_nonpoly_scheme.mon_id 
_pdbx_nonpoly_scheme.ndb_seq_num 
_pdbx_nonpoly_scheme.pdb_seq_num 
_pdbx_nonpoly_scheme.auth_seq_num 
_pdbx_nonpoly_scheme.pdb_mon_id 
_pdbx_nonpoly_scheme.auth_mon_id 
_pdbx_nonpoly_scheme.pdb_strand_id 
_pdbx_nonpoly_scheme.pdb_ins_code 
C 3 HOH 1  4  4  HOH HOH H . 
C 3 HOH 2  5  5  HOH HOH H . 
C 3 HOH 3  7  7  HOH HOH H . 
C 3 HOH 4  9  9  HOH HOH H . 
C 3 HOH 5  12 12 HOH HOH H . 
C 3 HOH 6  13 13 HOH HOH H . 
C 3 HOH 7  14 14 HOH HOH H . 
C 3 HOH 8  15 15 HOH HOH H . 
C 3 HOH 9  18 18 HOH HOH H . 
C 3 HOH 10 21 21 HOH HOH H . 
C 3 HOH 11 22 22 HOH HOH H . 
C 3 HOH 12 24 24 HOH HOH H . 
C 3 HOH 13 25 25 HOH HOH H . 
C 3 HOH 14 29 29 HOH HOH H . 
D 3 HOH 1  1  1  HOH HOH V . 
D 3 HOH 2  2  2  HOH HOH V . 
D 3 HOH 3  3  3  HOH HOH V . 
D 3 HOH 4  6  6  HOH HOH V . 
D 3 HOH 5  8  8  HOH HOH V . 
D 3 HOH 6  10 10 HOH HOH V . 
D 3 HOH 7  11 11 HOH HOH V . 
D 3 HOH 8  16 16 HOH HOH V . 
D 3 HOH 9  17 17 HOH HOH V . 
D 3 HOH 10 19 19 HOH HOH V . 
D 3 HOH 11 20 20 HOH HOH V . 
D 3 HOH 12 23 23 HOH HOH V . 
D 3 HOH 13 26 26 HOH HOH V . 
D 3 HOH 14 27 27 HOH HOH V . 
D 3 HOH 15 28 28 HOH HOH V . 
# 
loop_
_software.name 
_software.classification 
_software.version 
_software.citation_id 
_software.pdbx_ordinal 
CNS      refinement        1.1 ? 1 
HKL-2000 'data collection' .   ? 2 
DENZO    'data reduction'  .   ? 3 
HKL-2000 'data scaling'    .   ? 4 
SnB      phasing           .   ? 5 
# 
_cell.entry_id           2PJW 
_cell.length_a           62.400 
_cell.length_b           62.400 
_cell.length_c           94.560 
_cell.angle_alpha        90.00 
_cell.angle_beta         90.00 
_cell.angle_gamma        120.00 
_cell.Z_PDB              6 
_cell.pdbx_unique_axis   ? 
_cell.length_a_esd       ? 
_cell.length_b_esd       ? 
_cell.length_c_esd       ? 
_cell.angle_alpha_esd    ? 
_cell.angle_beta_esd     ? 
_cell.angle_gamma_esd    ? 
# 
_symmetry.entry_id                         2PJW 
_symmetry.space_group_name_H-M             'P 32 2 1' 
_symmetry.pdbx_full_space_group_name_H-M   ? 
_symmetry.cell_setting                     ? 
_symmetry.Int_Tables_number                154 
_symmetry.space_group_name_Hall            ? 
# 
_exptl.entry_id          2PJW 
_exptl.method            'X-RAY DIFFRACTION' 
_exptl.crystals_number   1 
# 
_exptl_crystal.id                    1 
_exptl_crystal.density_meas          ? 
_exptl_crystal.density_Matthews      2.32 
_exptl_crystal.density_percent_sol   46.91 
_exptl_crystal.description           'The structure factor file contains Friedel pairs.' 
_exptl_crystal.F_000                 ? 
_exptl_crystal.preparation           ? 
# 
_exptl_crystal_grow.crystal_id      1 
_exptl_crystal_grow.method          'VAPOR DIFFUSION, SITTING DROP' 
_exptl_crystal_grow.temp            288 
_exptl_crystal_grow.temp_details    ? 
_exptl_crystal_grow.pH              8.85 
_exptl_crystal_grow.pdbx_details    
;1.1-1.4 M ammonium sulfate, 0.1 M Tris-HCl. Then micro-seeding into 1.25 M ammonium sulfate, 0.1 M Tris-HCl, pH 8.85, VAPOR DIFFUSION, SITTING DROP, temperature 288K
;
_exptl_crystal_grow.pdbx_pH_range   . 
# 
_diffrn.id                     1 
_diffrn.ambient_temp           95 
_diffrn.ambient_temp_details   ? 
_diffrn.crystal_id             1 
# 
_diffrn_detector.diffrn_id              1 
_diffrn_detector.detector               CCD 
_diffrn_detector.type                   ? 
_diffrn_detector.pdbx_collection_date   2006-07-12 
_diffrn_detector.details                ? 
# 
_diffrn_radiation.diffrn_id                        1 
_diffrn_radiation.wavelength_id                    1 
_diffrn_radiation.pdbx_monochromatic_or_laue_m_l   M 
_diffrn_radiation.monochromator                    ? 
_diffrn_radiation.pdbx_diffrn_protocol             MAD 
_diffrn_radiation.pdbx_scattering_type             x-ray 
# 
loop_
_diffrn_radiation_wavelength.id 
_diffrn_radiation_wavelength.wavelength 
_diffrn_radiation_wavelength.wt 
1 0.979493 1.0 
2 0.972425 1.0 
# 
_diffrn_source.diffrn_id                   1 
_diffrn_source.source                      SYNCHROTRON 
_diffrn_source.type                        'APS BEAMLINE 22-ID' 
_diffrn_source.pdbx_synchrotron_site       APS 
_diffrn_source.pdbx_synchrotron_beamline   22-ID 
_diffrn_source.pdbx_wavelength             ? 
_diffrn_source.pdbx_wavelength_list        '0.979493, 0.972425' 
# 
_reflns.entry_id                     2PJW 
_reflns.observed_criterion_sigma_I   ? 
_reflns.observed_criterion_sigma_F   ? 
_reflns.d_resolution_low             46.92 
_reflns.d_resolution_high            3.01 
_reflns.number_obs                   7506 
_reflns.number_all                   ? 
_reflns.percent_possible_obs         ? 
_reflns.pdbx_Rmerge_I_obs            ? 
_reflns.pdbx_Rsym_value              0.052 
_reflns.pdbx_netI_over_sigmaI        18.1 
_reflns.B_iso_Wilson_estimate        ? 
_reflns.pdbx_redundancy              4.1 
_reflns.R_free_details               ? 
_reflns.limit_h_max                  ? 
_reflns.limit_h_min                  ? 
_reflns.limit_k_max                  ? 
_reflns.limit_k_min                  ? 
_reflns.limit_l_max                  ? 
_reflns.limit_l_min                  ? 
_reflns.observed_criterion_F_max     ? 
_reflns.observed_criterion_F_min     ? 
_reflns.pdbx_chi_squared             ? 
_reflns.pdbx_scaling_rejects         ? 
_reflns.pdbx_diffrn_id               1 
_reflns.pdbx_ordinal                 1 
# 
_reflns_shell.d_res_high             3.01 
_reflns_shell.d_res_low              3.14 
_reflns_shell.percent_possible_all   ? 
_reflns_shell.Rmerge_I_obs           ? 
_reflns_shell.pdbx_Rsym_value        ? 
_reflns_shell.meanI_over_sigI_obs    ? 
_reflns_shell.pdbx_redundancy        ? 
_reflns_shell.percent_possible_obs   ? 
_reflns_shell.number_unique_all      ? 
_reflns_shell.number_measured_all    ? 
_reflns_shell.number_measured_obs    ? 
_reflns_shell.number_unique_obs      ? 
_reflns_shell.pdbx_chi_squared       ? 
_reflns_shell.pdbx_diffrn_id         ? 
_reflns_shell.pdbx_ordinal           1 
# 
_refine.entry_id                                 2PJW 
_refine.ls_number_reflns_obs                     7506 
_refine.ls_number_reflns_all                     ? 
_refine.pdbx_ls_sigma_I                          ? 
_refine.pdbx_ls_sigma_F                          0.0 
_refine.pdbx_data_cutoff_high_absF               276902.72 
_refine.pdbx_data_cutoff_low_absF                0.000000 
_refine.pdbx_data_cutoff_high_rms_absF           ? 
_refine.ls_d_res_low                             46.92 
_refine.ls_d_res_high                            3.01 
_refine.ls_percent_reflns_obs                    91.9 
_refine.ls_R_factor_obs                          0.222 
_refine.ls_R_factor_all                          ? 
_refine.ls_R_factor_R_work                       0.222 
_refine.ls_R_factor_R_free                       0.285 
_refine.ls_R_factor_R_free_error                 0.015 
_refine.ls_R_factor_R_free_error_details         ? 
_refine.ls_percent_reflns_R_free                 5.1 
_refine.ls_number_reflns_R_free                  381 
_refine.ls_number_parameters                     ? 
_refine.ls_number_restraints                     ? 
_refine.occupancy_min                            ? 
_refine.occupancy_max                            ? 
_refine.correlation_coeff_Fo_to_Fc               ? 
_refine.correlation_coeff_Fo_to_Fc_free          ? 
_refine.B_iso_mean                               70.7 
_refine.aniso_B[1][1]                            14.90 
_refine.aniso_B[2][2]                            14.90 
_refine.aniso_B[3][3]                            -29.79 
_refine.aniso_B[1][2]                            13.81 
_refine.aniso_B[1][3]                            0.00 
_refine.aniso_B[2][3]                            0.00 
_refine.solvent_model_details                    'FLAT MODEL' 
_refine.solvent_model_param_ksol                 0.370494 
_refine.solvent_model_param_bsol                 69.289 
_refine.pdbx_solvent_vdw_probe_radii             ? 
_refine.pdbx_solvent_ion_probe_radii             ? 
_refine.pdbx_solvent_shrinkage_radii             ? 
_refine.pdbx_ls_cross_valid_method               THROUGHOUT 
_refine.details                                  'BULK SOLVENT MODEL USED. The Friedel pairs were used for phasing.' 
_refine.pdbx_starting_model                      ? 
_refine.pdbx_method_to_determine_struct          'TWO WAVELENGTH MAD' 
_refine.pdbx_isotropic_thermal_model             RESTRAINED 
_refine.pdbx_stereochemistry_target_values       'Engh & Huber' 
_refine.pdbx_stereochem_target_val_spec_case     ? 
_refine.pdbx_R_Free_selection_details            RANDOM 
_refine.pdbx_overall_ESU_R                       ? 
_refine.pdbx_overall_ESU_R_Free                  ? 
_refine.overall_SU_ML                            ? 
_refine.overall_SU_B                             ? 
_refine.ls_redundancy_reflns_obs                 ? 
_refine.B_iso_min                                ? 
_refine.B_iso_max                                ? 
_refine.overall_SU_R_Cruickshank_DPI             ? 
_refine.overall_SU_R_free                        ? 
_refine.ls_wR_factor_R_free                      ? 
_refine.ls_wR_factor_R_work                      ? 
_refine.overall_FOM_free_R_set                   ? 
_refine.overall_FOM_work_R_set                   ? 
_refine.pdbx_refine_id                           'X-RAY DIFFRACTION' 
_refine.pdbx_diffrn_id                           1 
_refine.pdbx_TLS_residual_ADP_flag               ? 
_refine.pdbx_overall_phase_error                 ? 
_refine.pdbx_overall_SU_R_free_Cruickshank_DPI   ? 
_refine.pdbx_overall_SU_R_Blow_DPI               ? 
_refine.pdbx_overall_SU_R_free_Blow_DPI          ? 
# 
_refine_analyze.entry_id                        2PJW 
_refine_analyze.Luzzati_coordinate_error_obs    0.39 
_refine_analyze.Luzzati_sigma_a_obs             0.65 
_refine_analyze.Luzzati_d_res_low_obs           5.00 
_refine_analyze.Luzzati_coordinate_error_free   0.59 
_refine_analyze.Luzzati_sigma_a_free            0.69 
_refine_analyze.Luzzati_d_res_low_free          ? 
_refine_analyze.number_disordered_residues      ? 
_refine_analyze.occupancy_sum_hydrogen          ? 
_refine_analyze.occupancy_sum_non_hydrogen      ? 
_refine_analyze.pdbx_Luzzati_d_res_high_obs     ? 
_refine_analyze.pdbx_refine_id                  'X-RAY DIFFRACTION' 
# 
_refine_hist.pdbx_refine_id                   'X-RAY DIFFRACTION' 
_refine_hist.cycle_id                         LAST 
_refine_hist.pdbx_number_atoms_protein        1429 
_refine_hist.pdbx_number_atoms_nucleic_acid   0 
_refine_hist.pdbx_number_atoms_ligand         0 
_refine_hist.number_atoms_solvent             29 
_refine_hist.number_atoms_total               1458 
_refine_hist.d_res_high                       3.01 
_refine_hist.d_res_low                        46.92 
# 
loop_
_refine_ls_restr.type 
_refine_ls_restr.dev_ideal 
_refine_ls_restr.dev_ideal_target 
_refine_ls_restr.weight 
_refine_ls_restr.number 
_refine_ls_restr.pdbx_refine_id 
_refine_ls_restr.pdbx_restraint_function 
c_bond_d                0.007 ? ? ? 'X-RAY DIFFRACTION' ? 
c_bond_d_na             ?     ? ? ? 'X-RAY DIFFRACTION' ? 
c_bond_d_prot           ?     ? ? ? 'X-RAY DIFFRACTION' ? 
c_angle_d               ?     ? ? ? 'X-RAY DIFFRACTION' ? 
c_angle_d_na            ?     ? ? ? 'X-RAY DIFFRACTION' ? 
c_angle_d_prot          ?     ? ? ? 'X-RAY DIFFRACTION' ? 
c_angle_deg             1.2   ? ? ? 'X-RAY DIFFRACTION' ? 
c_angle_deg_na          ?     ? ? ? 'X-RAY DIFFRACTION' ? 
c_angle_deg_prot        ?     ? ? ? 'X-RAY DIFFRACTION' ? 
c_dihedral_angle_d      16.9  ? ? ? 'X-RAY DIFFRACTION' ? 
c_dihedral_angle_d_na   ?     ? ? ? 'X-RAY DIFFRACTION' ? 
c_dihedral_angle_d_prot ?     ? ? ? 'X-RAY DIFFRACTION' ? 
c_improper_angle_d      0.79  ? ? ? 'X-RAY DIFFRACTION' ? 
c_improper_angle_d_na   ?     ? ? ? 'X-RAY DIFFRACTION' ? 
c_improper_angle_d_prot ?     ? ? ? 'X-RAY DIFFRACTION' ? 
c_mcbond_it             ?     ? ? ? 'X-RAY DIFFRACTION' ? 
c_mcangle_it            ?     ? ? ? 'X-RAY DIFFRACTION' ? 
c_scbond_it             ?     ? ? ? 'X-RAY DIFFRACTION' ? 
c_scangle_it            ?     ? ? ? 'X-RAY DIFFRACTION' ? 
# 
_refine_ls_shell.pdbx_total_number_of_bins_used   6 
_refine_ls_shell.d_res_high                       3.00 
_refine_ls_shell.d_res_low                        3.19 
_refine_ls_shell.number_reflns_R_work             831 
_refine_ls_shell.R_factor_R_work                  0.4 
_refine_ls_shell.percent_reflns_obs               64.2 
_refine_ls_shell.R_factor_R_free                  0.387 
_refine_ls_shell.R_factor_R_free_error            0.062 
_refine_ls_shell.percent_reflns_R_free            4.5 
_refine_ls_shell.number_reflns_R_free             39 
_refine_ls_shell.number_reflns_all                ? 
_refine_ls_shell.R_factor_all                     ? 
_refine_ls_shell.number_reflns_obs                ? 
_refine_ls_shell.redundancy_reflns_obs            ? 
_refine_ls_shell.pdbx_refine_id                   'X-RAY DIFFRACTION' 
# 
_struct.entry_id                  2PJW 
_struct.title                     'The Vps27/Hse1 complex is a GAT domain-based scaffold for ubiquitin-dependent sorting' 
_struct.pdbx_model_details        ? 
_struct.pdbx_CASP_flag            ? 
_struct.pdbx_model_type_details   ? 
# 
_struct_keywords.entry_id        2PJW 
_struct_keywords.pdbx_keywords   ENDOCYTOSIS/EXOCYTOSIS 
_struct_keywords.text            'GAT domain, Core complex, Doamin Swap, ENDOCYTOSIS-EXOCYTOSIS COMPLEX' 
# 
loop_
_struct_asym.id 
_struct_asym.pdbx_blank_PDB_chainid_flag 
_struct_asym.pdbx_modified 
_struct_asym.entity_id 
_struct_asym.details 
A N N 1 ? 
B N N 2 ? 
C N N 3 ? 
D N N 3 ? 
# 
loop_
_struct_ref.id 
_struct_ref.db_name 
_struct_ref.db_code 
_struct_ref.pdbx_db_accession 
_struct_ref.entity_id 
_struct_ref.pdbx_seq_one_letter_code 
_struct_ref.pdbx_align_begin 
_struct_ref.pdbx_db_isoform 
1 UNP YHA2_YEAST  P38753 1 
;KEAIVFSQKTTIDQLHNSLNAASKTGNSNEVLQDPHIGDMYGSVTPLRPQVTRMLGKYAKEKEDMLSLRQVLANAERSYN
QLMDRAAN
;
288 ? 
2 UNP VPS27_YEAST P40343 2 
;VDLSDEEKDSIYMFASLVEKMKSRPLNEILEDSKLQNLAQRVFASKARLNYALNDKAQKYNTLIEMNGKISEIMNIYDRL
LEQQLQSINLS
;
348 ? 
# 
loop_
_struct_ref_seq.align_id 
_struct_ref_seq.ref_id 
_struct_ref_seq.pdbx_PDB_id_code 
_struct_ref_seq.pdbx_strand_id 
_struct_ref_seq.seq_align_beg 
_struct_ref_seq.pdbx_seq_align_beg_ins_code 
_struct_ref_seq.seq_align_end 
_struct_ref_seq.pdbx_seq_align_end_ins_code 
_struct_ref_seq.pdbx_db_accession 
_struct_ref_seq.db_align_beg 
_struct_ref_seq.pdbx_db_align_beg_ins_code 
_struct_ref_seq.db_align_end 
_struct_ref_seq.pdbx_db_align_end_ins_code 
_struct_ref_seq.pdbx_auth_seq_align_beg 
_struct_ref_seq.pdbx_auth_seq_align_end 
1 1 2PJW H 1 ? 88 ? P38753 288 ? 375 ? 288 375 
2 2 2PJW V 1 ? 91 ? P40343 348 ? 438 ? 348 438 
# 
loop_
_struct_ref_seq_dif.align_id 
_struct_ref_seq_dif.pdbx_pdb_id_code 
_struct_ref_seq_dif.mon_id 
_struct_ref_seq_dif.pdbx_pdb_strand_id 
_struct_ref_seq_dif.seq_num 
_struct_ref_seq_dif.pdbx_pdb_ins_code 
_struct_ref_seq_dif.pdbx_seq_db_name 
_struct_ref_seq_dif.pdbx_seq_db_accession_code 
_struct_ref_seq_dif.db_mon_id 
_struct_ref_seq_dif.pdbx_seq_db_seq_num 
_struct_ref_seq_dif.details 
_struct_ref_seq_dif.pdbx_auth_seq_num 
_struct_ref_seq_dif.pdbx_ordinal 
1 2PJW MSE H 40 ? UNP P38753 MET 327 'modified residue' 327 1 
1 2PJW MSE H 54 ? UNP P38753 MET 341 'modified residue' 341 2 
1 2PJW MSE H 65 ? UNP P38753 MET 352 'modified residue' 352 3 
1 2PJW MSE H 83 ? UNP P38753 MET 370 'modified residue' 370 4 
2 2PJW MSE V 13 ? UNP P40343 MET 360 'modified residue' 360 5 
2 2PJW MSE V 21 ? UNP P40343 MET 368 'modified residue' 368 6 
2 2PJW MSE V 66 ? UNP P40343 MET 413 'modified residue' 413 7 
2 2PJW MSE V 74 ? UNP P40343 MET 421 'modified residue' 421 8 
# 
loop_
_pdbx_struct_assembly.id 
_pdbx_struct_assembly.details 
_pdbx_struct_assembly.method_details 
_pdbx_struct_assembly.oligomeric_details 
_pdbx_struct_assembly.oligomeric_count 
1 author_and_software_defined_assembly PISA dimeric    2 
2 software_defined_assembly            PISA tetrameric 4 
# 
loop_
_pdbx_struct_assembly_prop.biol_id 
_pdbx_struct_assembly_prop.type 
_pdbx_struct_assembly_prop.value 
_pdbx_struct_assembly_prop.details 
1 'ABSA (A^2)' 4220  ? 
1 MORE         -39   ? 
1 'SSA (A^2)'  10730 ? 
2 'ABSA (A^2)' 10700 ? 
2 MORE         -98   ? 
2 'SSA (A^2)'  19180 ? 
# 
loop_
_pdbx_struct_assembly_gen.assembly_id 
_pdbx_struct_assembly_gen.oper_expression 
_pdbx_struct_assembly_gen.asym_id_list 
1 1   A,B,C,D 
2 1,2 A,B,C,D 
# 
loop_
_pdbx_struct_oper_list.id 
_pdbx_struct_oper_list.type 
_pdbx_struct_oper_list.name 
_pdbx_struct_oper_list.symmetry_operation 
_pdbx_struct_oper_list.matrix[1][1] 
_pdbx_struct_oper_list.matrix[1][2] 
_pdbx_struct_oper_list.matrix[1][3] 
_pdbx_struct_oper_list.vector[1] 
_pdbx_struct_oper_list.matrix[2][1] 
_pdbx_struct_oper_list.matrix[2][2] 
_pdbx_struct_oper_list.matrix[2][3] 
_pdbx_struct_oper_list.vector[2] 
_pdbx_struct_oper_list.matrix[3][1] 
_pdbx_struct_oper_list.matrix[3][2] 
_pdbx_struct_oper_list.matrix[3][3] 
_pdbx_struct_oper_list.vector[3] 
1 'identity operation'         1_555 x,y,z         1.0000000000 0.0000000000  0.0000000000  0.0000000000 0.0000000000  1.0000000000  0.0000000000 0.0000000000   0.0000000000  0.0000000000 1.0000000000  0.0000000000  
2 'crystal symmetry operation' 5_555 x-y,-y,-z+1/3 0.9712474456 -0.2060725094 -0.1192162750 0.9348174929 -0.2060725094 -0.9784573574 0.0124627667 -16.2498056635 -0.1192162750 0.0124627667 -0.9927900882 43.5460244646 
# 
_struct_biol.id        1 
_struct_biol.details   ? 
# 
loop_
_struct_conf.conf_type_id 
_struct_conf.id 
_struct_conf.pdbx_PDB_helix_id 
_struct_conf.beg_label_comp_id 
_struct_conf.beg_label_asym_id 
_struct_conf.beg_label_seq_id 
_struct_conf.pdbx_beg_PDB_ins_code 
_struct_conf.end_label_comp_id 
_struct_conf.end_label_asym_id 
_struct_conf.end_label_seq_id 
_struct_conf.pdbx_end_PDB_ins_code 
_struct_conf.beg_auth_comp_id 
_struct_conf.beg_auth_asym_id 
_struct_conf.beg_auth_seq_id 
_struct_conf.end_auth_comp_id 
_struct_conf.end_auth_asym_id 
_struct_conf.end_auth_seq_id 
_struct_conf.pdbx_PDB_helix_class 
_struct_conf.details 
_struct_conf.pdbx_PDB_helix_length 
HELX_P HELX_P1 1 GLU A 2  ? SER A 23 ? GLU H 289 SER H 310 1 ? 22 
HELX_P HELX_P2 2 ASN A 29 ? LEU A 32 ? ASN H 316 LEU H 319 1 ? 4  
HELX_P HELX_P3 3 PRO A 35 ? ASP A 84 ? PRO H 322 ASP H 371 1 ? 50 
HELX_P HELX_P4 4 ASP B 5  ? GLU B 19 ? ASP V 352 GLU V 366 1 ? 15 
HELX_P HELX_P5 5 ASN B 27 ? GLU B 31 ? ASN V 374 GLU V 378 1 ? 5  
HELX_P HELX_P6 6 LYS B 34 ? ASN B 89 ? LYS V 381 ASN V 436 1 ? 56 
# 
_struct_conf_type.id          HELX_P 
_struct_conf_type.criteria    ? 
_struct_conf_type.reference   ? 
# 
loop_
_struct_conn.id 
_struct_conn.conn_type_id 
_struct_conn.pdbx_leaving_atom_flag 
_struct_conn.pdbx_PDB_id 
_struct_conn.ptnr1_label_asym_id 
_struct_conn.ptnr1_label_comp_id 
_struct_conn.ptnr1_label_seq_id 
_struct_conn.ptnr1_label_atom_id 
_struct_conn.pdbx_ptnr1_label_alt_id 
_struct_conn.pdbx_ptnr1_PDB_ins_code 
_struct_conn.pdbx_ptnr1_standard_comp_id 
_struct_conn.ptnr1_symmetry 
_struct_conn.ptnr2_label_asym_id 
_struct_conn.ptnr2_label_comp_id 
_struct_conn.ptnr2_label_seq_id 
_struct_conn.ptnr2_label_atom_id 
_struct_conn.pdbx_ptnr2_label_alt_id 
_struct_conn.pdbx_ptnr2_PDB_ins_code 
_struct_conn.ptnr1_auth_asym_id 
_struct_conn.ptnr1_auth_comp_id 
_struct_conn.ptnr1_auth_seq_id 
_struct_conn.ptnr2_auth_asym_id 
_struct_conn.ptnr2_auth_comp_id 
_struct_conn.ptnr2_auth_seq_id 
_struct_conn.ptnr2_symmetry 
_struct_conn.pdbx_ptnr3_label_atom_id 
_struct_conn.pdbx_ptnr3_label_seq_id 
_struct_conn.pdbx_ptnr3_label_comp_id 
_struct_conn.pdbx_ptnr3_label_asym_id 
_struct_conn.pdbx_ptnr3_label_alt_id 
_struct_conn.pdbx_ptnr3_PDB_ins_code 
_struct_conn.details 
_struct_conn.pdbx_dist_value 
_struct_conn.pdbx_value_order 
_struct_conn.pdbx_role 
covale1  covale both ? A ASP 39 C ? ? ? 1_555 A MSE 40 N ? ? H ASP 326 H MSE 327 1_555 ? ? ? ? ? ? ? 1.329 ? ? 
covale2  covale both ? A MSE 40 C ? ? ? 1_555 A TYR 41 N ? ? H MSE 327 H TYR 328 1_555 ? ? ? ? ? ? ? 1.325 ? ? 
covale3  covale both ? A ARG 53 C ? ? ? 1_555 A MSE 54 N ? ? H ARG 340 H MSE 341 1_555 ? ? ? ? ? ? ? 1.329 ? ? 
covale4  covale both ? A MSE 54 C ? ? ? 1_555 A LEU 55 N ? ? H MSE 341 H LEU 342 1_555 ? ? ? ? ? ? ? 1.328 ? ? 
covale5  covale both ? A ASP 64 C ? ? ? 1_555 A MSE 65 N ? ? H ASP 351 H MSE 352 1_555 ? ? ? ? ? ? ? 1.324 ? ? 
covale6  covale both ? A MSE 65 C ? ? ? 1_555 A LEU 66 N ? ? H MSE 352 H LEU 353 1_555 ? ? ? ? ? ? ? 1.332 ? ? 
covale7  covale both ? A LEU 82 C ? ? ? 1_555 A MSE 83 N ? ? H LEU 369 H MSE 370 1_555 ? ? ? ? ? ? ? 1.328 ? ? 
covale8  covale both ? A MSE 83 C ? ? ? 1_555 A ASP 84 N ? ? H MSE 370 H ASP 371 1_555 ? ? ? ? ? ? ? 1.328 ? ? 
covale9  covale both ? B TYR 12 C ? ? ? 1_555 B MSE 13 N ? ? V TYR 359 V MSE 360 1_555 ? ? ? ? ? ? ? 1.327 ? ? 
covale10 covale both ? B MSE 13 C ? ? ? 1_555 B PHE 14 N ? ? V MSE 360 V PHE 361 1_555 ? ? ? ? ? ? ? 1.333 ? ? 
covale11 covale both ? B LYS 20 C ? ? ? 1_555 B MSE 21 N ? ? V LYS 367 V MSE 368 1_555 ? ? ? ? ? ? ? 1.330 ? ? 
covale12 covale both ? B MSE 21 C ? ? ? 1_555 B LYS 22 N ? ? V MSE 368 V LYS 369 1_555 ? ? ? ? ? ? ? 1.325 ? ? 
covale13 covale both ? B GLU 65 C ? ? ? 1_555 B MSE 66 N ? ? V GLU 412 V MSE 413 1_555 ? ? ? ? ? ? ? 1.326 ? ? 
covale14 covale both ? B MSE 66 C ? ? ? 1_555 B ASN 67 N ? ? V MSE 413 V ASN 414 1_555 ? ? ? ? ? ? ? 1.320 ? ? 
covale15 covale both ? B ILE 73 C ? ? ? 1_555 B MSE 74 N ? ? V ILE 420 V MSE 421 1_555 ? ? ? ? ? ? ? 1.324 ? ? 
covale16 covale both ? B MSE 74 C ? ? ? 1_555 B ASN 75 N ? ? V MSE 421 V ASN 422 1_555 ? ? ? ? ? ? ? 1.323 ? ? 
# 
_struct_conn_type.id          covale 
_struct_conn_type.criteria    ? 
_struct_conn_type.reference   ? 
# 
loop_
_pdbx_modification_feature.ordinal 
_pdbx_modification_feature.label_comp_id 
_pdbx_modification_feature.label_asym_id 
_pdbx_modification_feature.label_seq_id 
_pdbx_modification_feature.label_alt_id 
_pdbx_modification_feature.modified_residue_label_comp_id 
_pdbx_modification_feature.modified_residue_label_asym_id 
_pdbx_modification_feature.modified_residue_label_seq_id 
_pdbx_modification_feature.modified_residue_label_alt_id 
_pdbx_modification_feature.auth_comp_id 
_pdbx_modification_feature.auth_asym_id 
_pdbx_modification_feature.auth_seq_id 
_pdbx_modification_feature.PDB_ins_code 
_pdbx_modification_feature.symmetry 
_pdbx_modification_feature.modified_residue_auth_comp_id 
_pdbx_modification_feature.modified_residue_auth_asym_id 
_pdbx_modification_feature.modified_residue_auth_seq_id 
_pdbx_modification_feature.modified_residue_PDB_ins_code 
_pdbx_modification_feature.modified_residue_symmetry 
_pdbx_modification_feature.comp_id_linking_atom 
_pdbx_modification_feature.modified_residue_id_linking_atom 
_pdbx_modification_feature.modified_residue_id 
_pdbx_modification_feature.ref_pcm_id 
_pdbx_modification_feature.ref_comp_id 
_pdbx_modification_feature.type 
_pdbx_modification_feature.category 
1 MSE A 40 ? . . . . MSE H 327 ? 1_555 . . . . . . . MET 1 MSE Selenomethionine 'Named protein modification' 
2 MSE A 54 ? . . . . MSE H 341 ? 1_555 . . . . . . . MET 1 MSE Selenomethionine 'Named protein modification' 
3 MSE A 65 ? . . . . MSE H 352 ? 1_555 . . . . . . . MET 1 MSE Selenomethionine 'Named protein modification' 
4 MSE A 83 ? . . . . MSE H 370 ? 1_555 . . . . . . . MET 1 MSE Selenomethionine 'Named protein modification' 
5 MSE B 13 ? . . . . MSE V 360 ? 1_555 . . . . . . . MET 1 MSE Selenomethionine 'Named protein modification' 
6 MSE B 21 ? . . . . MSE V 368 ? 1_555 . . . . . . . MET 1 MSE Selenomethionine 'Named protein modification' 
7 MSE B 66 ? . . . . MSE V 413 ? 1_555 . . . . . . . MET 1 MSE Selenomethionine 'Named protein modification' 
8 MSE B 74 ? . . . . MSE V 421 ? 1_555 . . . . . . . MET 1 MSE Selenomethionine 'Named protein modification' 
# 
_pdbx_entry_details.entry_id                   2PJW 
_pdbx_entry_details.compound_details           ? 
_pdbx_entry_details.source_details             ? 
_pdbx_entry_details.nonpolymer_details         ? 
_pdbx_entry_details.sequence_details           ? 
_pdbx_entry_details.has_ligand_of_interest     ? 
_pdbx_entry_details.has_protein_modification   Y 
# 
_pdbx_validate_symm_contact.id                1 
_pdbx_validate_symm_contact.PDB_model_num     1 
_pdbx_validate_symm_contact.auth_atom_id_1    CG2 
_pdbx_validate_symm_contact.auth_asym_id_1    H 
_pdbx_validate_symm_contact.auth_comp_id_1    THR 
_pdbx_validate_symm_contact.auth_seq_id_1     332 
_pdbx_validate_symm_contact.PDB_ins_code_1    ? 
_pdbx_validate_symm_contact.label_alt_id_1    ? 
_pdbx_validate_symm_contact.site_symmetry_1   1_555 
_pdbx_validate_symm_contact.auth_atom_id_2    CG2 
_pdbx_validate_symm_contact.auth_asym_id_2    H 
_pdbx_validate_symm_contact.auth_comp_id_2    THR 
_pdbx_validate_symm_contact.auth_seq_id_2     332 
_pdbx_validate_symm_contact.PDB_ins_code_2    ? 
_pdbx_validate_symm_contact.label_alt_id_2    ? 
_pdbx_validate_symm_contact.site_symmetry_2   5_555 
_pdbx_validate_symm_contact.dist              2.14 
# 
loop_
_pdbx_validate_torsion.id 
_pdbx_validate_torsion.PDB_model_num 
_pdbx_validate_torsion.auth_comp_id 
_pdbx_validate_torsion.auth_asym_id 
_pdbx_validate_torsion.auth_seq_id 
_pdbx_validate_torsion.PDB_ins_code 
_pdbx_validate_torsion.label_alt_id 
_pdbx_validate_torsion.phi 
_pdbx_validate_torsion.psi 
1  1 GLN H 295 ? ? -58.31  3.09    
2  1 SER H 310 ? ? -48.81  -8.43   
3  1 THR H 312 ? ? -148.49 -25.90  
4  1 SER H 315 ? ? 25.91   -90.34  
5  1 GLU H 317 ? ? -38.00  -71.35  
6  1 GLN H 320 ? ? -88.00  -139.76 
7  1 ASP H 321 ? ? 62.05   111.42  
8  1 LYS H 344 ? ? -51.39  -72.88  
9  1 ARG H 372 ? ? -61.18  6.68    
10 1 LYS V 369 ? ? -38.80  -39.27  
11 1 PRO V 372 ? ? -38.22  14.38   
12 1 GLU V 378 ? ? -69.08  42.34   
13 1 SER V 380 ? ? 171.73  -80.68  
14 1 LYS V 381 ? ? -35.48  -39.60  
15 1 MSE V 421 ? ? -67.07  24.75   
# 
loop_
_pdbx_struct_mod_residue.id 
_pdbx_struct_mod_residue.label_asym_id 
_pdbx_struct_mod_residue.label_comp_id 
_pdbx_struct_mod_residue.label_seq_id 
_pdbx_struct_mod_residue.auth_asym_id 
_pdbx_struct_mod_residue.auth_comp_id 
_pdbx_struct_mod_residue.auth_seq_id 
_pdbx_struct_mod_residue.PDB_ins_code 
_pdbx_struct_mod_residue.parent_comp_id 
_pdbx_struct_mod_residue.details 
1 A MSE 40 H MSE 327 ? MET SELENOMETHIONINE 
2 A MSE 54 H MSE 341 ? MET SELENOMETHIONINE 
3 A MSE 65 H MSE 352 ? MET SELENOMETHIONINE 
4 A MSE 83 H MSE 370 ? MET SELENOMETHIONINE 
5 B MSE 13 V MSE 360 ? MET SELENOMETHIONINE 
6 B MSE 21 V MSE 368 ? MET SELENOMETHIONINE 
7 B MSE 66 V MSE 413 ? MET SELENOMETHIONINE 
8 B MSE 74 V MSE 421 ? MET SELENOMETHIONINE 
# 
_pdbx_database_remark.id     650 
_pdbx_database_remark.text   
;HELIX

DETERMINATION METHOD: AUTHOR DETERMINED
;
# 
loop_
_chem_comp_atom.comp_id 
_chem_comp_atom.atom_id 
_chem_comp_atom.type_symbol 
_chem_comp_atom.pdbx_aromatic_flag 
_chem_comp_atom.pdbx_stereo_config 
_chem_comp_atom.pdbx_ordinal 
ALA N    N  N N 1   
ALA CA   C  N S 2   
ALA C    C  N N 3   
ALA O    O  N N 4   
ALA CB   C  N N 5   
ALA OXT  O  N N 6   
ALA H    H  N N 7   
ALA H2   H  N N 8   
ALA HA   H  N N 9   
ALA HB1  H  N N 10  
ALA HB2  H  N N 11  
ALA HB3  H  N N 12  
ALA HXT  H  N N 13  
ARG N    N  N N 14  
ARG CA   C  N S 15  
ARG C    C  N N 16  
ARG O    O  N N 17  
ARG CB   C  N N 18  
ARG CG   C  N N 19  
ARG CD   C  N N 20  
ARG NE   N  N N 21  
ARG CZ   C  N N 22  
ARG NH1  N  N N 23  
ARG NH2  N  N N 24  
ARG OXT  O  N N 25  
ARG H    H  N N 26  
ARG H2   H  N N 27  
ARG HA   H  N N 28  
ARG HB2  H  N N 29  
ARG HB3  H  N N 30  
ARG HG2  H  N N 31  
ARG HG3  H  N N 32  
ARG HD2  H  N N 33  
ARG HD3  H  N N 34  
ARG HE   H  N N 35  
ARG HH11 H  N N 36  
ARG HH12 H  N N 37  
ARG HH21 H  N N 38  
ARG HH22 H  N N 39  
ARG HXT  H  N N 40  
ASN N    N  N N 41  
ASN CA   C  N S 42  
ASN C    C  N N 43  
ASN O    O  N N 44  
ASN CB   C  N N 45  
ASN CG   C  N N 46  
ASN OD1  O  N N 47  
ASN ND2  N  N N 48  
ASN OXT  O  N N 49  
ASN H    H  N N 50  
ASN H2   H  N N 51  
ASN HA   H  N N 52  
ASN HB2  H  N N 53  
ASN HB3  H  N N 54  
ASN HD21 H  N N 55  
ASN HD22 H  N N 56  
ASN HXT  H  N N 57  
ASP N    N  N N 58  
ASP CA   C  N S 59  
ASP C    C  N N 60  
ASP O    O  N N 61  
ASP CB   C  N N 62  
ASP CG   C  N N 63  
ASP OD1  O  N N 64  
ASP OD2  O  N N 65  
ASP OXT  O  N N 66  
ASP H    H  N N 67  
ASP H2   H  N N 68  
ASP HA   H  N N 69  
ASP HB2  H  N N 70  
ASP HB3  H  N N 71  
ASP HD2  H  N N 72  
ASP HXT  H  N N 73  
GLN N    N  N N 74  
GLN CA   C  N S 75  
GLN C    C  N N 76  
GLN O    O  N N 77  
GLN CB   C  N N 78  
GLN CG   C  N N 79  
GLN CD   C  N N 80  
GLN OE1  O  N N 81  
GLN NE2  N  N N 82  
GLN OXT  O  N N 83  
GLN H    H  N N 84  
GLN H2   H  N N 85  
GLN HA   H  N N 86  
GLN HB2  H  N N 87  
GLN HB3  H  N N 88  
GLN HG2  H  N N 89  
GLN HG3  H  N N 90  
GLN HE21 H  N N 91  
GLN HE22 H  N N 92  
GLN HXT  H  N N 93  
GLU N    N  N N 94  
GLU CA   C  N S 95  
GLU C    C  N N 96  
GLU O    O  N N 97  
GLU CB   C  N N 98  
GLU CG   C  N N 99  
GLU CD   C  N N 100 
GLU OE1  O  N N 101 
GLU OE2  O  N N 102 
GLU OXT  O  N N 103 
GLU H    H  N N 104 
GLU H2   H  N N 105 
GLU HA   H  N N 106 
GLU HB2  H  N N 107 
GLU HB3  H  N N 108 
GLU HG2  H  N N 109 
GLU HG3  H  N N 110 
GLU HE2  H  N N 111 
GLU HXT  H  N N 112 
GLY N    N  N N 113 
GLY CA   C  N N 114 
GLY C    C  N N 115 
GLY O    O  N N 116 
GLY OXT  O  N N 117 
GLY H    H  N N 118 
GLY H2   H  N N 119 
GLY HA2  H  N N 120 
GLY HA3  H  N N 121 
GLY HXT  H  N N 122 
HIS N    N  N N 123 
HIS CA   C  N S 124 
HIS C    C  N N 125 
HIS O    O  N N 126 
HIS CB   C  N N 127 
HIS CG   C  Y N 128 
HIS ND1  N  Y N 129 
HIS CD2  C  Y N 130 
HIS CE1  C  Y N 131 
HIS NE2  N  Y N 132 
HIS OXT  O  N N 133 
HIS H    H  N N 134 
HIS H2   H  N N 135 
HIS HA   H  N N 136 
HIS HB2  H  N N 137 
HIS HB3  H  N N 138 
HIS HD1  H  N N 139 
HIS HD2  H  N N 140 
HIS HE1  H  N N 141 
HIS HE2  H  N N 142 
HIS HXT  H  N N 143 
HOH O    O  N N 144 
HOH H1   H  N N 145 
HOH H2   H  N N 146 
ILE N    N  N N 147 
ILE CA   C  N S 148 
ILE C    C  N N 149 
ILE O    O  N N 150 
ILE CB   C  N S 151 
ILE CG1  C  N N 152 
ILE CG2  C  N N 153 
ILE CD1  C  N N 154 
ILE OXT  O  N N 155 
ILE H    H  N N 156 
ILE H2   H  N N 157 
ILE HA   H  N N 158 
ILE HB   H  N N 159 
ILE HG12 H  N N 160 
ILE HG13 H  N N 161 
ILE HG21 H  N N 162 
ILE HG22 H  N N 163 
ILE HG23 H  N N 164 
ILE HD11 H  N N 165 
ILE HD12 H  N N 166 
ILE HD13 H  N N 167 
ILE HXT  H  N N 168 
LEU N    N  N N 169 
LEU CA   C  N S 170 
LEU C    C  N N 171 
LEU O    O  N N 172 
LEU CB   C  N N 173 
LEU CG   C  N N 174 
LEU CD1  C  N N 175 
LEU CD2  C  N N 176 
LEU OXT  O  N N 177 
LEU H    H  N N 178 
LEU H2   H  N N 179 
LEU HA   H  N N 180 
LEU HB2  H  N N 181 
LEU HB3  H  N N 182 
LEU HG   H  N N 183 
LEU HD11 H  N N 184 
LEU HD12 H  N N 185 
LEU HD13 H  N N 186 
LEU HD21 H  N N 187 
LEU HD22 H  N N 188 
LEU HD23 H  N N 189 
LEU HXT  H  N N 190 
LYS N    N  N N 191 
LYS CA   C  N S 192 
LYS C    C  N N 193 
LYS O    O  N N 194 
LYS CB   C  N N 195 
LYS CG   C  N N 196 
LYS CD   C  N N 197 
LYS CE   C  N N 198 
LYS NZ   N  N N 199 
LYS OXT  O  N N 200 
LYS H    H  N N 201 
LYS H2   H  N N 202 
LYS HA   H  N N 203 
LYS HB2  H  N N 204 
LYS HB3  H  N N 205 
LYS HG2  H  N N 206 
LYS HG3  H  N N 207 
LYS HD2  H  N N 208 
LYS HD3  H  N N 209 
LYS HE2  H  N N 210 
LYS HE3  H  N N 211 
LYS HZ1  H  N N 212 
LYS HZ2  H  N N 213 
LYS HZ3  H  N N 214 
LYS HXT  H  N N 215 
MET N    N  N N 216 
MET CA   C  N S 217 
MET C    C  N N 218 
MET O    O  N N 219 
MET CB   C  N N 220 
MET CG   C  N N 221 
MET SD   S  N N 222 
MET CE   C  N N 223 
MET OXT  O  N N 224 
MET H    H  N N 225 
MET H2   H  N N 226 
MET HA   H  N N 227 
MET HB2  H  N N 228 
MET HB3  H  N N 229 
MET HG2  H  N N 230 
MET HG3  H  N N 231 
MET HE1  H  N N 232 
MET HE2  H  N N 233 
MET HE3  H  N N 234 
MET HXT  H  N N 235 
MSE N    N  N N 236 
MSE CA   C  N S 237 
MSE C    C  N N 238 
MSE O    O  N N 239 
MSE OXT  O  N N 240 
MSE CB   C  N N 241 
MSE CG   C  N N 242 
MSE SE   SE N N 243 
MSE CE   C  N N 244 
MSE H    H  N N 245 
MSE H2   H  N N 246 
MSE HA   H  N N 247 
MSE HXT  H  N N 248 
MSE HB2  H  N N 249 
MSE HB3  H  N N 250 
MSE HG2  H  N N 251 
MSE HG3  H  N N 252 
MSE HE1  H  N N 253 
MSE HE2  H  N N 254 
MSE HE3  H  N N 255 
PHE N    N  N N 256 
PHE CA   C  N S 257 
PHE C    C  N N 258 
PHE O    O  N N 259 
PHE CB   C  N N 260 
PHE CG   C  Y N 261 
PHE CD1  C  Y N 262 
PHE CD2  C  Y N 263 
PHE CE1  C  Y N 264 
PHE CE2  C  Y N 265 
PHE CZ   C  Y N 266 
PHE OXT  O  N N 267 
PHE H    H  N N 268 
PHE H2   H  N N 269 
PHE HA   H  N N 270 
PHE HB2  H  N N 271 
PHE HB3  H  N N 272 
PHE HD1  H  N N 273 
PHE HD2  H  N N 274 
PHE HE1  H  N N 275 
PHE HE2  H  N N 276 
PHE HZ   H  N N 277 
PHE HXT  H  N N 278 
PRO N    N  N N 279 
PRO CA   C  N S 280 
PRO C    C  N N 281 
PRO O    O  N N 282 
PRO CB   C  N N 283 
PRO CG   C  N N 284 
PRO CD   C  N N 285 
PRO OXT  O  N N 286 
PRO H    H  N N 287 
PRO HA   H  N N 288 
PRO HB2  H  N N 289 
PRO HB3  H  N N 290 
PRO HG2  H  N N 291 
PRO HG3  H  N N 292 
PRO HD2  H  N N 293 
PRO HD3  H  N N 294 
PRO HXT  H  N N 295 
SER N    N  N N 296 
SER CA   C  N S 297 
SER C    C  N N 298 
SER O    O  N N 299 
SER CB   C  N N 300 
SER OG   O  N N 301 
SER OXT  O  N N 302 
SER H    H  N N 303 
SER H2   H  N N 304 
SER HA   H  N N 305 
SER HB2  H  N N 306 
SER HB3  H  N N 307 
SER HG   H  N N 308 
SER HXT  H  N N 309 
THR N    N  N N 310 
THR CA   C  N S 311 
THR C    C  N N 312 
THR O    O  N N 313 
THR CB   C  N R 314 
THR OG1  O  N N 315 
THR CG2  C  N N 316 
THR OXT  O  N N 317 
THR H    H  N N 318 
THR H2   H  N N 319 
THR HA   H  N N 320 
THR HB   H  N N 321 
THR HG1  H  N N 322 
THR HG21 H  N N 323 
THR HG22 H  N N 324 
THR HG23 H  N N 325 
THR HXT  H  N N 326 
TYR N    N  N N 327 
TYR CA   C  N S 328 
TYR C    C  N N 329 
TYR O    O  N N 330 
TYR CB   C  N N 331 
TYR CG   C  Y N 332 
TYR CD1  C  Y N 333 
TYR CD2  C  Y N 334 
TYR CE1  C  Y N 335 
TYR CE2  C  Y N 336 
TYR CZ   C  Y N 337 
TYR OH   O  N N 338 
TYR OXT  O  N N 339 
TYR H    H  N N 340 
TYR H2   H  N N 341 
TYR HA   H  N N 342 
TYR HB2  H  N N 343 
TYR HB3  H  N N 344 
TYR HD1  H  N N 345 
TYR HD2  H  N N 346 
TYR HE1  H  N N 347 
TYR HE2  H  N N 348 
TYR HH   H  N N 349 
TYR HXT  H  N N 350 
VAL N    N  N N 351 
VAL CA   C  N S 352 
VAL C    C  N N 353 
VAL O    O  N N 354 
VAL CB   C  N N 355 
VAL CG1  C  N N 356 
VAL CG2  C  N N 357 
VAL OXT  O  N N 358 
VAL H    H  N N 359 
VAL H2   H  N N 360 
VAL HA   H  N N 361 
VAL HB   H  N N 362 
VAL HG11 H  N N 363 
VAL HG12 H  N N 364 
VAL HG13 H  N N 365 
VAL HG21 H  N N 366 
VAL HG22 H  N N 367 
VAL HG23 H  N N 368 
VAL HXT  H  N N 369 
# 
loop_
_chem_comp_bond.comp_id 
_chem_comp_bond.atom_id_1 
_chem_comp_bond.atom_id_2 
_chem_comp_bond.value_order 
_chem_comp_bond.pdbx_aromatic_flag 
_chem_comp_bond.pdbx_stereo_config 
_chem_comp_bond.pdbx_ordinal 
ALA N   CA   sing N N 1   
ALA N   H    sing N N 2   
ALA N   H2   sing N N 3   
ALA CA  C    sing N N 4   
ALA CA  CB   sing N N 5   
ALA CA  HA   sing N N 6   
ALA C   O    doub N N 7   
ALA C   OXT  sing N N 8   
ALA CB  HB1  sing N N 9   
ALA CB  HB2  sing N N 10  
ALA CB  HB3  sing N N 11  
ALA OXT HXT  sing N N 12  
ARG N   CA   sing N N 13  
ARG N   H    sing N N 14  
ARG N   H2   sing N N 15  
ARG CA  C    sing N N 16  
ARG CA  CB   sing N N 17  
ARG CA  HA   sing N N 18  
ARG C   O    doub N N 19  
ARG C   OXT  sing N N 20  
ARG CB  CG   sing N N 21  
ARG CB  HB2  sing N N 22  
ARG CB  HB3  sing N N 23  
ARG CG  CD   sing N N 24  
ARG CG  HG2  sing N N 25  
ARG CG  HG3  sing N N 26  
ARG CD  NE   sing N N 27  
ARG CD  HD2  sing N N 28  
ARG CD  HD3  sing N N 29  
ARG NE  CZ   sing N N 30  
ARG NE  HE   sing N N 31  
ARG CZ  NH1  sing N N 32  
ARG CZ  NH2  doub N N 33  
ARG NH1 HH11 sing N N 34  
ARG NH1 HH12 sing N N 35  
ARG NH2 HH21 sing N N 36  
ARG NH2 HH22 sing N N 37  
ARG OXT HXT  sing N N 38  
ASN N   CA   sing N N 39  
ASN N   H    sing N N 40  
ASN N   H2   sing N N 41  
ASN CA  C    sing N N 42  
ASN CA  CB   sing N N 43  
ASN CA  HA   sing N N 44  
ASN C   O    doub N N 45  
ASN C   OXT  sing N N 46  
ASN CB  CG   sing N N 47  
ASN CB  HB2  sing N N 48  
ASN CB  HB3  sing N N 49  
ASN CG  OD1  doub N N 50  
ASN CG  ND2  sing N N 51  
ASN ND2 HD21 sing N N 52  
ASN ND2 HD22 sing N N 53  
ASN OXT HXT  sing N N 54  
ASP N   CA   sing N N 55  
ASP N   H    sing N N 56  
ASP N   H2   sing N N 57  
ASP CA  C    sing N N 58  
ASP CA  CB   sing N N 59  
ASP CA  HA   sing N N 60  
ASP C   O    doub N N 61  
ASP C   OXT  sing N N 62  
ASP CB  CG   sing N N 63  
ASP CB  HB2  sing N N 64  
ASP CB  HB3  sing N N 65  
ASP CG  OD1  doub N N 66  
ASP CG  OD2  sing N N 67  
ASP OD2 HD2  sing N N 68  
ASP OXT HXT  sing N N 69  
GLN N   CA   sing N N 70  
GLN N   H    sing N N 71  
GLN N   H2   sing N N 72  
GLN CA  C    sing N N 73  
GLN CA  CB   sing N N 74  
GLN CA  HA   sing N N 75  
GLN C   O    doub N N 76  
GLN C   OXT  sing N N 77  
GLN CB  CG   sing N N 78  
GLN CB  HB2  sing N N 79  
GLN CB  HB3  sing N N 80  
GLN CG  CD   sing N N 81  
GLN CG  HG2  sing N N 82  
GLN CG  HG3  sing N N 83  
GLN CD  OE1  doub N N 84  
GLN CD  NE2  sing N N 85  
GLN NE2 HE21 sing N N 86  
GLN NE2 HE22 sing N N 87  
GLN OXT HXT  sing N N 88  
GLU N   CA   sing N N 89  
GLU N   H    sing N N 90  
GLU N   H2   sing N N 91  
GLU CA  C    sing N N 92  
GLU CA  CB   sing N N 93  
GLU CA  HA   sing N N 94  
GLU C   O    doub N N 95  
GLU C   OXT  sing N N 96  
GLU CB  CG   sing N N 97  
GLU CB  HB2  sing N N 98  
GLU CB  HB3  sing N N 99  
GLU CG  CD   sing N N 100 
GLU CG  HG2  sing N N 101 
GLU CG  HG3  sing N N 102 
GLU CD  OE1  doub N N 103 
GLU CD  OE2  sing N N 104 
GLU OE2 HE2  sing N N 105 
GLU OXT HXT  sing N N 106 
GLY N   CA   sing N N 107 
GLY N   H    sing N N 108 
GLY N   H2   sing N N 109 
GLY CA  C    sing N N 110 
GLY CA  HA2  sing N N 111 
GLY CA  HA3  sing N N 112 
GLY C   O    doub N N 113 
GLY C   OXT  sing N N 114 
GLY OXT HXT  sing N N 115 
HIS N   CA   sing N N 116 
HIS N   H    sing N N 117 
HIS N   H2   sing N N 118 
HIS CA  C    sing N N 119 
HIS CA  CB   sing N N 120 
HIS CA  HA   sing N N 121 
HIS C   O    doub N N 122 
HIS C   OXT  sing N N 123 
HIS CB  CG   sing N N 124 
HIS CB  HB2  sing N N 125 
HIS CB  HB3  sing N N 126 
HIS CG  ND1  sing Y N 127 
HIS CG  CD2  doub Y N 128 
HIS ND1 CE1  doub Y N 129 
HIS ND1 HD1  sing N N 130 
HIS CD2 NE2  sing Y N 131 
HIS CD2 HD2  sing N N 132 
HIS CE1 NE2  sing Y N 133 
HIS CE1 HE1  sing N N 134 
HIS NE2 HE2  sing N N 135 
HIS OXT HXT  sing N N 136 
HOH O   H1   sing N N 137 
HOH O   H2   sing N N 138 
ILE N   CA   sing N N 139 
ILE N   H    sing N N 140 
ILE N   H2   sing N N 141 
ILE CA  C    sing N N 142 
ILE CA  CB   sing N N 143 
ILE CA  HA   sing N N 144 
ILE C   O    doub N N 145 
ILE C   OXT  sing N N 146 
ILE CB  CG1  sing N N 147 
ILE CB  CG2  sing N N 148 
ILE CB  HB   sing N N 149 
ILE CG1 CD1  sing N N 150 
ILE CG1 HG12 sing N N 151 
ILE CG1 HG13 sing N N 152 
ILE CG2 HG21 sing N N 153 
ILE CG2 HG22 sing N N 154 
ILE CG2 HG23 sing N N 155 
ILE CD1 HD11 sing N N 156 
ILE CD1 HD12 sing N N 157 
ILE CD1 HD13 sing N N 158 
ILE OXT HXT  sing N N 159 
LEU N   CA   sing N N 160 
LEU N   H    sing N N 161 
LEU N   H2   sing N N 162 
LEU CA  C    sing N N 163 
LEU CA  CB   sing N N 164 
LEU CA  HA   sing N N 165 
LEU C   O    doub N N 166 
LEU C   OXT  sing N N 167 
LEU CB  CG   sing N N 168 
LEU CB  HB2  sing N N 169 
LEU CB  HB3  sing N N 170 
LEU CG  CD1  sing N N 171 
LEU CG  CD2  sing N N 172 
LEU CG  HG   sing N N 173 
LEU CD1 HD11 sing N N 174 
LEU CD1 HD12 sing N N 175 
LEU CD1 HD13 sing N N 176 
LEU CD2 HD21 sing N N 177 
LEU CD2 HD22 sing N N 178 
LEU CD2 HD23 sing N N 179 
LEU OXT HXT  sing N N 180 
LYS N   CA   sing N N 181 
LYS N   H    sing N N 182 
LYS N   H2   sing N N 183 
LYS CA  C    sing N N 184 
LYS CA  CB   sing N N 185 
LYS CA  HA   sing N N 186 
LYS C   O    doub N N 187 
LYS C   OXT  sing N N 188 
LYS CB  CG   sing N N 189 
LYS CB  HB2  sing N N 190 
LYS CB  HB3  sing N N 191 
LYS CG  CD   sing N N 192 
LYS CG  HG2  sing N N 193 
LYS CG  HG3  sing N N 194 
LYS CD  CE   sing N N 195 
LYS CD  HD2  sing N N 196 
LYS CD  HD3  sing N N 197 
LYS CE  NZ   sing N N 198 
LYS CE  HE2  sing N N 199 
LYS CE  HE3  sing N N 200 
LYS NZ  HZ1  sing N N 201 
LYS NZ  HZ2  sing N N 202 
LYS NZ  HZ3  sing N N 203 
LYS OXT HXT  sing N N 204 
MET N   CA   sing N N 205 
MET N   H    sing N N 206 
MET N   H2   sing N N 207 
MET CA  C    sing N N 208 
MET CA  CB   sing N N 209 
MET CA  HA   sing N N 210 
MET C   O    doub N N 211 
MET C   OXT  sing N N 212 
MET CB  CG   sing N N 213 
MET CB  HB2  sing N N 214 
MET CB  HB3  sing N N 215 
MET CG  SD   sing N N 216 
MET CG  HG2  sing N N 217 
MET CG  HG3  sing N N 218 
MET SD  CE   sing N N 219 
MET CE  HE1  sing N N 220 
MET CE  HE2  sing N N 221 
MET CE  HE3  sing N N 222 
MET OXT HXT  sing N N 223 
MSE N   CA   sing N N 224 
MSE N   H    sing N N 225 
MSE N   H2   sing N N 226 
MSE CA  C    sing N N 227 
MSE CA  CB   sing N N 228 
MSE CA  HA   sing N N 229 
MSE C   O    doub N N 230 
MSE C   OXT  sing N N 231 
MSE OXT HXT  sing N N 232 
MSE CB  CG   sing N N 233 
MSE CB  HB2  sing N N 234 
MSE CB  HB3  sing N N 235 
MSE CG  SE   sing N N 236 
MSE CG  HG2  sing N N 237 
MSE CG  HG3  sing N N 238 
MSE SE  CE   sing N N 239 
MSE CE  HE1  sing N N 240 
MSE CE  HE2  sing N N 241 
MSE CE  HE3  sing N N 242 
PHE N   CA   sing N N 243 
PHE N   H    sing N N 244 
PHE N   H2   sing N N 245 
PHE CA  C    sing N N 246 
PHE CA  CB   sing N N 247 
PHE CA  HA   sing N N 248 
PHE C   O    doub N N 249 
PHE C   OXT  sing N N 250 
PHE CB  CG   sing N N 251 
PHE CB  HB2  sing N N 252 
PHE CB  HB3  sing N N 253 
PHE CG  CD1  doub Y N 254 
PHE CG  CD2  sing Y N 255 
PHE CD1 CE1  sing Y N 256 
PHE CD1 HD1  sing N N 257 
PHE CD2 CE2  doub Y N 258 
PHE CD2 HD2  sing N N 259 
PHE CE1 CZ   doub Y N 260 
PHE CE1 HE1  sing N N 261 
PHE CE2 CZ   sing Y N 262 
PHE CE2 HE2  sing N N 263 
PHE CZ  HZ   sing N N 264 
PHE OXT HXT  sing N N 265 
PRO N   CA   sing N N 266 
PRO N   CD   sing N N 267 
PRO N   H    sing N N 268 
PRO CA  C    sing N N 269 
PRO CA  CB   sing N N 270 
PRO CA  HA   sing N N 271 
PRO C   O    doub N N 272 
PRO C   OXT  sing N N 273 
PRO CB  CG   sing N N 274 
PRO CB  HB2  sing N N 275 
PRO CB  HB3  sing N N 276 
PRO CG  CD   sing N N 277 
PRO CG  HG2  sing N N 278 
PRO CG  HG3  sing N N 279 
PRO CD  HD2  sing N N 280 
PRO CD  HD3  sing N N 281 
PRO OXT HXT  sing N N 282 
SER N   CA   sing N N 283 
SER N   H    sing N N 284 
SER N   H2   sing N N 285 
SER CA  C    sing N N 286 
SER CA  CB   sing N N 287 
SER CA  HA   sing N N 288 
SER C   O    doub N N 289 
SER C   OXT  sing N N 290 
SER CB  OG   sing N N 291 
SER CB  HB2  sing N N 292 
SER CB  HB3  sing N N 293 
SER OG  HG   sing N N 294 
SER OXT HXT  sing N N 295 
THR N   CA   sing N N 296 
THR N   H    sing N N 297 
THR N   H2   sing N N 298 
THR CA  C    sing N N 299 
THR CA  CB   sing N N 300 
THR CA  HA   sing N N 301 
THR C   O    doub N N 302 
THR C   OXT  sing N N 303 
THR CB  OG1  sing N N 304 
THR CB  CG2  sing N N 305 
THR CB  HB   sing N N 306 
THR OG1 HG1  sing N N 307 
THR CG2 HG21 sing N N 308 
THR CG2 HG22 sing N N 309 
THR CG2 HG23 sing N N 310 
THR OXT HXT  sing N N 311 
TYR N   CA   sing N N 312 
TYR N   H    sing N N 313 
TYR N   H2   sing N N 314 
TYR CA  C    sing N N 315 
TYR CA  CB   sing N N 316 
TYR CA  HA   sing N N 317 
TYR C   O    doub N N 318 
TYR C   OXT  sing N N 319 
TYR CB  CG   sing N N 320 
TYR CB  HB2  sing N N 321 
TYR CB  HB3  sing N N 322 
TYR CG  CD1  doub Y N 323 
TYR CG  CD2  sing Y N 324 
TYR CD1 CE1  sing Y N 325 
TYR CD1 HD1  sing N N 326 
TYR CD2 CE2  doub Y N 327 
TYR CD2 HD2  sing N N 328 
TYR CE1 CZ   doub Y N 329 
TYR CE1 HE1  sing N N 330 
TYR CE2 CZ   sing Y N 331 
TYR CE2 HE2  sing N N 332 
TYR CZ  OH   sing N N 333 
TYR OH  HH   sing N N 334 
TYR OXT HXT  sing N N 335 
VAL N   CA   sing N N 336 
VAL N   H    sing N N 337 
VAL N   H2   sing N N 338 
VAL CA  C    sing N N 339 
VAL CA  CB   sing N N 340 
VAL CA  HA   sing N N 341 
VAL C   O    doub N N 342 
VAL C   OXT  sing N N 343 
VAL CB  CG1  sing N N 344 
VAL CB  CG2  sing N N 345 
VAL CB  HB   sing N N 346 
VAL CG1 HG11 sing N N 347 
VAL CG1 HG12 sing N N 348 
VAL CG1 HG13 sing N N 349 
VAL CG2 HG21 sing N N 350 
VAL CG2 HG22 sing N N 351 
VAL CG2 HG23 sing N N 352 
VAL OXT HXT  sing N N 353 
# 
_atom_sites.entry_id                    2PJW 
_atom_sites.fract_transf_matrix[1][1]   -0.01700526 
_atom_sites.fract_transf_matrix[1][2]   -0.00692924 
_atom_sites.fract_transf_matrix[1][3]   -0.00228890 
_atom_sites.fract_transf_matrix[2][1]   -0.00218986 
_atom_sites.fract_transf_matrix[2][2]   -0.01718592 
_atom_sites.fract_transf_matrix[2][3]   -0.00650259 
_atom_sites.fract_transf_matrix[3][1]   0.00020401 
_atom_sites.fract_transf_matrix[3][2]   -0.00376434 
_atom_sites.fract_transf_matrix[3][3]   0.00988022 
_atom_sites.fract_transf_vector[1]      -0.384934 
_atom_sites.fract_transf_vector[2]      0.002971 
_atom_sites.fract_transf_vector[3]      -0.079140 
# 
loop_
_atom_type.symbol 
C  
N  
O  
SE 
# 
loop_
_atom_site.group_PDB 
_atom_site.id 
_atom_site.type_symbol 
_atom_site.label_atom_id 
_atom_site.label_alt_id 
_atom_site.label_comp_id 
_atom_site.label_asym_id 
_atom_site.label_entity_id 
_atom_site.label_seq_id 
_atom_site.pdbx_PDB_ins_code 
_atom_site.Cartn_x 
_atom_site.Cartn_y 
_atom_site.Cartn_z 
_atom_site.occupancy 
_atom_site.B_iso_or_equiv 
_atom_site.pdbx_formal_charge 
_atom_site.auth_seq_id 
_atom_site.auth_comp_id 
_atom_site.auth_asym_id 
_atom_site.auth_atom_id 
_atom_site.pdbx_PDB_model_num 
ATOM   1    N  N   . LYS A 1 1  ? -14.388 -0.893  7.455   1.00 68.73  ? 288 LYS H N   1 
ATOM   2    C  CA  . LYS A 1 1  ? -13.724 -1.755  8.424   1.00 70.75  ? 288 LYS H CA  1 
ATOM   3    C  C   . LYS A 1 1  ? -12.257 -1.465  8.491   1.00 71.53  ? 288 LYS H C   1 
ATOM   4    O  O   . LYS A 1 1  ? -11.600 -1.667  9.525   1.00 60.85  ? 288 LYS H O   1 
ATOM   5    C  CB  . LYS A 1 1  ? -13.955 -3.224  8.072   1.00 57.58  ? 288 LYS H CB  1 
ATOM   6    C  CG  . LYS A 1 1  ? -13.357 -4.201  9.085   1.00 49.35  ? 288 LYS H CG  1 
ATOM   7    C  CD  . LYS A 1 1  ? -13.274 -5.609  8.506   1.00 86.96  ? 288 LYS H CD  1 
ATOM   8    C  CE  . LYS A 1 1  ? -12.468 -5.629  7.213   1.00 100.64 ? 288 LYS H CE  1 
ATOM   9    N  NZ  . LYS A 1 1  ? -12.418 -6.990  6.615   1.00 83.86  ? 288 LYS H NZ  1 
ATOM   10   N  N   . GLU A 1 2  ? -11.716 -0.980  7.372   1.00 75.50  ? 289 GLU H N   1 
ATOM   11   C  CA  . GLU A 1 2  ? -10.309 -0.602  7.301   1.00 73.91  ? 289 GLU H CA  1 
ATOM   12   C  C   . GLU A 1 2  ? -10.119 0.571   8.241   1.00 73.72  ? 289 GLU H C   1 
ATOM   13   O  O   . GLU A 1 2  ? -9.067  0.758   8.864   1.00 77.15  ? 289 GLU H O   1 
ATOM   14   C  CB  . GLU A 1 2  ? -9.886  -0.192  5.900   1.00 78.07  ? 289 GLU H CB  1 
ATOM   15   C  CG  . GLU A 1 2  ? -10.340 -1.124  4.795   1.00 81.54  ? 289 GLU H CG  1 
ATOM   16   C  CD  . GLU A 1 2  ? -9.321  -2.189  4.440   1.00 84.90  ? 289 GLU H CD  1 
ATOM   17   O  OE1 . GLU A 1 2  ? -8.158  -1.830  4.160   1.00 70.31  ? 289 GLU H OE1 1 
ATOM   18   O  OE2 . GLU A 1 2  ? -9.683  -3.384  4.441   1.00 85.01  ? 289 GLU H OE2 1 
ATOM   19   N  N   . ALA A 1 3  ? -11.175 1.366   8.299   1.00 75.88  ? 290 ALA H N   1 
ATOM   20   C  CA  . ALA A 1 3  ? -11.212 2.537   9.171   1.00 83.38  ? 290 ALA H CA  1 
ATOM   21   C  C   . ALA A 1 3  ? -11.097 2.167   10.641  1.00 87.45  ? 290 ALA H C   1 
ATOM   22   O  O   . ALA A 1 3  ? -10.587 2.943   11.451  1.00 85.82  ? 290 ALA H O   1 
ATOM   23   C  CB  . ALA A 1 3  ? -12.494 3.310   8.941   1.00 85.42  ? 290 ALA H CB  1 
ATOM   24   N  N   . ILE A 1 4  ? -11.585 0.982   10.989  1.00 91.87  ? 291 ILE H N   1 
ATOM   25   C  CA  . ILE A 1 4  ? -11.523 0.525   12.369  1.00 90.36  ? 291 ILE H CA  1 
ATOM   26   C  C   . ILE A 1 4  ? -10.070 0.588   12.827  1.00 85.35  ? 291 ILE H C   1 
ATOM   27   O  O   . ILE A 1 4  ? -9.785  0.860   13.990  1.00 90.64  ? 291 ILE H O   1 
ATOM   28   C  CB  . ILE A 1 4  ? -12.035 -0.931  12.506  1.00 93.52  ? 291 ILE H CB  1 
ATOM   29   C  CG1 . ILE A 1 4  ? -13.397 -1.076  11.821  1.00 93.71  ? 291 ILE H CG1 1 
ATOM   30   C  CG2 . ILE A 1 4  ? -12.170 -1.296  13.972  1.00 86.56  ? 291 ILE H CG2 1 
ATOM   31   C  CD1 . ILE A 1 4  ? -14.039 -2.431  12.008  1.00 88.64  ? 291 ILE H CD1 1 
ATOM   32   N  N   . VAL A 1 5  ? -9.153  0.356   11.896  1.00 74.08  ? 292 VAL H N   1 
ATOM   33   C  CA  . VAL A 1 5  ? -7.732  0.370   12.203  1.00 69.27  ? 292 VAL H CA  1 
ATOM   34   C  C   . VAL A 1 5  ? -7.041  1.720   11.973  1.00 63.64  ? 292 VAL H C   1 
ATOM   35   O  O   . VAL A 1 5  ? -6.266  2.174   12.814  1.00 59.52  ? 292 VAL H O   1 
ATOM   36   C  CB  . VAL A 1 5  ? -7.013  -0.748  11.400  1.00 73.59  ? 292 VAL H CB  1 
ATOM   37   C  CG1 . VAL A 1 5  ? -5.493  -0.661  11.574  1.00 56.10  ? 292 VAL H CG1 1 
ATOM   38   C  CG2 . VAL A 1 5  ? -7.521  -2.104  11.872  1.00 77.31  ? 292 VAL H CG2 1 
ATOM   39   N  N   . PHE A 1 6  ? -7.319  2.368   10.847  1.00 59.22  ? 293 PHE H N   1 
ATOM   40   C  CA  . PHE A 1 6  ? -6.687  3.649   10.571  1.00 60.48  ? 293 PHE H CA  1 
ATOM   41   C  C   . PHE A 1 6  ? -7.080  4.702   11.584  1.00 63.16  ? 293 PHE H C   1 
ATOM   42   O  O   . PHE A 1 6  ? -6.445  5.749   11.692  1.00 66.65  ? 293 PHE H O   1 
ATOM   43   C  CB  . PHE A 1 6  ? -7.034  4.128   9.168   1.00 63.88  ? 293 PHE H CB  1 
ATOM   44   C  CG  . PHE A 1 6  ? -6.351  3.354   8.089   1.00 71.00  ? 293 PHE H CG  1 
ATOM   45   C  CD1 . PHE A 1 6  ? -7.049  2.412   7.345   1.00 74.47  ? 293 PHE H CD1 1 
ATOM   46   C  CD2 . PHE A 1 6  ? -5.001  3.559   7.823   1.00 72.82  ? 293 PHE H CD2 1 
ATOM   47   C  CE1 . PHE A 1 6  ? -6.411  1.686   6.342   1.00 83.87  ? 293 PHE H CE1 1 
ATOM   48   C  CE2 . PHE A 1 6  ? -4.352  2.840   6.825   1.00 73.76  ? 293 PHE H CE2 1 
ATOM   49   C  CZ  . PHE A 1 6  ? -5.058  1.900   6.082   1.00 83.49  ? 293 PHE H CZ  1 
ATOM   50   N  N   . SER A 1 7  ? -8.139  4.421   12.324  1.00 67.65  ? 294 SER H N   1 
ATOM   51   C  CA  . SER A 1 7  ? -8.603  5.337   13.354  1.00 75.15  ? 294 SER H CA  1 
ATOM   52   C  C   . SER A 1 7  ? -7.566  5.349   14.478  1.00 79.71  ? 294 SER H C   1 
ATOM   53   O  O   . SER A 1 7  ? -7.080  6.402   14.896  1.00 79.06  ? 294 SER H O   1 
ATOM   54   C  CB  . SER A 1 7  ? -9.942  4.850   13.892  1.00 74.66  ? 294 SER H CB  1 
ATOM   55   O  OG  . SER A 1 7  ? -9.862  3.471   14.211  1.00 71.23  ? 294 SER H OG  1 
ATOM   56   N  N   . GLN A 1 8  ? -7.230  4.152   14.947  1.00 81.27  ? 295 GLN H N   1 
ATOM   57   C  CA  . GLN A 1 8  ? -6.260  3.957   16.014  1.00 77.85  ? 295 GLN H CA  1 
ATOM   58   C  C   . GLN A 1 8  ? -4.894  4.534   15.685  1.00 75.82  ? 295 GLN H C   1 
ATOM   59   O  O   . GLN A 1 8  ? -3.954  4.395   16.462  1.00 77.22  ? 295 GLN H O   1 
ATOM   60   C  CB  . GLN A 1 8  ? -6.118  2.465   16.310  1.00 81.56  ? 295 GLN H CB  1 
ATOM   61   C  CG  . GLN A 1 8  ? -7.436  1.781   16.586  1.00 85.90  ? 295 GLN H CG  1 
ATOM   62   C  CD  . GLN A 1 8  ? -8.350  2.621   17.452  1.00 90.96  ? 295 GLN H CD  1 
ATOM   63   O  OE1 . GLN A 1 8  ? -8.857  3.657   17.015  1.00 91.29  ? 295 GLN H OE1 1 
ATOM   64   N  NE2 . GLN A 1 8  ? -8.561  2.186   18.691  1.00 87.70  ? 295 GLN H NE2 1 
ATOM   65   N  N   . LYS A 1 9  ? -4.788  5.178   14.529  1.00 75.44  ? 296 LYS H N   1 
ATOM   66   C  CA  . LYS A 1 9  ? -3.535  5.777   14.095  1.00 69.88  ? 296 LYS H CA  1 
ATOM   67   C  C   . LYS A 1 9  ? -2.886  6.587   15.207  1.00 64.48  ? 296 LYS H C   1 
ATOM   68   O  O   . LYS A 1 9  ? -1.670  6.554   15.372  1.00 64.28  ? 296 LYS H O   1 
ATOM   69   C  CB  . LYS A 1 9  ? -3.781  6.670   12.886  1.00 71.66  ? 296 LYS H CB  1 
ATOM   70   C  CG  . LYS A 1 9  ? -2.541  7.345   12.359  1.00 86.56  ? 296 LYS H CG  1 
ATOM   71   C  CD  . LYS A 1 9  ? -2.828  8.085   11.060  1.00 105.85 ? 296 LYS H CD  1 
ATOM   72   C  CE  . LYS A 1 9  ? -3.314  7.137   9.965   1.00 105.56 ? 296 LYS H CE  1 
ATOM   73   N  NZ  . LYS A 1 9  ? -3.430  7.829   8.646   1.00 96.70  ? 296 LYS H NZ  1 
ATOM   74   N  N   . THR A 1 10 ? -3.703  7.293   15.986  1.00 58.46  ? 297 THR H N   1 
ATOM   75   C  CA  . THR A 1 10 ? -3.199  8.125   17.076  1.00 61.04  ? 297 THR H CA  1 
ATOM   76   C  C   . THR A 1 10 ? -2.997  7.415   18.419  1.00 64.33  ? 297 THR H C   1 
ATOM   77   O  O   . THR A 1 10 ? -2.038  7.699   19.138  1.00 68.24  ? 297 THR H O   1 
ATOM   78   C  CB  . THR A 1 10 ? -4.113  9.329   17.295  1.00 54.82  ? 297 THR H CB  1 
ATOM   79   O  OG1 . THR A 1 10 ? -4.413  9.919   16.028  1.00 67.27  ? 297 THR H OG1 1 
ATOM   80   C  CG2 . THR A 1 10 ? -3.422  10.370  18.176  1.00 38.08  ? 297 THR H CG2 1 
ATOM   81   N  N   . THR A 1 11 ? -3.903  6.513   18.775  1.00 62.02  ? 298 THR H N   1 
ATOM   82   C  CA  . THR A 1 11 ? -3.756  5.783   20.027  1.00 57.94  ? 298 THR H CA  1 
ATOM   83   C  C   . THR A 1 11 ? -2.398  5.095   20.001  1.00 56.81  ? 298 THR H C   1 
ATOM   84   O  O   . THR A 1 11 ? -1.670  5.081   20.989  1.00 55.61  ? 298 THR H O   1 
ATOM   85   C  CB  . THR A 1 11 ? -4.841  4.719   20.176  1.00 52.71  ? 298 THR H CB  1 
ATOM   86   O  OG1 . THR A 1 11 ? -6.113  5.362   20.251  1.00 68.35  ? 298 THR H OG1 1 
ATOM   87   C  CG2 . THR A 1 11 ? -4.624  3.905   21.437  1.00 51.18  ? 298 THR H CG2 1 
ATOM   88   N  N   . ILE A 1 12 ? -2.070  4.523   18.850  1.00 53.36  ? 299 ILE H N   1 
ATOM   89   C  CA  . ILE A 1 12 ? -0.807  3.842   18.673  1.00 53.31  ? 299 ILE H CA  1 
ATOM   90   C  C   . ILE A 1 12 ? 0.312   4.818   18.983  1.00 53.94  ? 299 ILE H C   1 
ATOM   91   O  O   . ILE A 1 12 ? 1.125   4.579   19.876  1.00 57.36  ? 299 ILE H O   1 
ATOM   92   C  CB  . ILE A 1 12 ? -0.670  3.319   17.232  1.00 66.60  ? 299 ILE H CB  1 
ATOM   93   C  CG1 . ILE A 1 12 ? -1.738  2.251   16.985  1.00 68.45  ? 299 ILE H CG1 1 
ATOM   94   C  CG2 . ILE A 1 12 ? 0.728   2.752   17.002  1.00 68.52  ? 299 ILE H CG2 1 
ATOM   95   C  CD1 . ILE A 1 12 ? -1.695  1.642   15.606  1.00 71.72  ? 299 ILE H CD1 1 
ATOM   96   N  N   . ASP A 1 13 ? 0.358   5.924   18.254  1.00 52.34  ? 300 ASP H N   1 
ATOM   97   C  CA  . ASP A 1 13 ? 1.390   6.911   18.513  1.00 56.28  ? 300 ASP H CA  1 
ATOM   98   C  C   . ASP A 1 13 ? 1.446   7.197   20.011  1.00 58.52  ? 300 ASP H C   1 
ATOM   99   O  O   . ASP A 1 13 ? 2.484   7.027   20.659  1.00 56.64  ? 300 ASP H O   1 
ATOM   100  C  CB  . ASP A 1 13 ? 1.089   8.198   17.755  1.00 60.19  ? 300 ASP H CB  1 
ATOM   101  C  CG  . ASP A 1 13 ? 1.716   8.215   16.387  1.00 88.35  ? 300 ASP H CG  1 
ATOM   102  O  OD1 . ASP A 1 13 ? 2.945   8.006   16.318  1.00 98.24  ? 300 ASP H OD1 1 
ATOM   103  O  OD2 . ASP A 1 13 ? 0.994   8.435   15.390  1.00 96.02  ? 300 ASP H OD2 1 
ATOM   104  N  N   . GLN A 1 14 ? 0.309   7.611   20.559  1.00 56.77  ? 301 GLN H N   1 
ATOM   105  C  CA  . GLN A 1 14 ? 0.207   7.926   21.972  1.00 55.84  ? 301 GLN H CA  1 
ATOM   106  C  C   . GLN A 1 14 ? 0.798   6.844   22.868  1.00 54.48  ? 301 GLN H C   1 
ATOM   107  O  O   . GLN A 1 14 ? 1.747   7.099   23.607  1.00 50.59  ? 301 GLN H O   1 
ATOM   108  C  CB  . GLN A 1 14 ? -1.255  8.180   22.343  1.00 66.21  ? 301 GLN H CB  1 
ATOM   109  C  CG  . GLN A 1 14 ? -1.876  9.368   21.612  1.00 78.84  ? 301 GLN H CG  1 
ATOM   110  C  CD  . GLN A 1 14 ? -3.167  9.850   22.252  1.00 86.72  ? 301 GLN H CD  1 
ATOM   111  O  OE1 . GLN A 1 14 ? -4.146  9.110   22.339  1.00 98.41  ? 301 GLN H OE1 1 
ATOM   112  N  NE2 . GLN A 1 14 ? -3.170  11.100  22.711  1.00 82.50  ? 301 GLN H NE2 1 
ATOM   113  N  N   . LEU A 1 15 ? 0.237   5.640   22.806  1.00 57.68  ? 302 LEU H N   1 
ATOM   114  C  CA  . LEU A 1 15 ? 0.736   4.535   23.622  1.00 58.58  ? 302 LEU H CA  1 
ATOM   115  C  C   . LEU A 1 15 ? 2.223   4.343   23.385  1.00 55.29  ? 302 LEU H C   1 
ATOM   116  O  O   . LEU A 1 15 ? 2.978   4.110   24.323  1.00 60.75  ? 302 LEU H O   1 
ATOM   117  C  CB  . LEU A 1 15 ? -0.001  3.232   23.297  1.00 65.48  ? 302 LEU H CB  1 
ATOM   118  C  CG  . LEU A 1 15 ? 0.475   1.976   24.041  1.00 61.94  ? 302 LEU H CG  1 
ATOM   119  C  CD1 . LEU A 1 15 ? 0.420   2.208   25.543  1.00 51.22  ? 302 LEU H CD1 1 
ATOM   120  C  CD2 . LEU A 1 15 ? -0.397  0.794   23.651  1.00 61.57  ? 302 LEU H CD2 1 
ATOM   121  N  N   . HIS A 1 16 ? 2.649   4.439   22.132  1.00 49.73  ? 303 HIS H N   1 
ATOM   122  C  CA  . HIS A 1 16 ? 4.062   4.287   21.836  1.00 54.70  ? 303 HIS H CA  1 
ATOM   123  C  C   . HIS A 1 16 ? 4.875   5.272   22.674  1.00 53.19  ? 303 HIS H C   1 
ATOM   124  O  O   . HIS A 1 16 ? 5.590   4.893   23.595  1.00 53.66  ? 303 HIS H O   1 
ATOM   125  C  CB  . HIS A 1 16 ? 4.345   4.558   20.367  1.00 60.22  ? 303 HIS H CB  1 
ATOM   126  C  CG  . HIS A 1 16 ? 5.782   4.374   20.004  1.00 80.53  ? 303 HIS H CG  1 
ATOM   127  N  ND1 . HIS A 1 16 ? 6.427   3.163   20.139  1.00 91.47  ? 303 HIS H ND1 1 
ATOM   128  C  CD2 . HIS A 1 16 ? 6.709   5.248   19.549  1.00 92.31  ? 303 HIS H CD2 1 
ATOM   129  C  CE1 . HIS A 1 16 ? 7.691   3.299   19.780  1.00 99.95  ? 303 HIS H CE1 1 
ATOM   130  N  NE2 . HIS A 1 16 ? 7.888   4.554   19.418  1.00 102.91 ? 303 HIS H NE2 1 
ATOM   131  N  N   . ASN A 1 17 ? 4.746   6.547   22.346  1.00 50.38  ? 304 ASN H N   1 
ATOM   132  C  CA  . ASN A 1 17 ? 5.460   7.593   23.047  1.00 47.97  ? 304 ASN H CA  1 
ATOM   133  C  C   . ASN A 1 17 ? 5.486   7.412   24.561  1.00 47.48  ? 304 ASN H C   1 
ATOM   134  O  O   . ASN A 1 17 ? 6.549   7.472   25.171  1.00 51.73  ? 304 ASN H O   1 
ATOM   135  C  CB  . ASN A 1 17 ? 4.844   8.940   22.704  1.00 58.26  ? 304 ASN H CB  1 
ATOM   136  C  CG  . ASN A 1 17 ? 4.660   9.133   21.213  1.00 67.09  ? 304 ASN H CG  1 
ATOM   137  O  OD1 . ASN A 1 17 ? 5.616   9.071   20.438  1.00 63.19  ? 304 ASN H OD1 1 
ATOM   138  N  ND2 . ASN A 1 17 ? 3.422   9.372   20.801  1.00 86.17  ? 304 ASN H ND2 1 
ATOM   139  N  N   . SER A 1 18 ? 4.336   7.185   25.181  1.00 40.79  ? 305 SER H N   1 
ATOM   140  C  CA  . SER A 1 18 ? 4.335   7.025   26.627  1.00 41.77  ? 305 SER H CA  1 
ATOM   141  C  C   . SER A 1 18 ? 5.143   5.810   27.066  1.00 48.90  ? 305 SER H C   1 
ATOM   142  O  O   . SER A 1 18 ? 5.921   5.898   28.019  1.00 55.80  ? 305 SER H O   1 
ATOM   143  C  CB  . SER A 1 18 ? 2.911   6.935   27.173  1.00 31.33  ? 305 SER H CB  1 
ATOM   144  O  OG  . SER A 1 18 ? 2.211   5.868   26.579  1.00 66.57  ? 305 SER H OG  1 
ATOM   145  N  N   . LEU A 1 19 ? 4.969   4.675   26.394  1.00 47.78  ? 306 LEU H N   1 
ATOM   146  C  CA  . LEU A 1 19 ? 5.740   3.494   26.766  1.00 49.37  ? 306 LEU H CA  1 
ATOM   147  C  C   . LEU A 1 19 ? 7.210   3.795   26.538  1.00 53.68  ? 306 LEU H C   1 
ATOM   148  O  O   . LEU A 1 19 ? 8.060   3.390   27.322  1.00 57.87  ? 306 LEU H O   1 
ATOM   149  C  CB  . LEU A 1 19 ? 5.350   2.267   25.933  1.00 42.96  ? 306 LEU H CB  1 
ATOM   150  C  CG  . LEU A 1 19 ? 4.211   1.380   26.440  1.00 50.51  ? 306 LEU H CG  1 
ATOM   151  C  CD1 . LEU A 1 19 ? 4.138   0.140   25.587  1.00 38.61  ? 306 LEU H CD1 1 
ATOM   152  C  CD2 . LEU A 1 19 ? 4.444   0.977   27.881  1.00 56.22  ? 306 LEU H CD2 1 
ATOM   153  N  N   . ASN A 1 20 ? 7.498   4.518   25.460  1.00 53.90  ? 307 ASN H N   1 
ATOM   154  C  CA  . ASN A 1 20 ? 8.863   4.878   25.112  1.00 60.86  ? 307 ASN H CA  1 
ATOM   155  C  C   . ASN A 1 20 ? 9.490   5.721   26.218  1.00 63.12  ? 307 ASN H C   1 
ATOM   156  O  O   . ASN A 1 20 ? 10.619  5.476   26.651  1.00 64.36  ? 307 ASN H O   1 
ATOM   157  C  CB  . ASN A 1 20 ? 8.881   5.668   23.812  1.00 69.81  ? 307 ASN H CB  1 
ATOM   158  C  CG  . ASN A 1 20 ? 10.128  5.416   23.008  1.00 80.47  ? 307 ASN H CG  1 
ATOM   159  O  OD1 . ASN A 1 20 ? 11.203  5.185   23.565  1.00 81.61  ? 307 ASN H OD1 1 
ATOM   160  N  ND2 . ASN A 1 20 ? 10.000  5.468   21.690  1.00 98.40  ? 307 ASN H ND2 1 
ATOM   161  N  N   . ALA A 1 21 ? 8.758   6.731   26.664  1.00 62.66  ? 308 ALA H N   1 
ATOM   162  C  CA  . ALA A 1 21 ? 9.243   7.588   27.732  1.00 63.66  ? 308 ALA H CA  1 
ATOM   163  C  C   . ALA A 1 21 ? 9.722   6.697   28.886  1.00 67.60  ? 308 ALA H C   1 
ATOM   164  O  O   . ALA A 1 21 ? 10.770  6.939   29.485  1.00 70.88  ? 308 ALA H O   1 
ATOM   165  C  CB  . ALA A 1 21 ? 8.116   8.522   28.201  1.00 42.50  ? 308 ALA H CB  1 
ATOM   166  N  N   . ALA A 1 22 ? 8.951   5.649   29.164  1.00 69.77  ? 309 ALA H N   1 
ATOM   167  C  CA  . ALA A 1 22 ? 9.237   4.710   30.243  1.00 66.07  ? 309 ALA H CA  1 
ATOM   168  C  C   . ALA A 1 22 ? 10.518  3.899   30.088  1.00 71.33  ? 309 ALA H C   1 
ATOM   169  O  O   . ALA A 1 22 ? 11.380  3.925   30.959  1.00 76.70  ? 309 ALA H O   1 
ATOM   170  C  CB  . ALA A 1 22 ? 8.063   3.770   30.414  1.00 50.73  ? 309 ALA H CB  1 
ATOM   171  N  N   . SER A 1 23 ? 10.633  3.172   28.983  1.00 75.93  ? 310 SER H N   1 
ATOM   172  C  CA  . SER A 1 23 ? 11.794  2.327   28.722  1.00 80.01  ? 310 SER H CA  1 
ATOM   173  C  C   . SER A 1 23 ? 13.137  3.021   28.929  1.00 81.32  ? 310 SER H C   1 
ATOM   174  O  O   . SER A 1 23 ? 14.188  2.376   28.880  1.00 82.78  ? 310 SER H O   1 
ATOM   175  C  CB  . SER A 1 23 ? 11.722  1.778   27.297  1.00 89.29  ? 310 SER H CB  1 
ATOM   176  O  OG  . SER A 1 23 ? 11.704  2.833   26.348  1.00 96.07  ? 310 SER H OG  1 
ATOM   177  N  N   . LYS A 1 24 ? 13.101  4.333   29.147  1.00 79.90  ? 311 LYS H N   1 
ATOM   178  C  CA  . LYS A 1 24 ? 14.318  5.108   29.374  1.00 76.51  ? 311 LYS H CA  1 
ATOM   179  C  C   . LYS A 1 24 ? 14.288  5.741   30.769  1.00 68.48  ? 311 LYS H C   1 
ATOM   180  O  O   . LYS A 1 24 ? 14.828  6.826   31.001  1.00 64.96  ? 311 LYS H O   1 
ATOM   181  C  CB  . LYS A 1 24 ? 14.464  6.178   28.285  1.00 74.95  ? 311 LYS H CB  1 
ATOM   182  C  CG  . LYS A 1 24 ? 14.614  5.592   26.879  1.00 92.54  ? 311 LYS H CG  1 
ATOM   183  C  CD  . LYS A 1 24 ? 14.868  6.662   25.823  1.00 100.31 ? 311 LYS H CD  1 
ATOM   184  C  CE  . LYS A 1 24 ? 16.183  7.404   26.066  1.00 96.83  ? 311 LYS H CE  1 
ATOM   185  N  NZ  . LYS A 1 24 ? 16.415  8.492   25.067  1.00 83.79  ? 311 LYS H NZ  1 
ATOM   186  N  N   . THR A 1 25 ? 13.666  5.028   31.701  1.00 59.22  ? 312 THR H N   1 
ATOM   187  C  CA  . THR A 1 25 ? 13.538  5.505   33.061  1.00 61.09  ? 312 THR H CA  1 
ATOM   188  C  C   . THR A 1 25 ? 13.530  4.345   34.052  1.00 69.29  ? 312 THR H C   1 
ATOM   189  O  O   . THR A 1 25 ? 13.897  4.513   35.209  1.00 74.05  ? 312 THR H O   1 
ATOM   190  C  CB  . THR A 1 25 ? 12.242  6.313   33.214  1.00 60.62  ? 312 THR H CB  1 
ATOM   191  O  OG1 . THR A 1 25 ? 12.198  7.332   32.207  1.00 67.26  ? 312 THR H OG1 1 
ATOM   192  C  CG2 . THR A 1 25 ? 12.164  6.956   34.580  1.00 41.23  ? 312 THR H CG2 1 
ATOM   193  N  N   . GLY A 1 26 ? 13.111  3.170   33.599  1.00 76.52  ? 313 GLY H N   1 
ATOM   194  C  CA  . GLY A 1 26 ? 13.077  2.025   34.489  1.00 90.55  ? 313 GLY H CA  1 
ATOM   195  C  C   . GLY A 1 26 ? 12.117  2.184   35.655  1.00 104.47 ? 313 GLY H C   1 
ATOM   196  O  O   . GLY A 1 26 ? 12.331  1.626   36.734  1.00 104.33 ? 313 GLY H O   1 
ATOM   197  N  N   . ASN A 1 27 ? 11.058  2.958   35.442  1.00 114.48 ? 314 ASN H N   1 
ATOM   198  C  CA  . ASN A 1 27 ? 10.049  3.173   36.470  1.00 120.68 ? 314 ASN H CA  1 
ATOM   199  C  C   . ASN A 1 27 ? 9.127   1.960   36.395  1.00 123.59 ? 314 ASN H C   1 
ATOM   200  O  O   . ASN A 1 27 ? 8.241   1.778   37.232  1.00 124.85 ? 314 ASN H O   1 
ATOM   201  C  CB  . ASN A 1 27 ? 9.251   4.447   36.178  1.00 124.26 ? 314 ASN H CB  1 
ATOM   202  C  CG  . ASN A 1 27 ? 8.165   4.226   35.148  1.00 134.03 ? 314 ASN H CG  1 
ATOM   203  O  OD1 . ASN A 1 27 ? 8.364   3.515   34.165  1.00 143.25 ? 314 ASN H OD1 1 
ATOM   204  N  ND2 . ASN A 1 27 ? 7.009   4.842   35.360  1.00 133.12 ? 314 ASN H ND2 1 
ATOM   205  N  N   . SER A 1 28 ? 9.359   1.146   35.368  1.00 125.03 ? 315 SER H N   1 
ATOM   206  C  CA  . SER A 1 28 ? 8.600   -0.074  35.106  1.00 127.25 ? 315 SER H CA  1 
ATOM   207  C  C   . SER A 1 28 ? 7.179   -0.081  35.660  1.00 129.03 ? 315 SER H C   1 
ATOM   208  O  O   . SER A 1 28 ? 6.239   0.342   34.988  1.00 131.08 ? 315 SER H O   1 
ATOM   209  C  CB  . SER A 1 28 ? 9.360   -1.295  35.641  1.00 125.86 ? 315 SER H CB  1 
ATOM   210  O  OG  . SER A 1 28 ? 10.562  -1.512  34.924  1.00 117.65 ? 315 SER H OG  1 
ATOM   211  N  N   . ASN A 1 29 ? 7.032   -0.558  36.892  1.00 128.42 ? 316 ASN H N   1 
ATOM   212  C  CA  . ASN A 1 29 ? 5.729   -0.658  37.537  1.00 124.89 ? 316 ASN H CA  1 
ATOM   213  C  C   . ASN A 1 29 ? 4.728   0.434   37.174  1.00 118.18 ? 316 ASN H C   1 
ATOM   214  O  O   . ASN A 1 29 ? 3.660   0.133   36.643  1.00 119.56 ? 316 ASN H O   1 
ATOM   215  C  CB  . ASN A 1 29 ? 5.885   -0.704  39.056  1.00 132.76 ? 316 ASN H CB  1 
ATOM   216  C  CG  . ASN A 1 29 ? 4.613   -1.147  39.751  1.00 140.43 ? 316 ASN H CG  1 
ATOM   217  O  OD1 . ASN A 1 29 ? 4.090   -2.227  39.478  1.00 135.45 ? 316 ASN H OD1 1 
ATOM   218  N  ND2 . ASN A 1 29 ? 4.106   -0.311  40.651  1.00 147.12 ? 316 ASN H ND2 1 
ATOM   219  N  N   . GLU A 1 30 ? 5.061   1.691   37.456  1.00 107.98 ? 317 GLU H N   1 
ATOM   220  C  CA  . GLU A 1 30 ? 4.146   2.788   37.153  1.00 101.52 ? 317 GLU H CA  1 
ATOM   221  C  C   . GLU A 1 30 ? 3.422   2.558   35.840  1.00 95.72  ? 317 GLU H C   1 
ATOM   222  O  O   . GLU A 1 30 ? 2.224   2.277   35.813  1.00 91.84  ? 317 GLU H O   1 
ATOM   223  C  CB  . GLU A 1 30 ? 4.889   4.121   37.076  1.00 104.75 ? 317 GLU H CB  1 
ATOM   224  C  CG  . GLU A 1 30 ? 5.506   4.579   38.379  1.00 126.33 ? 317 GLU H CG  1 
ATOM   225  C  CD  . GLU A 1 30 ? 5.976   6.022   38.323  1.00 139.29 ? 317 GLU H CD  1 
ATOM   226  O  OE1 . GLU A 1 30 ? 6.802   6.349   37.443  1.00 147.94 ? 317 GLU H OE1 1 
ATOM   227  O  OE2 . GLU A 1 30 ? 5.520   6.830   39.160  1.00 139.35 ? 317 GLU H OE2 1 
ATOM   228  N  N   . VAL A 1 31 ? 4.166   2.680   34.749  1.00 93.97  ? 318 VAL H N   1 
ATOM   229  C  CA  . VAL A 1 31 ? 3.608   2.496   33.420  1.00 94.08  ? 318 VAL H CA  1 
ATOM   230  C  C   . VAL A 1 31 ? 2.979   1.116   33.253  1.00 93.17  ? 318 VAL H C   1 
ATOM   231  O  O   . VAL A 1 31 ? 1.880   0.996   32.716  1.00 91.76  ? 318 VAL H O   1 
ATOM   232  C  CB  . VAL A 1 31 ? 4.686   2.690   32.340  1.00 93.83  ? 318 VAL H CB  1 
ATOM   233  C  CG1 . VAL A 1 31 ? 4.088   2.469   30.964  1.00 102.30 ? 318 VAL H CG1 1 
ATOM   234  C  CG2 . VAL A 1 31 ? 5.272   4.086   32.446  1.00 95.04  ? 318 VAL H CG2 1 
ATOM   235  N  N   . LEU A 1 32 ? 3.677   0.078   33.703  1.00 94.32  ? 319 LEU H N   1 
ATOM   236  C  CA  . LEU A 1 32 ? 3.157   -1.277  33.591  1.00 96.14  ? 319 LEU H CA  1 
ATOM   237  C  C   . LEU A 1 32 ? 1.742   -1.298  34.130  1.00 101.86 ? 319 LEU H C   1 
ATOM   238  O  O   . LEU A 1 32 ? 0.862   -1.960  33.576  1.00 100.84 ? 319 LEU H O   1 
ATOM   239  C  CB  . LEU A 1 32 ? 4.038   -2.250  34.369  1.00 95.35  ? 319 LEU H CB  1 
ATOM   240  C  CG  . LEU A 1 32 ? 5.237   -2.774  33.576  1.00 104.03 ? 319 LEU H CG  1 
ATOM   241  C  CD1 . LEU A 1 32 ? 6.260   -3.374  34.521  1.00 119.46 ? 319 LEU H CD1 1 
ATOM   242  C  CD2 . LEU A 1 32 ? 4.758   -3.803  32.557  1.00 85.96  ? 319 LEU H CD2 1 
ATOM   243  N  N   . GLN A 1 33 ? 1.529   -0.561  35.215  1.00 108.60 ? 320 GLN H N   1 
ATOM   244  C  CA  . GLN A 1 33 ? 0.210   -0.462  35.822  1.00 112.22 ? 320 GLN H CA  1 
ATOM   245  C  C   . GLN A 1 33 ? -0.500  0.697   35.116  1.00 113.37 ? 320 GLN H C   1 
ATOM   246  O  O   . GLN A 1 33 ? -0.362  0.844   33.901  1.00 123.24 ? 320 GLN H O   1 
ATOM   247  C  CB  . GLN A 1 33 ? 0.335   -0.202  37.326  1.00 116.28 ? 320 GLN H CB  1 
ATOM   248  C  CG  . GLN A 1 33 ? 1.182   -1.237  38.073  1.00 131.11 ? 320 GLN H CG  1 
ATOM   249  C  CD  . GLN A 1 33 ? 0.833   -2.678  37.710  1.00 143.80 ? 320 GLN H CD  1 
ATOM   250  O  OE1 . GLN A 1 33 ? -0.332  -3.074  37.725  1.00 143.51 ? 320 GLN H OE1 1 
ATOM   251  N  NE2 . GLN A 1 33 ? 1.853   -3.472  37.393  1.00 147.52 ? 320 GLN H NE2 1 
ATOM   252  N  N   . ASP A 1 34 ? -1.243  1.523   35.847  1.00 104.44 ? 321 ASP H N   1 
ATOM   253  C  CA  . ASP A 1 34 ? -1.949  2.634   35.214  1.00 97.52  ? 321 ASP H CA  1 
ATOM   254  C  C   . ASP A 1 34 ? -2.954  2.059   34.217  1.00 96.60  ? 321 ASP H C   1 
ATOM   255  O  O   . ASP A 1 34 ? -2.575  1.518   33.178  1.00 99.76  ? 321 ASP H O   1 
ATOM   256  C  CB  . ASP A 1 34 ? -0.966  3.538   34.471  1.00 90.71  ? 321 ASP H CB  1 
ATOM   257  C  CG  . ASP A 1 34 ? -1.638  4.755   33.864  1.00 101.59 ? 321 ASP H CG  1 
ATOM   258  O  OD1 . ASP A 1 34 ? -2.774  4.634   33.351  1.00 97.93  ? 321 ASP H OD1 1 
ATOM   259  O  OD2 . ASP A 1 34 ? -1.021  5.838   33.887  1.00 115.69 ? 321 ASP H OD2 1 
ATOM   260  N  N   . PRO A 1 35 ? -4.255  2.194   34.507  1.00 91.82  ? 322 PRO H N   1 
ATOM   261  C  CA  . PRO A 1 35 ? -5.321  1.679   33.637  1.00 87.71  ? 322 PRO H CA  1 
ATOM   262  C  C   . PRO A 1 35 ? -5.368  2.252   32.218  1.00 84.34  ? 322 PRO H C   1 
ATOM   263  O  O   . PRO A 1 35 ? -5.790  1.566   31.284  1.00 80.78  ? 322 PRO H O   1 
ATOM   264  C  CB  . PRO A 1 35 ? -6.582  1.990   34.433  1.00 84.81  ? 322 PRO H CB  1 
ATOM   265  C  CG  . PRO A 1 35 ? -6.215  3.267   35.128  1.00 82.72  ? 322 PRO H CG  1 
ATOM   266  C  CD  . PRO A 1 35 ? -4.818  2.980   35.618  1.00 83.59  ? 322 PRO H CD  1 
ATOM   267  N  N   . HIS A 1 36 ? -4.939  3.503   32.060  1.00 83.82  ? 323 HIS H N   1 
ATOM   268  C  CA  . HIS A 1 36 ? -4.942  4.161   30.756  1.00 83.77  ? 323 HIS H CA  1 
ATOM   269  C  C   . HIS A 1 36 ? -4.024  3.419   29.785  1.00 82.10  ? 323 HIS H C   1 
ATOM   270  O  O   . HIS A 1 36 ? -4.422  3.074   28.666  1.00 78.21  ? 323 HIS H O   1 
ATOM   271  C  CB  . HIS A 1 36 ? -4.496  5.623   30.903  1.00 83.09  ? 323 HIS H CB  1 
ATOM   272  C  CG  . HIS A 1 36 ? -4.601  6.418   29.636  1.00 90.05  ? 323 HIS H CG  1 
ATOM   273  N  ND1 . HIS A 1 36 ? -5.720  6.392   28.830  1.00 91.12  ? 323 HIS H ND1 1 
ATOM   274  C  CD2 . HIS A 1 36 ? -3.729  7.265   29.038  1.00 89.64  ? 323 HIS H CD2 1 
ATOM   275  C  CE1 . HIS A 1 36 ? -5.531  7.183   27.788  1.00 80.83  ? 323 HIS H CE1 1 
ATOM   276  N  NE2 . HIS A 1 36 ? -4.331  7.726   27.891  1.00 81.00  ? 323 HIS H NE2 1 
ATOM   277  N  N   . ILE A 1 37 ? -2.792  3.179   30.219  1.00 78.16  ? 324 ILE H N   1 
ATOM   278  C  CA  . ILE A 1 37 ? -1.837  2.456   29.399  1.00 70.51  ? 324 ILE H CA  1 
ATOM   279  C  C   . ILE A 1 37 ? -2.424  1.092   29.088  1.00 69.98  ? 324 ILE H C   1 
ATOM   280  O  O   . ILE A 1 37 ? -2.373  0.625   27.953  1.00 68.97  ? 324 ILE H O   1 
ATOM   281  C  CB  . ILE A 1 37 ? -0.498  2.299   30.129  1.00 58.08  ? 324 ILE H CB  1 
ATOM   282  C  CG1 . ILE A 1 37 ? 0.191   3.659   30.191  1.00 68.20  ? 324 ILE H CG1 1 
ATOM   283  C  CG2 . ILE A 1 37 ? 0.384   1.296   29.418  1.00 65.22  ? 324 ILE H CG2 1 
ATOM   284  C  CD1 . ILE A 1 37 ? 0.219   4.408   28.852  1.00 55.38  ? 324 ILE H CD1 1 
ATOM   285  N  N   . GLY A 1 38 ? -2.989  0.455   30.106  1.00 68.49  ? 325 GLY H N   1 
ATOM   286  C  CA  . GLY A 1 38 ? -3.596  -0.838  29.890  1.00 70.88  ? 325 GLY H CA  1 
ATOM   287  C  C   . GLY A 1 38 ? -4.652  -0.674  28.820  1.00 73.24  ? 325 GLY H C   1 
ATOM   288  O  O   . GLY A 1 38 ? -4.696  -1.432  27.853  1.00 75.23  ? 325 GLY H O   1 
ATOM   289  N  N   . ASP A 1 39 ? -5.493  0.339   29.000  1.00 76.39  ? 326 ASP H N   1 
ATOM   290  C  CA  . ASP A 1 39 ? -6.575  0.659   28.070  1.00 82.51  ? 326 ASP H CA  1 
ATOM   291  C  C   . ASP A 1 39 ? -6.133  0.799   26.618  1.00 81.17  ? 326 ASP H C   1 
ATOM   292  O  O   . ASP A 1 39 ? -6.714  0.184   25.724  1.00 83.04  ? 326 ASP H O   1 
ATOM   293  C  CB  . ASP A 1 39 ? -7.254  1.952   28.503  1.00 92.93  ? 326 ASP H CB  1 
ATOM   294  C  CG  . ASP A 1 39 ? -8.167  1.753   29.678  1.00 109.86 ? 326 ASP H CG  1 
ATOM   295  O  OD1 . ASP A 1 39 ? -8.392  2.730   30.425  1.00 118.45 ? 326 ASP H OD1 1 
ATOM   296  O  OD2 . ASP A 1 39 ? -8.668  0.620   29.845  1.00 115.70 ? 326 ASP H OD2 1 
HETATM 297  N  N   . MSE A 1 40 ? -5.118  1.623   26.383  1.00 75.90  ? 327 MSE H N   1 
HETATM 298  C  CA  . MSE A 1 40 ? -4.617  1.829   25.032  1.00 74.77  ? 327 MSE H CA  1 
HETATM 299  C  C   . MSE A 1 40 ? -4.028  0.543   24.470  1.00 75.21  ? 327 MSE H C   1 
HETATM 300  O  O   . MSE A 1 40 ? -4.133  0.262   23.276  1.00 80.72  ? 327 MSE H O   1 
HETATM 301  C  CB  . MSE A 1 40 ? -3.547  2.906   25.030  1.00 75.54  ? 327 MSE H CB  1 
HETATM 302  C  CG  . MSE A 1 40 ? -3.962  4.169   25.721  1.00 74.09  ? 327 MSE H CG  1 
HETATM 303  SE SE  . MSE A 1 40 ? -2.720  5.536   25.263  1.00 89.53  ? 327 MSE H SE  1 
HETATM 304  C  CE  . MSE A 1 40 ? -3.664  6.296   23.765  1.00 87.23  ? 327 MSE H CE  1 
ATOM   305  N  N   . TYR A 1 41 ? -3.389  -0.229  25.336  1.00 66.59  ? 328 TYR H N   1 
ATOM   306  C  CA  . TYR A 1 41 ? -2.802  -1.488  24.925  1.00 57.39  ? 328 TYR H CA  1 
ATOM   307  C  C   . TYR A 1 41 ? -3.969  -2.401  24.591  1.00 61.98  ? 328 TYR H C   1 
ATOM   308  O  O   . TYR A 1 41 ? -3.967  -3.102  23.575  1.00 65.20  ? 328 TYR H O   1 
ATOM   309  C  CB  . TYR A 1 41 ? -2.014  -2.080  26.080  1.00 50.17  ? 328 TYR H CB  1 
ATOM   310  C  CG  . TYR A 1 41 ? -1.121  -3.236  25.711  1.00 42.48  ? 328 TYR H CG  1 
ATOM   311  C  CD1 . TYR A 1 41 ? 0.130   -3.021  25.141  1.00 44.47  ? 328 TYR H CD1 1 
ATOM   312  C  CD2 . TYR A 1 41 ? -1.513  -4.550  25.967  1.00 54.22  ? 328 TYR H CD2 1 
ATOM   313  C  CE1 . TYR A 1 41 ? 0.977   -4.090  24.843  1.00 69.50  ? 328 TYR H CE1 1 
ATOM   314  C  CE2 . TYR A 1 41 ? -0.676  -5.625  25.674  1.00 58.74  ? 328 TYR H CE2 1 
ATOM   315  C  CZ  . TYR A 1 41 ? 0.565   -5.389  25.116  1.00 65.85  ? 328 TYR H CZ  1 
ATOM   316  O  OH  . TYR A 1 41 ? 1.397   -6.447  24.854  1.00 77.51  ? 328 TYR H OH  1 
ATOM   317  N  N   . GLY A 1 42 ? -4.972  -2.365  25.464  1.00 63.18  ? 329 GLY H N   1 
ATOM   318  C  CA  . GLY A 1 42 ? -6.153  -3.192  25.305  1.00 64.38  ? 329 GLY H CA  1 
ATOM   319  C  C   . GLY A 1 42 ? -6.954  -2.952  24.041  1.00 65.80  ? 329 GLY H C   1 
ATOM   320  O  O   . GLY A 1 42 ? -7.887  -3.701  23.748  1.00 70.83  ? 329 GLY H O   1 
ATOM   321  N  N   . SER A 1 43 ? -6.605  -1.912  23.292  1.00 62.04  ? 330 SER H N   1 
ATOM   322  C  CA  . SER A 1 43 ? -7.314  -1.604  22.059  1.00 62.44  ? 330 SER H CA  1 
ATOM   323  C  C   . SER A 1 43 ? -6.375  -1.631  20.862  1.00 65.89  ? 330 SER H C   1 
ATOM   324  O  O   . SER A 1 43 ? -6.811  -1.814  19.728  1.00 71.25  ? 330 SER H O   1 
ATOM   325  C  CB  . SER A 1 43 ? -7.985  -0.232  22.160  1.00 69.43  ? 330 SER H CB  1 
ATOM   326  O  OG  . SER A 1 43 ? -7.032  0.805   22.277  1.00 74.72  ? 330 SER H OG  1 
ATOM   327  N  N   . VAL A 1 44 ? -5.083  -1.457  21.117  1.00 65.31  ? 331 VAL H N   1 
ATOM   328  C  CA  . VAL A 1 44 ? -4.089  -1.461  20.052  1.00 67.14  ? 331 VAL H CA  1 
ATOM   329  C  C   . VAL A 1 44 ? -3.615  -2.879  19.757  1.00 66.82  ? 331 VAL H C   1 
ATOM   330  O  O   . VAL A 1 44 ? -3.660  -3.334  18.610  1.00 58.69  ? 331 VAL H O   1 
ATOM   331  C  CB  . VAL A 1 44 ? -2.864  -0.594  20.436  1.00 60.29  ? 331 VAL H CB  1 
ATOM   332  C  CG1 . VAL A 1 44 ? -1.771  -0.721  19.386  1.00 67.10  ? 331 VAL H CG1 1 
ATOM   333  C  CG2 . VAL A 1 44 ? -3.278  0.865   20.600  1.00 63.65  ? 331 VAL H CG2 1 
ATOM   334  N  N   . THR A 1 45 ? -3.163  -3.563  20.799  1.00 68.93  ? 332 THR H N   1 
ATOM   335  C  CA  . THR A 1 45 ? -2.667  -4.919  20.712  1.00 73.42  ? 332 THR H CA  1 
ATOM   336  C  C   . THR A 1 45 ? -3.481  -5.823  19.793  1.00 73.82  ? 332 THR H C   1 
ATOM   337  O  O   . THR A 1 45 ? -2.891  -6.544  18.979  1.00 73.84  ? 332 THR H O   1 
ATOM   338  C  CB  . THR A 1 45 ? -2.599  -5.554  22.113  1.00 75.17  ? 332 THR H CB  1 
ATOM   339  O  OG1 . THR A 1 45 ? -2.011  -4.627  23.034  1.00 77.18  ? 332 THR H OG1 1 
ATOM   340  C  CG2 . THR A 1 45 ? -1.766  -6.827  22.080  1.00 78.26  ? 332 THR H CG2 1 
ATOM   341  N  N   . PRO A 1 46 ? -4.819  -5.789  19.877  1.00 70.62  ? 333 PRO H N   1 
ATOM   342  C  CA  . PRO A 1 46 ? -5.698  -6.667  19.068  1.00 66.84  ? 333 PRO H CA  1 
ATOM   343  C  C   . PRO A 1 46 ? -5.748  -6.325  17.573  1.00 68.67  ? 333 PRO H C   1 
ATOM   344  O  O   . PRO A 1 46 ? -6.297  -7.087  16.778  1.00 69.20  ? 333 PRO H O   1 
ATOM   345  C  CB  . PRO A 1 46 ? -7.055  -6.483  19.710  1.00 66.15  ? 333 PRO H CB  1 
ATOM   346  C  CG  . PRO A 1 46 ? -6.982  -5.106  20.267  1.00 64.94  ? 333 PRO H CG  1 
ATOM   347  C  CD  . PRO A 1 46 ? -5.604  -4.987  20.839  1.00 56.35  ? 333 PRO H CD  1 
ATOM   348  N  N   . LEU A 1 47 ? -5.186  -5.184  17.190  1.00 70.01  ? 334 LEU H N   1 
ATOM   349  C  CA  . LEU A 1 47 ? -5.185  -4.764  15.789  1.00 64.35  ? 334 LEU H CA  1 
ATOM   350  C  C   . LEU A 1 47 ? -4.088  -5.467  14.997  1.00 57.27  ? 334 LEU H C   1 
ATOM   351  O  O   . LEU A 1 47 ? -4.034  -5.383  13.772  1.00 46.98  ? 334 LEU H O   1 
ATOM   352  C  CB  . LEU A 1 47 ? -4.982  -3.248  15.698  1.00 69.37  ? 334 LEU H CB  1 
ATOM   353  C  CG  . LEU A 1 47 ? -6.186  -2.318  15.879  1.00 62.59  ? 334 LEU H CG  1 
ATOM   354  C  CD1 . LEU A 1 47 ? -7.202  -2.929  16.820  1.00 62.93  ? 334 LEU H CD1 1 
ATOM   355  C  CD2 . LEU A 1 47 ? -5.688  -0.971  16.405  1.00 51.99  ? 334 LEU H CD2 1 
ATOM   356  N  N   . ARG A 1 48 ? -3.213  -6.167  15.699  1.00 59.11  ? 335 ARG H N   1 
ATOM   357  C  CA  . ARG A 1 48 ? -2.135  -6.847  15.020  1.00 65.87  ? 335 ARG H CA  1 
ATOM   358  C  C   . ARG A 1 48 ? -2.642  -7.653  13.826  1.00 70.00  ? 335 ARG H C   1 
ATOM   359  O  O   . ARG A 1 48 ? -2.119  -7.518  12.724  1.00 77.72  ? 335 ARG H O   1 
ATOM   360  C  CB  . ARG A 1 48 ? -1.374  -7.741  15.996  1.00 62.40  ? 335 ARG H CB  1 
ATOM   361  C  CG  . ARG A 1 48 ? 0.095   -7.861  15.653  1.00 63.86  ? 335 ARG H CG  1 
ATOM   362  C  CD  . ARG A 1 48 ? 0.584   -6.593  14.981  1.00 62.84  ? 335 ARG H CD  1 
ATOM   363  N  NE  . ARG A 1 48 ? 1.998   -6.650  14.639  1.00 68.85  ? 335 ARG H NE  1 
ATOM   364  C  CZ  . ARG A 1 48 ? 2.979   -6.692  15.534  1.00 57.22  ? 335 ARG H CZ  1 
ATOM   365  N  NH1 . ARG A 1 48 ? 2.689   -6.682  16.830  1.00 42.21  ? 335 ARG H NH1 1 
ATOM   366  N  NH2 . ARG A 1 48 ? 4.244   -6.737  15.131  1.00 46.75  ? 335 ARG H NH2 1 
ATOM   367  N  N   . PRO A 1 49 ? -3.672  -8.495  14.026  1.00 67.84  ? 336 PRO H N   1 
ATOM   368  C  CA  . PRO A 1 49 ? -4.231  -9.310  12.942  1.00 64.45  ? 336 PRO H CA  1 
ATOM   369  C  C   . PRO A 1 49 ? -4.774  -8.483  11.778  1.00 58.97  ? 336 PRO H C   1 
ATOM   370  O  O   . PRO A 1 49 ? -4.307  -8.612  10.645  1.00 55.56  ? 336 PRO H O   1 
ATOM   371  C  CB  . PRO A 1 49 ? -5.327  -10.105 13.644  1.00 70.54  ? 336 PRO H CB  1 
ATOM   372  C  CG  . PRO A 1 49 ? -4.767  -10.289 15.018  1.00 72.03  ? 336 PRO H CG  1 
ATOM   373  C  CD  . PRO A 1 49 ? -4.242  -8.904  15.322  1.00 74.74  ? 336 PRO H CD  1 
ATOM   374  N  N   . GLN A 1 50 ? -5.773  -7.652  12.061  1.00 59.90  ? 337 GLN H N   1 
ATOM   375  C  CA  . GLN A 1 50 ? -6.374  -6.793  11.042  1.00 67.01  ? 337 GLN H CA  1 
ATOM   376  C  C   . GLN A 1 50 ? -5.254  -6.111  10.283  1.00 69.98  ? 337 GLN H C   1 
ATOM   377  O  O   . GLN A 1 50 ? -5.197  -6.161  9.057   1.00 76.37  ? 337 GLN H O   1 
ATOM   378  C  CB  . GLN A 1 50 ? -7.248  -5.729  11.699  1.00 75.44  ? 337 GLN H CB  1 
ATOM   379  C  CG  . GLN A 1 50 ? -8.733  -5.872  11.439  1.00 95.30  ? 337 GLN H CG  1 
ATOM   380  C  CD  . GLN A 1 50 ? -9.551  -4.958  12.335  1.00 109.92 ? 337 GLN H CD  1 
ATOM   381  O  OE1 . GLN A 1 50 ? -9.546  -5.109  13.557  1.00 113.11 ? 337 GLN H OE1 1 
ATOM   382  N  NE2 . GLN A 1 50 ? -10.253 -4.001  11.731  1.00 111.64 ? 337 GLN H NE2 1 
ATOM   383  N  N   . VAL A 1 51 ? -4.365  -5.471  11.037  1.00 66.02  ? 338 VAL H N   1 
ATOM   384  C  CA  . VAL A 1 51 ? -3.212  -4.777  10.478  1.00 59.71  ? 338 VAL H CA  1 
ATOM   385  C  C   . VAL A 1 51 ? -2.363  -5.719  9.637   1.00 55.15  ? 338 VAL H C   1 
ATOM   386  O  O   . VAL A 1 51 ? -1.846  -5.339  8.589   1.00 53.12  ? 338 VAL H O   1 
ATOM   387  C  CB  . VAL A 1 51 ? -2.325  -4.193  11.600  1.00 64.23  ? 338 VAL H CB  1 
ATOM   388  C  CG1 . VAL A 1 51 ? -0.954  -3.754  11.029  1.00 45.17  ? 338 VAL H CG1 1 
ATOM   389  C  CG2 . VAL A 1 51 ? -3.056  -3.024  12.271  1.00 58.05  ? 338 VAL H CG2 1 
ATOM   390  N  N   . THR A 1 52 ? -2.217  -6.950  10.107  1.00 54.88  ? 339 THR H N   1 
ATOM   391  C  CA  . THR A 1 52 ? -1.422  -7.927  9.389   1.00 54.97  ? 339 THR H CA  1 
ATOM   392  C  C   . THR A 1 52 ? -2.103  -8.217  8.072   1.00 53.27  ? 339 THR H C   1 
ATOM   393  O  O   . THR A 1 52 ? -1.457  -8.306  7.028   1.00 53.48  ? 339 THR H O   1 
ATOM   394  C  CB  . THR A 1 52 ? -1.279  -9.209  10.200  1.00 52.33  ? 339 THR H CB  1 
ATOM   395  O  OG1 . THR A 1 52 ? -0.629  -8.905  11.442  1.00 71.36  ? 339 THR H OG1 1 
ATOM   396  C  CG2 . THR A 1 52 ? -0.443  -10.218 9.447   1.00 59.69  ? 339 THR H CG2 1 
ATOM   397  N  N   . ARG A 1 53 ? -3.420  -8.351  8.128   1.00 55.15  ? 340 ARG H N   1 
ATOM   398  C  CA  . ARG A 1 53 ? -4.201  -8.616  6.936   1.00 63.05  ? 340 ARG H CA  1 
ATOM   399  C  C   . ARG A 1 53 ? -3.976  -7.473  5.942   1.00 68.02  ? 340 ARG H C   1 
ATOM   400  O  O   . ARG A 1 53 ? -3.347  -7.656  4.896   1.00 73.50  ? 340 ARG H O   1 
ATOM   401  C  CB  . ARG A 1 53 ? -5.686  -8.724  7.301   1.00 70.56  ? 340 ARG H CB  1 
ATOM   402  C  CG  . ARG A 1 53 ? -6.590  -9.090  6.131   1.00 86.95  ? 340 ARG H CG  1 
ATOM   403  C  CD  . ARG A 1 53 ? -8.049  -9.201  6.562   1.00 111.44 ? 340 ARG H CD  1 
ATOM   404  N  NE  . ARG A 1 53 ? -8.641  -7.924  6.974   1.00 125.84 ? 340 ARG H NE  1 
ATOM   405  C  CZ  . ARG A 1 53 ? -8.865  -6.892  6.162   1.00 118.28 ? 340 ARG H CZ  1 
ATOM   406  N  NH1 . ARG A 1 53 ? -8.545  -6.965  4.877   1.00 116.89 ? 340 ARG H NH1 1 
ATOM   407  N  NH2 . ARG A 1 53 ? -9.429  -5.786  6.636   1.00 108.35 ? 340 ARG H NH2 1 
HETATM 408  N  N   . MSE A 1 54 ? -4.479  -6.291  6.286   1.00 65.57  ? 341 MSE H N   1 
HETATM 409  C  CA  . MSE A 1 54 ? -4.351  -5.112  5.438   1.00 59.16  ? 341 MSE H CA  1 
HETATM 410  C  C   . MSE A 1 54 ? -2.974  -4.924  4.821   1.00 59.21  ? 341 MSE H C   1 
HETATM 411  O  O   . MSE A 1 54 ? -2.851  -4.395  3.719   1.00 57.74  ? 341 MSE H O   1 
HETATM 412  C  CB  . MSE A 1 54 ? -4.727  -3.865  6.227   1.00 52.88  ? 341 MSE H CB  1 
HETATM 413  C  CG  . MSE A 1 54 ? -6.201  -3.763  6.511   1.00 71.19  ? 341 MSE H CG  1 
HETATM 414  SE SE  . MSE A 1 54 ? -6.659  -2.139  7.437   1.00 95.75  ? 341 MSE H SE  1 
HETATM 415  C  CE  . MSE A 1 54 ? -8.076  -2.833  8.568   1.00 105.88 ? 341 MSE H CE  1 
ATOM   416  N  N   . LEU A 1 55 ? -1.928  -5.347  5.521   1.00 64.68  ? 342 LEU H N   1 
ATOM   417  C  CA  . LEU A 1 55 ? -0.589  -5.192  4.973   1.00 66.33  ? 342 LEU H CA  1 
ATOM   418  C  C   . LEU A 1 55 ? -0.480  -5.988  3.691   1.00 64.56  ? 342 LEU H C   1 
ATOM   419  O  O   . LEU A 1 55 ? -0.120  -5.437  2.651   1.00 65.01  ? 342 LEU H O   1 
ATOM   420  C  CB  . LEU A 1 55 ? 0.481   -5.646  5.973   1.00 63.00  ? 342 LEU H CB  1 
ATOM   421  C  CG  . LEU A 1 55 ? 0.841   -4.578  7.013   1.00 58.73  ? 342 LEU H CG  1 
ATOM   422  C  CD1 . LEU A 1 55 ? 1.768   -5.170  8.051   1.00 49.01  ? 342 LEU H CD1 1 
ATOM   423  C  CD2 . LEU A 1 55 ? 1.486   -3.365  6.324   1.00 47.05  ? 342 LEU H CD2 1 
ATOM   424  N  N   . GLY A 1 56 ? -0.814  -7.274  3.770   1.00 62.40  ? 343 GLY H N   1 
ATOM   425  C  CA  . GLY A 1 56 ? -0.748  -8.137  2.602   1.00 62.96  ? 343 GLY H CA  1 
ATOM   426  C  C   . GLY A 1 56 ? -1.541  -7.601  1.425   1.00 57.98  ? 343 GLY H C   1 
ATOM   427  O  O   . GLY A 1 56 ? -1.050  -7.555  0.290   1.00 51.35  ? 343 GLY H O   1 
ATOM   428  N  N   . LYS A 1 57 ? -2.775  -7.194  1.705   1.00 52.24  ? 344 LYS H N   1 
ATOM   429  C  CA  . LYS A 1 57 ? -3.663  -6.642  0.686   1.00 51.49  ? 344 LYS H CA  1 
ATOM   430  C  C   . LYS A 1 57 ? -2.965  -5.524  -0.085  1.00 50.88  ? 344 LYS H C   1 
ATOM   431  O  O   . LYS A 1 57 ? -2.569  -5.685  -1.239  1.00 48.60  ? 344 LYS H O   1 
ATOM   432  C  CB  . LYS A 1 57 ? -4.927  -6.093  1.355   1.00 52.63  ? 344 LYS H CB  1 
ATOM   433  C  CG  . LYS A 1 57 ? -5.913  -5.405  0.419   1.00 36.91  ? 344 LYS H CG  1 
ATOM   434  C  CD  . LYS A 1 57 ? -7.124  -4.936  1.214   1.00 51.71  ? 344 LYS H CD  1 
ATOM   435  C  CE  . LYS A 1 57 ? -8.313  -4.613  0.321   1.00 54.65  ? 344 LYS H CE  1 
ATOM   436  N  NZ  . LYS A 1 57 ? -8.062  -3.496  -0.621  1.00 55.26  ? 344 LYS H NZ  1 
ATOM   437  N  N   . TYR A 1 58 ? -2.803  -4.385  0.572   1.00 53.25  ? 345 TYR H N   1 
ATOM   438  C  CA  . TYR A 1 58 ? -2.165  -3.248  -0.056  1.00 51.81  ? 345 TYR H CA  1 
ATOM   439  C  C   . TYR A 1 58 ? -0.767  -3.571  -0.564  1.00 51.66  ? 345 TYR H C   1 
ATOM   440  O  O   . TYR A 1 58 ? -0.259  -2.919  -1.484  1.00 49.21  ? 345 TYR H O   1 
ATOM   441  C  CB  . TYR A 1 58 ? -2.170  -2.079  0.919   1.00 45.45  ? 345 TYR H CB  1 
ATOM   442  C  CG  . TYR A 1 58 ? -3.582  -1.669  1.242   1.00 50.55  ? 345 TYR H CG  1 
ATOM   443  C  CD1 . TYR A 1 58 ? -4.257  -2.208  2.333   1.00 61.82  ? 345 TYR H CD1 1 
ATOM   444  C  CD2 . TYR A 1 58 ? -4.276  -0.801  0.408   1.00 55.32  ? 345 TYR H CD2 1 
ATOM   445  C  CE1 . TYR A 1 58 ? -5.591  -1.891  2.584   1.00 64.95  ? 345 TYR H CE1 1 
ATOM   446  C  CE2 . TYR A 1 58 ? -5.603  -0.481  0.647   1.00 66.56  ? 345 TYR H CE2 1 
ATOM   447  C  CZ  . TYR A 1 58 ? -6.257  -1.027  1.735   1.00 65.04  ? 345 TYR H CZ  1 
ATOM   448  O  OH  . TYR A 1 58 ? -7.577  -0.708  1.955   1.00 75.94  ? 345 TYR H OH  1 
ATOM   449  N  N   . ALA A 1 59 ? -0.152  -4.589  0.025   1.00 50.45  ? 346 ALA H N   1 
ATOM   450  C  CA  . ALA A 1 59 ? 1.171   -5.006  -0.408  1.00 45.90  ? 346 ALA H CA  1 
ATOM   451  C  C   . ALA A 1 59 ? 0.973   -5.511  -1.827  1.00 44.60  ? 346 ALA H C   1 
ATOM   452  O  O   . ALA A 1 59 ? 1.670   -5.088  -2.755  1.00 38.63  ? 346 ALA H O   1 
ATOM   453  C  CB  . ALA A 1 59 ? 1.698   -6.125  0.484   1.00 41.25  ? 346 ALA H CB  1 
ATOM   454  N  N   . LYS A 1 60 ? -0.004  -6.404  -1.979  1.00 47.54  ? 347 LYS H N   1 
ATOM   455  C  CA  . LYS A 1 60 ? -0.326  -6.998  -3.275  1.00 52.17  ? 347 LYS H CA  1 
ATOM   456  C  C   . LYS A 1 60 ? -0.719  -5.940  -4.280  1.00 50.17  ? 347 LYS H C   1 
ATOM   457  O  O   . LYS A 1 60 ? -0.020  -5.712  -5.265  1.00 55.05  ? 347 LYS H O   1 
ATOM   458  C  CB  . LYS A 1 60 ? -1.478  -8.005  -3.149  1.00 53.96  ? 347 LYS H CB  1 
ATOM   459  C  CG  . LYS A 1 60 ? -1.080  -9.474  -3.292  1.00 75.12  ? 347 LYS H CG  1 
ATOM   460  C  CD  . LYS A 1 60 ? -0.617  -9.843  -4.711  1.00 80.36  ? 347 LYS H CD  1 
ATOM   461  C  CE  . LYS A 1 60 ? 0.782   -9.333  -5.041  1.00 70.68  ? 347 LYS H CE  1 
ATOM   462  N  NZ  . LYS A 1 60 ? 1.190   -9.745  -6.412  1.00 74.41  ? 347 LYS H NZ  1 
ATOM   463  N  N   . GLU A 1 61 ? -1.848  -5.298  -4.015  1.00 46.52  ? 348 GLU H N   1 
ATOM   464  C  CA  . GLU A 1 61 ? -2.364  -4.266  -4.889  1.00 47.96  ? 348 GLU H CA  1 
ATOM   465  C  C   . GLU A 1 61 ? -1.261  -3.369  -5.440  1.00 50.21  ? 348 GLU H C   1 
ATOM   466  O  O   . GLU A 1 61 ? -1.157  -3.180  -6.651  1.00 45.41  ? 348 GLU H O   1 
ATOM   467  C  CB  . GLU A 1 61 ? -3.404  -3.439  -4.139  1.00 43.16  ? 348 GLU H CB  1 
ATOM   468  C  CG  . GLU A 1 61 ? -4.477  -4.294  -3.478  1.00 40.08  ? 348 GLU H CG  1 
ATOM   469  C  CD  . GLU A 1 61 ? -5.755  -3.522  -3.207  1.00 63.69  ? 348 GLU H CD  1 
ATOM   470  O  OE1 . GLU A 1 61 ? -6.740  -4.139  -2.752  1.00 69.58  ? 348 GLU H OE1 1 
ATOM   471  O  OE2 . GLU A 1 61 ? -5.776  -2.297  -3.448  1.00 76.81  ? 348 GLU H OE2 1 
ATOM   472  N  N   . LYS A 1 62 ? -0.426  -2.833  -4.555  1.00 52.58  ? 349 LYS H N   1 
ATOM   473  C  CA  . LYS A 1 62 ? 0.653   -1.958  -4.987  1.00 52.76  ? 349 LYS H CA  1 
ATOM   474  C  C   . LYS A 1 62 ? 1.538   -2.676  -6.003  1.00 50.10  ? 349 LYS H C   1 
ATOM   475  O  O   . LYS A 1 62 ? 1.990   -2.082  -6.989  1.00 44.41  ? 349 LYS H O   1 
ATOM   476  C  CB  . LYS A 1 62 ? 1.481   -1.496  -3.783  1.00 51.70  ? 349 LYS H CB  1 
ATOM   477  C  CG  . LYS A 1 62 ? 2.462   -0.386  -4.123  1.00 43.25  ? 349 LYS H CG  1 
ATOM   478  C  CD  . LYS A 1 62 ? 3.372   -0.094  -2.960  1.00 65.65  ? 349 LYS H CD  1 
ATOM   479  C  CE  . LYS A 1 62 ? 4.582   0.704   -3.410  1.00 80.14  ? 349 LYS H CE  1 
ATOM   480  N  NZ  . LYS A 1 62 ? 5.547   0.910   -2.291  1.00 89.72  ? 349 LYS H NZ  1 
ATOM   481  N  N   . GLU A 1 63 ? 1.781   -3.957  -5.753  1.00 53.89  ? 350 GLU H N   1 
ATOM   482  C  CA  . GLU A 1 63 ? 2.586   -4.774  -6.654  1.00 57.56  ? 350 GLU H CA  1 
ATOM   483  C  C   . GLU A 1 63 ? 1.930   -4.817  -8.040  1.00 58.55  ? 350 GLU H C   1 
ATOM   484  O  O   . GLU A 1 63 ? 2.595   -4.624  -9.064  1.00 58.75  ? 350 GLU H O   1 
ATOM   485  C  CB  . GLU A 1 63 ? 2.712   -6.195  -6.091  1.00 53.30  ? 350 GLU H CB  1 
ATOM   486  C  CG  . GLU A 1 63 ? 3.112   -7.242  -7.118  1.00 90.81  ? 350 GLU H CG  1 
ATOM   487  C  CD  . GLU A 1 63 ? 4.466   -6.967  -7.760  1.00 113.72 ? 350 GLU H CD  1 
ATOM   488  O  OE1 . GLU A 1 63 ? 4.667   -5.849  -8.288  1.00 119.02 ? 350 GLU H OE1 1 
ATOM   489  O  OE2 . GLU A 1 63 ? 5.328   -7.876  -7.745  1.00 114.13 ? 350 GLU H OE2 1 
ATOM   490  N  N   . ASP A 1 64 ? 0.620   -5.055  -8.053  1.00 51.48  ? 351 ASP H N   1 
ATOM   491  C  CA  . ASP A 1 64 ? -0.172  -5.143  -9.275  1.00 47.26  ? 351 ASP H CA  1 
ATOM   492  C  C   . ASP A 1 64 ? -0.173  -3.865  -10.106 1.00 46.79  ? 351 ASP H C   1 
ATOM   493  O  O   . ASP A 1 64 ? 0.181   -3.875  -11.281 1.00 44.63  ? 351 ASP H O   1 
ATOM   494  C  CB  . ASP A 1 64 ? -1.600  -5.518  -8.907  1.00 58.89  ? 351 ASP H CB  1 
ATOM   495  C  CG  . ASP A 1 64 ? -1.653  -6.593  -7.835  1.00 80.88  ? 351 ASP H CG  1 
ATOM   496  O  OD1 . ASP A 1 64 ? -0.890  -7.581  -7.940  1.00 71.49  ? 351 ASP H OD1 1 
ATOM   497  O  OD2 . ASP A 1 64 ? -2.456  -6.448  -6.886  1.00 90.44  ? 351 ASP H OD2 1 
HETATM 498  N  N   . MSE A 1 65 ? -0.585  -2.766  -9.494  1.00 47.25  ? 352 MSE H N   1 
HETATM 499  C  CA  . MSE A 1 65 ? -0.603  -1.483  -10.173 1.00 45.65  ? 352 MSE H CA  1 
HETATM 500  C  C   . MSE A 1 65 ? 0.731   -1.197  -10.852 1.00 48.68  ? 352 MSE H C   1 
HETATM 501  O  O   . MSE A 1 65 ? 0.768   -0.704  -11.983 1.00 53.55  ? 352 MSE H O   1 
HETATM 502  C  CB  . MSE A 1 65 ? -0.908  -0.372  -9.168  1.00 51.02  ? 352 MSE H CB  1 
HETATM 503  C  CG  . MSE A 1 65 ? -2.304  -0.431  -8.586  1.00 50.84  ? 352 MSE H CG  1 
HETATM 504  SE SE  . MSE A 1 65 ? -3.647  -0.231  -9.953  1.00 88.72  ? 352 MSE H SE  1 
HETATM 505  C  CE  . MSE A 1 65 ? -3.706  -2.050  -10.603 1.00 90.34  ? 352 MSE H CE  1 
ATOM   506  N  N   . LEU A 1 66 ? 1.828   -1.500  -10.161 1.00 48.44  ? 353 LEU H N   1 
ATOM   507  C  CA  . LEU A 1 66 ? 3.172   -1.267  -10.701 1.00 56.90  ? 353 LEU H CA  1 
ATOM   508  C  C   . LEU A 1 66 ? 3.465   -2.114  -11.939 1.00 56.92  ? 353 LEU H C   1 
ATOM   509  O  O   . LEU A 1 66 ? 4.123   -1.671  -12.886 1.00 55.31  ? 353 LEU H O   1 
ATOM   510  C  CB  . LEU A 1 66 ? 4.218   -1.546  -9.621  1.00 63.18  ? 353 LEU H CB  1 
ATOM   511  C  CG  . LEU A 1 66 ? 4.261   -0.523  -8.484  1.00 78.87  ? 353 LEU H CG  1 
ATOM   512  C  CD1 . LEU A 1 66 ? 5.042   -1.071  -7.301  1.00 87.73  ? 353 LEU H CD1 1 
ATOM   513  C  CD2 . LEU A 1 66 ? 4.881   0.763   -8.999  1.00 69.85  ? 353 LEU H CD2 1 
ATOM   514  N  N   . SER A 1 67 ? 2.971   -3.342  -11.916 1.00 55.24  ? 354 SER H N   1 
ATOM   515  C  CA  . SER A 1 67 ? 3.152   -4.252  -13.024 1.00 52.91  ? 354 SER H CA  1 
ATOM   516  C  C   . SER A 1 67 ? 2.263   -3.781  -14.178 1.00 53.93  ? 354 SER H C   1 
ATOM   517  O  O   . SER A 1 67 ? 2.689   -3.716  -15.331 1.00 55.79  ? 354 SER H O   1 
ATOM   518  C  CB  . SER A 1 67 ? 2.762   -5.654  -12.580 1.00 53.75  ? 354 SER H CB  1 
ATOM   519  O  OG  . SER A 1 67 ? 3.394   -5.976  -11.355 1.00 60.92  ? 354 SER H OG  1 
ATOM   520  N  N   . LEU A 1 68 ? 1.020   -3.442  -13.862 1.00 50.85  ? 355 LEU H N   1 
ATOM   521  C  CA  . LEU A 1 68 ? 0.104   -2.974  -14.887 1.00 43.81  ? 355 LEU H CA  1 
ATOM   522  C  C   . LEU A 1 68 ? 0.680   -1.714  -15.514 1.00 45.33  ? 355 LEU H C   1 
ATOM   523  O  O   . LEU A 1 68 ? 0.764   -1.618  -16.741 1.00 45.13  ? 355 LEU H O   1 
ATOM   524  C  CB  . LEU A 1 68 ? -1.268  -2.658  -14.290 1.00 50.40  ? 355 LEU H CB  1 
ATOM   525  C  CG  . LEU A 1 68 ? -2.509  -3.144  -15.056 1.00 61.23  ? 355 LEU H CG  1 
ATOM   526  C  CD1 . LEU A 1 68 ? -3.696  -2.224  -14.756 1.00 45.84  ? 355 LEU H CD1 1 
ATOM   527  C  CD2 . LEU A 1 68 ? -2.231  -3.163  -16.549 1.00 62.69  ? 355 LEU H CD2 1 
ATOM   528  N  N   . ARG A 1 69 ? 1.075   -0.750  -14.673 1.00 43.63  ? 356 ARG H N   1 
ATOM   529  C  CA  . ARG A 1 69 ? 1.649   0.507   -15.166 1.00 39.73  ? 356 ARG H CA  1 
ATOM   530  C  C   . ARG A 1 69 ? 2.866   0.237   -16.059 1.00 35.72  ? 356 ARG H C   1 
ATOM   531  O  O   . ARG A 1 69 ? 3.090   0.909   -17.077 1.00 24.85  ? 356 ARG H O   1 
ATOM   532  C  CB  . ARG A 1 69 ? 2.062   1.431   -14.014 1.00 23.08  ? 356 ARG H CB  1 
ATOM   533  C  CG  . ARG A 1 69 ? 2.530   2.795   -14.548 1.00 39.99  ? 356 ARG H CG  1 
ATOM   534  C  CD  . ARG A 1 69 ? 2.802   3.854   -13.487 1.00 53.56  ? 356 ARG H CD  1 
ATOM   535  N  NE  . ARG A 1 69 ? 3.905   3.517   -12.591 1.00 74.58  ? 356 ARG H NE  1 
ATOM   536  C  CZ  . ARG A 1 69 ? 4.435   4.374   -11.722 1.00 92.02  ? 356 ARG H CZ  1 
ATOM   537  N  NH1 . ARG A 1 69 ? 3.962   5.612   -11.646 1.00 104.20 ? 356 ARG H NH1 1 
ATOM   538  N  NH2 . ARG A 1 69 ? 5.425   3.998   -10.923 1.00 93.54  ? 356 ARG H NH2 1 
ATOM   539  N  N   . GLN A 1 70 ? 3.657   -0.750  -15.668 1.00 30.94  ? 357 GLN H N   1 
ATOM   540  C  CA  . GLN A 1 70 ? 4.810   -1.103  -16.458 1.00 35.23  ? 357 GLN H CA  1 
ATOM   541  C  C   . GLN A 1 70 ? 4.342   -1.527  -17.854 1.00 34.73  ? 357 GLN H C   1 
ATOM   542  O  O   . GLN A 1 70 ? 4.906   -1.103  -18.853 1.00 36.28  ? 357 GLN H O   1 
ATOM   543  C  CB  . GLN A 1 70 ? 5.578   -2.235  -15.772 1.00 43.77  ? 357 GLN H CB  1 
ATOM   544  C  CG  . GLN A 1 70 ? 6.755   -2.766  -16.574 1.00 70.86  ? 357 GLN H CG  1 
ATOM   545  C  CD  . GLN A 1 70 ? 7.793   -1.702  -16.882 1.00 83.41  ? 357 GLN H CD  1 
ATOM   546  O  OE1 . GLN A 1 70 ? 7.521   -0.737  -17.596 1.00 94.30  ? 357 GLN H OE1 1 
ATOM   547  N  NE2 . GLN A 1 70 ? 8.992   -1.874  -16.339 1.00 86.47  ? 357 GLN H NE2 1 
ATOM   548  N  N   . VAL A 1 71 ? 3.295   -2.349  -17.913 1.00 37.66  ? 358 VAL H N   1 
ATOM   549  C  CA  . VAL A 1 71 ? 2.749   -2.850  -19.182 1.00 42.72  ? 358 VAL H CA  1 
ATOM   550  C  C   . VAL A 1 71 ? 2.262   -1.702  -20.060 1.00 45.29  ? 358 VAL H C   1 
ATOM   551  O  O   . VAL A 1 71 ? 2.568   -1.625  -21.259 1.00 42.61  ? 358 VAL H O   1 
ATOM   552  C  CB  . VAL A 1 71 ? 1.550   -3.806  -18.935 1.00 56.22  ? 358 VAL H CB  1 
ATOM   553  C  CG1 . VAL A 1 71 ? 0.920   -4.214  -20.258 1.00 43.44  ? 358 VAL H CG1 1 
ATOM   554  C  CG2 . VAL A 1 71 ? 2.005   -5.034  -18.150 1.00 56.06  ? 358 VAL H CG2 1 
ATOM   555  N  N   . LEU A 1 72 ? 1.481   -0.822  -19.444 1.00 46.62  ? 359 LEU H N   1 
ATOM   556  C  CA  . LEU A 1 72 ? 0.926   0.347   -20.114 1.00 41.61  ? 359 LEU H CA  1 
ATOM   557  C  C   . LEU A 1 72 ? 2.112   1.166   -20.623 1.00 37.82  ? 359 LEU H C   1 
ATOM   558  O  O   . LEU A 1 72 ? 2.130   1.631   -21.763 1.00 31.98  ? 359 LEU H O   1 
ATOM   559  C  CB  . LEU A 1 72 ? 0.107   1.154   -19.100 1.00 41.16  ? 359 LEU H CB  1 
ATOM   560  C  CG  . LEU A 1 72 ? -1.123  1.936   -19.568 1.00 47.84  ? 359 LEU H CG  1 
ATOM   561  C  CD1 . LEU A 1 72 ? -1.663  2.747   -18.399 1.00 35.59  ? 359 LEU H CD1 1 
ATOM   562  C  CD2 . LEU A 1 72 ? -0.776  2.840   -20.740 1.00 31.95  ? 359 LEU H CD2 1 
ATOM   563  N  N   . ALA A 1 73 ? 3.106   1.324   -19.751 1.00 39.64  ? 360 ALA H N   1 
ATOM   564  C  CA  . ALA A 1 73 ? 4.323   2.061   -20.060 1.00 36.42  ? 360 ALA H CA  1 
ATOM   565  C  C   . ALA A 1 73 ? 4.904   1.588   -21.386 1.00 36.04  ? 360 ALA H C   1 
ATOM   566  O  O   . ALA A 1 73 ? 5.240   2.388   -22.260 1.00 39.16  ? 360 ALA H O   1 
ATOM   567  C  CB  . ALA A 1 73 ? 5.337   1.857   -18.945 1.00 27.99  ? 360 ALA H CB  1 
ATOM   568  N  N   . ASN A 1 74 ? 5.007   0.276   -21.529 1.00 38.21  ? 361 ASN H N   1 
ATOM   569  C  CA  . ASN A 1 74 ? 5.554   -0.321  -22.733 1.00 44.34  ? 361 ASN H CA  1 
ATOM   570  C  C   . ASN A 1 74 ? 4.658   -0.144  -23.953 1.00 52.47  ? 361 ASN H C   1 
ATOM   571  O  O   . ASN A 1 74 ? 5.119   0.335   -24.995 1.00 53.38  ? 361 ASN H O   1 
ATOM   572  C  CB  . ASN A 1 74 ? 5.809   -1.794  -22.487 1.00 50.58  ? 361 ASN H CB  1 
ATOM   573  C  CG  . ASN A 1 74 ? 6.665   -2.025  -21.270 1.00 65.52  ? 361 ASN H CG  1 
ATOM   574  O  OD1 . ASN A 1 74 ? 7.787   -1.529  -21.190 1.00 72.44  ? 361 ASN H OD1 1 
ATOM   575  N  ND2 . ASN A 1 74 ? 6.139   -2.776  -20.307 1.00 74.44  ? 361 ASN H ND2 1 
ATOM   576  N  N   . ALA A 1 75 ? 3.387   -0.530  -23.836 1.00 52.33  ? 362 ALA H N   1 
ATOM   577  C  CA  . ALA A 1 75 ? 2.459   -0.387  -24.957 1.00 51.37  ? 362 ALA H CA  1 
ATOM   578  C  C   . ALA A 1 75 ? 2.513   1.034   -25.505 1.00 51.32  ? 362 ALA H C   1 
ATOM   579  O  O   . ALA A 1 75 ? 2.586   1.234   -26.723 1.00 44.08  ? 362 ALA H O   1 
ATOM   580  C  CB  . ALA A 1 75 ? 1.042   -0.724  -24.522 1.00 44.83  ? 362 ALA H CB  1 
ATOM   581  N  N   . GLU A 1 76 ? 2.483   2.016   -24.600 1.00 54.34  ? 363 GLU H N   1 
ATOM   582  C  CA  . GLU A 1 76 ? 2.541   3.421   -24.989 1.00 51.60  ? 363 GLU H CA  1 
ATOM   583  C  C   . GLU A 1 76 ? 3.719   3.615   -25.917 1.00 49.95  ? 363 GLU H C   1 
ATOM   584  O  O   . GLU A 1 76 ? 3.552   4.058   -27.056 1.00 48.24  ? 363 GLU H O   1 
ATOM   585  C  CB  . GLU A 1 76 ? 2.709   4.330   -23.777 1.00 45.69  ? 363 GLU H CB  1 
ATOM   586  C  CG  . GLU A 1 76 ? 1.415   4.684   -23.070 1.00 63.97  ? 363 GLU H CG  1 
ATOM   587  C  CD  . GLU A 1 76 ? 1.565   5.876   -22.129 1.00 81.69  ? 363 GLU H CD  1 
ATOM   588  O  OE1 . GLU A 1 76 ? 2.272   5.761   -21.093 1.00 65.47  ? 363 GLU H OE1 1 
ATOM   589  O  OE2 . GLU A 1 76 ? 0.970   6.934   -22.434 1.00 88.21  ? 363 GLU H OE2 1 
ATOM   590  N  N   . ARG A 1 77 ? 4.907   3.272   -25.418 1.00 50.69  ? 364 ARG H N   1 
ATOM   591  C  CA  . ARG A 1 77 ? 6.146   3.387   -26.187 1.00 51.27  ? 364 ARG H CA  1 
ATOM   592  C  C   . ARG A 1 77 ? 5.969   2.794   -27.575 1.00 46.25  ? 364 ARG H C   1 
ATOM   593  O  O   . ARG A 1 77 ? 6.251   3.450   -28.581 1.00 36.66  ? 364 ARG H O   1 
ATOM   594  C  CB  . ARG A 1 77 ? 7.292   2.676   -25.461 1.00 61.78  ? 364 ARG H CB  1 
ATOM   595  C  CG  . ARG A 1 77 ? 8.378   3.618   -24.962 1.00 73.53  ? 364 ARG H CG  1 
ATOM   596  C  CD  . ARG A 1 77 ? 9.421   2.916   -24.098 1.00 76.27  ? 364 ARG H CD  1 
ATOM   597  N  NE  . ARG A 1 77 ? 8.852   2.388   -22.859 1.00 85.05  ? 364 ARG H NE  1 
ATOM   598  C  CZ  . ARG A 1 77 ? 9.567   1.874   -21.860 1.00 94.56  ? 364 ARG H CZ  1 
ATOM   599  N  NH1 . ARG A 1 77 ? 10.891  1.820   -21.945 1.00 115.14 ? 364 ARG H NH1 1 
ATOM   600  N  NH2 . ARG A 1 77 ? 8.958   1.410   -20.775 1.00 77.44  ? 364 ARG H NH2 1 
ATOM   601  N  N   . SER A 1 78 ? 5.494   1.554   -27.620 1.00 46.19  ? 365 SER H N   1 
ATOM   602  C  CA  . SER A 1 78 ? 5.261   0.868   -28.886 1.00 56.69  ? 365 SER H CA  1 
ATOM   603  C  C   . SER A 1 78 ? 4.325   1.706   -29.753 1.00 56.21  ? 365 SER H C   1 
ATOM   604  O  O   . SER A 1 78 ? 4.626   2.011   -30.915 1.00 51.26  ? 365 SER H O   1 
ATOM   605  C  CB  . SER A 1 78 ? 4.630   -0.497  -28.632 1.00 68.32  ? 365 SER H CB  1 
ATOM   606  O  OG  . SER A 1 78 ? 5.423   -1.247  -27.726 1.00 98.81  ? 365 SER H OG  1 
ATOM   607  N  N   . TYR A 1 79 ? 3.181   2.063   -29.176 1.00 53.23  ? 366 TYR H N   1 
ATOM   608  C  CA  . TYR A 1 79 ? 2.195   2.877   -29.865 1.00 45.08  ? 366 TYR H CA  1 
ATOM   609  C  C   . TYR A 1 79 ? 2.899   4.065   -30.487 1.00 44.69  ? 366 TYR H C   1 
ATOM   610  O  O   . TYR A 1 79 ? 2.886   4.252   -31.701 1.00 39.54  ? 366 TYR H O   1 
ATOM   611  C  CB  . TYR A 1 79 ? 1.161   3.388   -28.874 1.00 35.54  ? 366 TYR H CB  1 
ATOM   612  C  CG  . TYR A 1 79 ? 0.214   4.409   -29.455 1.00 35.98  ? 366 TYR H CG  1 
ATOM   613  C  CD1 . TYR A 1 79 ? -0.770  4.035   -30.360 1.00 28.43  ? 366 TYR H CD1 1 
ATOM   614  C  CD2 . TYR A 1 79 ? 0.275   5.744   -29.066 1.00 45.28  ? 366 TYR H CD2 1 
ATOM   615  C  CE1 . TYR A 1 79 ? -1.678  4.959   -30.860 1.00 37.89  ? 366 TYR H CE1 1 
ATOM   616  C  CE2 . TYR A 1 79 ? -0.632  6.684   -29.562 1.00 44.18  ? 366 TYR H CE2 1 
ATOM   617  C  CZ  . TYR A 1 79 ? -1.608  6.282   -30.456 1.00 40.86  ? 366 TYR H CZ  1 
ATOM   618  O  OH  . TYR A 1 79 ? -2.527  7.189   -30.936 1.00 36.51  ? 366 TYR H OH  1 
ATOM   619  N  N   . ASN A 1 80 ? 3.521   4.869   -29.635 1.00 45.17  ? 367 ASN H N   1 
ATOM   620  C  CA  . ASN A 1 80 ? 4.229   6.046   -30.094 1.00 46.86  ? 367 ASN H CA  1 
ATOM   621  C  C   . ASN A 1 80 ? 5.222   5.733   -31.207 1.00 46.96  ? 367 ASN H C   1 
ATOM   622  O  O   . ASN A 1 80 ? 5.284   6.446   -32.202 1.00 48.73  ? 367 ASN H O   1 
ATOM   623  C  CB  . ASN A 1 80 ? 4.932   6.712   -28.920 1.00 41.10  ? 367 ASN H CB  1 
ATOM   624  C  CG  . ASN A 1 80 ? 3.971   7.109   -27.837 1.00 41.23  ? 367 ASN H CG  1 
ATOM   625  O  OD1 . ASN A 1 80 ? 2.860   7.551   -28.117 1.00 66.38  ? 367 ASN H OD1 1 
ATOM   626  N  ND2 . ASN A 1 80 ? 4.391   6.963   -26.591 1.00 40.10  ? 367 ASN H ND2 1 
ATOM   627  N  N   . GLN A 1 81 ? 6.004   4.674   -31.053 1.00 41.85  ? 368 GLN H N   1 
ATOM   628  C  CA  . GLN A 1 81 ? 6.937   4.335   -32.111 1.00 39.18  ? 368 GLN H CA  1 
ATOM   629  C  C   . GLN A 1 81 ? 6.155   4.127   -33.392 1.00 37.95  ? 368 GLN H C   1 
ATOM   630  O  O   . GLN A 1 81 ? 6.414   4.778   -34.394 1.00 37.23  ? 368 GLN H O   1 
ATOM   631  C  CB  . GLN A 1 81 ? 7.726   3.067   -31.769 1.00 49.96  ? 368 GLN H CB  1 
ATOM   632  C  CG  . GLN A 1 81 ? 8.855   3.337   -30.803 1.00 73.70  ? 368 GLN H CG  1 
ATOM   633  C  CD  . GLN A 1 81 ? 9.606   4.608   -31.165 1.00 97.81  ? 368 GLN H CD  1 
ATOM   634  O  OE1 . GLN A 1 81 ? 10.306  4.666   -32.179 1.00 100.08 ? 368 GLN H OE1 1 
ATOM   635  N  NE2 . GLN A 1 81 ? 9.443   5.646   -30.344 1.00 102.35 ? 368 GLN H NE2 1 
ATOM   636  N  N   . LEU A 1 82 ? 5.190   3.216   -33.356 1.00 48.28  ? 369 LEU H N   1 
ATOM   637  C  CA  . LEU A 1 82 ? 4.379   2.946   -34.532 1.00 53.71  ? 369 LEU H CA  1 
ATOM   638  C  C   . LEU A 1 82 ? 3.808   4.245   -35.081 1.00 52.79  ? 369 LEU H C   1 
ATOM   639  O  O   . LEU A 1 82 ? 3.666   4.403   -36.286 1.00 53.02  ? 369 LEU H O   1 
ATOM   640  C  CB  . LEU A 1 82 ? 3.236   1.988   -34.188 1.00 64.18  ? 369 LEU H CB  1 
ATOM   641  C  CG  . LEU A 1 82 ? 2.126   1.880   -35.240 1.00 65.04  ? 369 LEU H CG  1 
ATOM   642  C  CD1 . LEU A 1 82 ? 2.689   1.346   -36.545 1.00 81.85  ? 369 LEU H CD1 1 
ATOM   643  C  CD2 . LEU A 1 82 ? 1.027   0.971   -34.729 1.00 67.83  ? 369 LEU H CD2 1 
HETATM 644  N  N   . MSE A 1 83 ? 3.484   5.172   -34.187 1.00 54.43  ? 370 MSE H N   1 
HETATM 645  C  CA  . MSE A 1 83 ? 2.925   6.456   -34.591 1.00 62.65  ? 370 MSE H CA  1 
HETATM 646  C  C   . MSE A 1 83 ? 3.929   7.370   -35.275 1.00 65.22  ? 370 MSE H C   1 
HETATM 647  O  O   . MSE A 1 83 ? 3.593   8.044   -36.240 1.00 66.25  ? 370 MSE H O   1 
HETATM 648  C  CB  . MSE A 1 83 ? 2.328   7.183   -33.384 1.00 73.05  ? 370 MSE H CB  1 
HETATM 649  C  CG  . MSE A 1 83 ? 0.984   6.643   -32.940 1.00 81.39  ? 370 MSE H CG  1 
HETATM 650  SE SE  . MSE A 1 83 ? -0.337  6.785   -34.348 1.00 82.10  ? 370 MSE H SE  1 
HETATM 651  C  CE  . MSE A 1 83 ? -0.272  4.991   -35.039 1.00 61.56  ? 370 MSE H CE  1 
ATOM   652  N  N   . ASP A 1 84 ? 5.155   7.404   -34.765 1.00 69.03  ? 371 ASP H N   1 
ATOM   653  C  CA  . ASP A 1 84 ? 6.191   8.248   -35.340 1.00 71.79  ? 371 ASP H CA  1 
ATOM   654  C  C   . ASP A 1 84 ? 6.191   8.123   -36.856 1.00 78.23  ? 371 ASP H C   1 
ATOM   655  O  O   . ASP A 1 84 ? 6.103   9.125   -37.563 1.00 81.00  ? 371 ASP H O   1 
ATOM   656  C  CB  . ASP A 1 84 ? 7.564   7.866   -34.781 1.00 76.86  ? 371 ASP H CB  1 
ATOM   657  C  CG  . ASP A 1 84 ? 7.676   8.108   -33.279 1.00 97.84  ? 371 ASP H CG  1 
ATOM   658  O  OD1 . ASP A 1 84 ? 8.753   7.822   -32.705 1.00 96.22  ? 371 ASP H OD1 1 
ATOM   659  O  OD2 . ASP A 1 84 ? 6.689   8.586   -32.674 1.00 99.71  ? 371 ASP H OD2 1 
ATOM   660  N  N   . ARG A 1 85 ? 6.273   6.892   -37.352 1.00 84.66  ? 372 ARG H N   1 
ATOM   661  C  CA  . ARG A 1 85 ? 6.277   6.652   -38.795 1.00 94.42  ? 372 ARG H CA  1 
ATOM   662  C  C   . ARG A 1 85 ? 4.988   7.145   -39.469 1.00 101.24 ? 372 ARG H C   1 
ATOM   663  O  O   . ARG A 1 85 ? 4.772   6.917   -40.663 1.00 103.75 ? 372 ARG H O   1 
ATOM   664  C  CB  . ARG A 1 85 ? 6.495   5.156   -39.086 1.00 91.77  ? 372 ARG H CB  1 
ATOM   665  C  CG  . ARG A 1 85 ? 5.559   4.233   -38.329 1.00 91.34  ? 372 ARG H CG  1 
ATOM   666  C  CD  . ARG A 1 85 ? 5.841   2.751   -38.577 1.00 95.80  ? 372 ARG H CD  1 
ATOM   667  N  NE  . ARG A 1 85 ? 5.463   2.312   -39.918 1.00 84.18  ? 372 ARG H NE  1 
ATOM   668  C  CZ  . ARG A 1 85 ? 5.040   1.083   -40.213 1.00 89.09  ? 372 ARG H CZ  1 
ATOM   669  N  NH1 . ARG A 1 85 ? 4.933   0.161   -39.263 1.00 69.74  ? 372 ARG H NH1 1 
ATOM   670  N  NH2 . ARG A 1 85 ? 4.725   0.775   -41.464 1.00 93.95  ? 372 ARG H NH2 1 
ATOM   671  N  N   . ALA A 1 86 ? 4.138   7.825   -38.697 1.00 101.84 ? 373 ALA H N   1 
ATOM   672  C  CA  . ALA A 1 86 ? 2.880   8.367   -39.206 1.00 99.67  ? 373 ALA H CA  1 
ATOM   673  C  C   . ALA A 1 86 ? 3.031   9.872   -39.377 1.00 99.79  ? 373 ALA H C   1 
ATOM   674  O  O   . ALA A 1 86 ? 2.220   10.528  -40.036 1.00 98.08  ? 373 ALA H O   1 
ATOM   675  C  CB  . ALA A 1 86 ? 1.737   8.062   -38.243 1.00 100.88 ? 373 ALA H CB  1 
ATOM   676  N  N   . ALA A 1 87 ? 4.073   10.417  -38.760 1.00 102.82 ? 374 ALA H N   1 
ATOM   677  C  CA  . ALA A 1 87 ? 4.354   11.840  -38.864 1.00 107.50 ? 374 ALA H CA  1 
ATOM   678  C  C   . ALA A 1 87 ? 4.693   12.100  -40.328 1.00 110.16 ? 374 ALA H C   1 
ATOM   679  O  O   . ALA A 1 87 ? 3.929   12.742  -41.050 1.00 110.38 ? 374 ALA H O   1 
ATOM   680  C  CB  . ALA A 1 87 ? 5.534   12.206  -37.970 1.00 104.54 ? 374 ALA H CB  1 
ATOM   681  N  N   . ASN A 1 88 ? 5.842   11.576  -40.754 1.00 110.40 ? 375 ASN H N   1 
ATOM   682  C  CA  . ASN A 1 88 ? 6.322   11.706  -42.128 1.00 106.34 ? 375 ASN H CA  1 
ATOM   683  C  C   . ASN A 1 88 ? 6.478   10.315  -42.745 1.00 97.29  ? 375 ASN H C   1 
ATOM   684  O  O   . ASN A 1 88 ? 6.726   9.333   -42.039 1.00 86.70  ? 375 ASN H O   1 
ATOM   685  C  CB  . ASN A 1 88 ? 7.675   12.438  -42.155 1.00 117.71 ? 375 ASN H CB  1 
ATOM   686  C  CG  . ASN A 1 88 ? 7.530   13.961  -42.236 1.00 125.34 ? 375 ASN H CG  1 
ATOM   687  O  OD1 . ASN A 1 88 ? 7.197   14.508  -43.290 1.00 127.52 ? 375 ASN H OD1 1 
ATOM   688  N  ND2 . ASN A 1 88 ? 7.784   14.647  -41.119 1.00 119.35 ? 375 ASN H ND2 1 
ATOM   689  O  OXT . ASN A 1 88 ? 6.359   10.146  -43.958 1.00 19.40  ? 375 ASN H OXT 1 
ATOM   690  N  N   . VAL B 2 1  ? -9.708  5.584   -7.520  1.00 97.52  ? 348 VAL V N   1 
ATOM   691  C  CA  . VAL B 2 1  ? -9.266  4.997   -6.221  1.00 94.40  ? 348 VAL V CA  1 
ATOM   692  C  C   . VAL B 2 1  ? -9.029  3.504   -6.380  1.00 91.64  ? 348 VAL V C   1 
ATOM   693  O  O   . VAL B 2 1  ? -8.315  2.891   -5.586  1.00 92.22  ? 348 VAL V O   1 
ATOM   694  C  CB  . VAL B 2 1  ? -10.328 5.215   -5.105  1.00 91.55  ? 348 VAL V CB  1 
ATOM   695  C  CG1 . VAL B 2 1  ? -11.617 4.460   -5.451  1.00 83.60  ? 348 VAL V CG1 1 
ATOM   696  C  CG2 . VAL B 2 1  ? -9.769  4.765   -3.746  1.00 70.64  ? 348 VAL V CG2 1 
ATOM   697  N  N   . ASP B 2 2  ? -9.635  2.920   -7.408  1.00 86.82  ? 349 ASP V N   1 
ATOM   698  C  CA  . ASP B 2 2  ? -9.491  1.494   -7.662  1.00 85.44  ? 349 ASP V CA  1 
ATOM   699  C  C   . ASP B 2 2  ? -9.797  1.199   -9.124  1.00 84.43  ? 349 ASP V C   1 
ATOM   700  O  O   . ASP B 2 2  ? -10.881 1.510   -9.621  1.00 83.14  ? 349 ASP V O   1 
ATOM   701  C  CB  . ASP B 2 2  ? -10.435 0.705   -6.752  1.00 88.63  ? 349 ASP V CB  1 
ATOM   702  C  CG  . ASP B 2 2  ? -9.737  -0.434  -6.032  1.00 98.18  ? 349 ASP V CG  1 
ATOM   703  O  OD1 . ASP B 2 2  ? -10.365 -1.051  -5.145  1.00 105.84 ? 349 ASP V OD1 1 
ATOM   704  O  OD2 . ASP B 2 2  ? -8.562  -0.717  -6.355  1.00 104.04 ? 349 ASP V OD2 1 
ATOM   705  N  N   . LEU B 2 3  ? -8.834  0.599   -9.814  1.00 83.87  ? 350 LEU V N   1 
ATOM   706  C  CA  . LEU B 2 3  ? -9.005  0.280   -11.222 1.00 80.34  ? 350 LEU V CA  1 
ATOM   707  C  C   . LEU B 2 3  ? -9.842  -0.981  -11.339 1.00 80.08  ? 350 LEU V C   1 
ATOM   708  O  O   . LEU B 2 3  ? -9.709  -1.901  -10.526 1.00 74.66  ? 350 LEU V O   1 
ATOM   709  C  CB  . LEU B 2 3  ? -7.644  0.068   -11.888 1.00 77.65  ? 350 LEU V CB  1 
ATOM   710  C  CG  . LEU B 2 3  ? -7.564  0.460   -13.366 1.00 78.01  ? 350 LEU V CG  1 
ATOM   711  C  CD1 . LEU B 2 3  ? -7.612  1.980   -13.497 1.00 59.16  ? 350 LEU V CD1 1 
ATOM   712  C  CD2 . LEU B 2 3  ? -6.279  -0.075  -13.970 1.00 91.08  ? 350 LEU V CD2 1 
ATOM   713  N  N   . SER B 2 4  ? -10.706 -1.017  -12.349 1.00 80.50  ? 351 SER V N   1 
ATOM   714  C  CA  . SER B 2 4  ? -11.584 -2.160  -12.577 1.00 78.22  ? 351 SER V CA  1 
ATOM   715  C  C   . SER B 2 4  ? -10.900 -3.159  -13.488 1.00 79.41  ? 351 SER V C   1 
ATOM   716  O  O   . SER B 2 4  ? -9.904  -2.834  -14.124 1.00 85.50  ? 351 SER V O   1 
ATOM   717  C  CB  . SER B 2 4  ? -12.863 -1.713  -13.255 1.00 68.15  ? 351 SER V CB  1 
ATOM   718  O  OG  . SER B 2 4  ? -12.638 -1.573  -14.645 1.00 60.91  ? 351 SER V OG  1 
ATOM   719  N  N   . ASP B 2 5  ? -11.449 -4.367  -13.566 1.00 78.21  ? 352 ASP V N   1 
ATOM   720  C  CA  . ASP B 2 5  ? -10.877 -5.401  -14.418 1.00 79.96  ? 352 ASP V CA  1 
ATOM   721  C  C   . ASP B 2 5  ? -11.048 -5.021  -15.881 1.00 77.97  ? 352 ASP V C   1 
ATOM   722  O  O   . ASP B 2 5  ? -10.234 -5.399  -16.725 1.00 83.09  ? 352 ASP V O   1 
ATOM   723  C  CB  . ASP B 2 5  ? -11.553 -6.746  -14.158 1.00 90.90  ? 352 ASP V CB  1 
ATOM   724  C  CG  . ASP B 2 5  ? -11.453 -7.178  -12.712 1.00 105.80 ? 352 ASP V CG  1 
ATOM   725  O  OD1 . ASP B 2 5  ? -12.019 -6.479  -11.843 1.00 126.16 ? 352 ASP V OD1 1 
ATOM   726  O  OD2 . ASP B 2 5  ? -10.808 -8.213  -12.445 1.00 101.73 ? 352 ASP V OD2 1 
ATOM   727  N  N   . GLU B 2 6  ? -12.109 -4.272  -16.173 1.00 72.71  ? 353 GLU V N   1 
ATOM   728  C  CA  . GLU B 2 6  ? -12.400 -3.827  -17.535 1.00 71.85  ? 353 GLU V CA  1 
ATOM   729  C  C   . GLU B 2 6  ? -11.301 -2.894  -18.002 1.00 64.73  ? 353 GLU V C   1 
ATOM   730  O  O   . GLU B 2 6  ? -10.872 -2.945  -19.152 1.00 65.39  ? 353 GLU V O   1 
ATOM   731  C  CB  . GLU B 2 6  ? -13.739 -3.091  -17.578 1.00 88.06  ? 353 GLU V CB  1 
ATOM   732  C  CG  . GLU B 2 6  ? -14.905 -3.892  -17.007 1.00 117.09 ? 353 GLU V CG  1 
ATOM   733  C  CD  . GLU B 2 6  ? -14.745 -4.217  -15.525 1.00 131.69 ? 353 GLU V CD  1 
ATOM   734  O  OE1 . GLU B 2 6  ? -14.616 -3.274  -14.720 1.00 146.09 ? 353 GLU V OE1 1 
ATOM   735  O  OE2 . GLU B 2 6  ? -14.750 -5.413  -15.159 1.00 134.54 ? 353 GLU V OE2 1 
ATOM   736  N  N   . GLU B 2 7  ? -10.850 -2.035  -17.097 1.00 55.45  ? 354 GLU V N   1 
ATOM   737  C  CA  . GLU B 2 7  ? -9.784  -1.106  -17.409 1.00 55.19  ? 354 GLU V CA  1 
ATOM   738  C  C   . GLU B 2 7  ? -8.483  -1.894  -17.572 1.00 59.59  ? 354 GLU V C   1 
ATOM   739  O  O   . GLU B 2 7  ? -7.736  -1.700  -18.536 1.00 65.22  ? 354 GLU V O   1 
ATOM   740  C  CB  . GLU B 2 7  ? -9.630  -0.097  -16.281 1.00 50.96  ? 354 GLU V CB  1 
ATOM   741  C  CG  . GLU B 2 7  ? -10.915 0.571   -15.867 1.00 44.09  ? 354 GLU V CG  1 
ATOM   742  C  CD  . GLU B 2 7  ? -10.703 1.590   -14.762 1.00 79.32  ? 354 GLU V CD  1 
ATOM   743  O  OE1 . GLU B 2 7  ? -10.171 2.680   -15.057 1.00 76.14  ? 354 GLU V OE1 1 
ATOM   744  O  OE2 . GLU B 2 7  ? -11.052 1.295   -13.596 1.00 92.77  ? 354 GLU V OE2 1 
ATOM   745  N  N   . LYS B 2 8  ? -8.225  -2.789  -16.622 1.00 56.56  ? 355 LYS V N   1 
ATOM   746  C  CA  . LYS B 2 8  ? -7.026  -3.622  -16.639 1.00 59.92  ? 355 LYS V CA  1 
ATOM   747  C  C   . LYS B 2 8  ? -6.961  -4.484  -17.900 1.00 61.51  ? 355 LYS V C   1 
ATOM   748  O  O   . LYS B 2 8  ? -5.888  -4.671  -18.477 1.00 63.76  ? 355 LYS V O   1 
ATOM   749  C  CB  . LYS B 2 8  ? -6.997  -4.518  -15.394 1.00 59.78  ? 355 LYS V CB  1 
ATOM   750  C  CG  . LYS B 2 8  ? -7.158  -3.746  -14.085 1.00 52.42  ? 355 LYS V CG  1 
ATOM   751  C  CD  . LYS B 2 8  ? -7.274  -4.670  -12.883 1.00 50.80  ? 355 LYS V CD  1 
ATOM   752  C  CE  . LYS B 2 8  ? -7.726  -3.907  -11.642 1.00 67.07  ? 355 LYS V CE  1 
ATOM   753  N  NZ  . LYS B 2 8  ? -7.717  -4.746  -10.409 1.00 70.30  ? 355 LYS V NZ  1 
ATOM   754  N  N   . ASP B 2 9  ? -8.113  -5.001  -18.324 1.00 59.34  ? 356 ASP V N   1 
ATOM   755  C  CA  . ASP B 2 9  ? -8.191  -5.836  -19.516 1.00 63.07  ? 356 ASP V CA  1 
ATOM   756  C  C   . ASP B 2 9  ? -7.965  -5.069  -20.811 1.00 61.96  ? 356 ASP V C   1 
ATOM   757  O  O   . ASP B 2 9  ? -7.630  -5.659  -21.839 1.00 63.27  ? 356 ASP V O   1 
ATOM   758  C  CB  . ASP B 2 9  ? -9.542  -6.550  -19.586 1.00 77.77  ? 356 ASP V CB  1 
ATOM   759  C  CG  . ASP B 2 9  ? -9.569  -7.838  -18.776 1.00 102.44 ? 356 ASP V CG  1 
ATOM   760  O  OD1 . ASP B 2 9  ? -9.493  -7.766  -17.529 1.00 108.10 ? 356 ASP V OD1 1 
ATOM   761  O  OD2 . ASP B 2 9  ? -9.663  -8.924  -19.391 1.00 108.44 ? 356 ASP V OD2 1 
ATOM   762  N  N   . SER B 2 10 ? -8.156  -3.758  -20.771 1.00 60.31  ? 357 SER V N   1 
ATOM   763  C  CA  . SER B 2 10 ? -7.961  -2.945  -21.961 1.00 58.92  ? 357 SER V CA  1 
ATOM   764  C  C   . SER B 2 10 ? -6.486  -2.651  -22.157 1.00 56.28  ? 357 SER V C   1 
ATOM   765  O  O   . SER B 2 10 ? -6.062  -2.240  -23.242 1.00 58.43  ? 357 SER V O   1 
ATOM   766  C  CB  . SER B 2 10 ? -8.744  -1.636  -21.848 1.00 64.86  ? 357 SER V CB  1 
ATOM   767  O  OG  . SER B 2 10 ? -10.139 -1.874  -21.916 1.00 64.19  ? 357 SER V OG  1 
ATOM   768  N  N   . ILE B 2 11 ? -5.707  -2.866  -21.104 1.00 48.08  ? 358 ILE V N   1 
ATOM   769  C  CA  . ILE B 2 11 ? -4.276  -2.624  -21.170 1.00 46.71  ? 358 ILE V CA  1 
ATOM   770  C  C   . ILE B 2 11 ? -3.526  -3.739  -21.906 1.00 51.19  ? 358 ILE V C   1 
ATOM   771  O  O   . ILE B 2 11 ? -2.896  -3.489  -22.937 1.00 47.90  ? 358 ILE V O   1 
ATOM   772  C  CB  . ILE B 2 11 ? -3.708  -2.413  -19.762 1.00 41.79  ? 358 ILE V CB  1 
ATOM   773  C  CG1 . ILE B 2 11 ? -4.112  -1.024  -19.266 1.00 45.53  ? 358 ILE V CG1 1 
ATOM   774  C  CG2 . ILE B 2 11 ? -2.204  -2.546  -19.781 1.00 48.22  ? 358 ILE V CG2 1 
ATOM   775  C  CD1 . ILE B 2 11 ? -3.811  -0.752  -17.798 1.00 40.38  ? 358 ILE V CD1 1 
ATOM   776  N  N   . TYR B 2 12 ? -3.589  -4.966  -21.393 1.00 52.88  ? 359 TYR V N   1 
ATOM   777  C  CA  . TYR B 2 12 ? -2.917  -6.075  -22.067 1.00 58.26  ? 359 TYR V CA  1 
ATOM   778  C  C   . TYR B 2 12 ? -3.510  -6.194  -23.465 1.00 61.89  ? 359 TYR V C   1 
ATOM   779  O  O   . TYR B 2 12 ? -2.848  -6.627  -24.409 1.00 65.58  ? 359 TYR V O   1 
ATOM   780  C  CB  . TYR B 2 12 ? -3.130  -7.385  -21.312 1.00 61.49  ? 359 TYR V CB  1 
ATOM   781  C  CG  . TYR B 2 12 ? -2.614  -7.363  -19.903 1.00 51.87  ? 359 TYR V CG  1 
ATOM   782  C  CD1 . TYR B 2 12 ? -3.379  -6.841  -18.867 1.00 43.41  ? 359 TYR V CD1 1 
ATOM   783  C  CD2 . TYR B 2 12 ? -1.338  -7.832  -19.615 1.00 64.68  ? 359 TYR V CD2 1 
ATOM   784  C  CE1 . TYR B 2 12 ? -2.874  -6.786  -17.571 1.00 59.79  ? 359 TYR V CE1 1 
ATOM   785  C  CE2 . TYR B 2 12 ? -0.825  -7.781  -18.335 1.00 69.92  ? 359 TYR V CE2 1 
ATOM   786  C  CZ  . TYR B 2 12 ? -1.591  -7.258  -17.316 1.00 63.98  ? 359 TYR V CZ  1 
ATOM   787  O  OH  . TYR B 2 12 ? -1.062  -7.201  -16.050 1.00 68.79  ? 359 TYR V OH  1 
HETATM 788  N  N   . MSE B 2 13 ? -4.776  -5.810  -23.572 1.00 60.94  ? 360 MSE V N   1 
HETATM 789  C  CA  . MSE B 2 13 ? -5.500  -5.817  -24.837 1.00 67.47  ? 360 MSE V CA  1 
HETATM 790  C  C   . MSE B 2 13 ? -4.791  -4.853  -25.792 1.00 61.48  ? 360 MSE V C   1 
HETATM 791  O  O   . MSE B 2 13 ? -4.279  -5.252  -26.845 1.00 44.18  ? 360 MSE V O   1 
HETATM 792  C  CB  . MSE B 2 13 ? -6.941  -5.340  -24.604 1.00 85.48  ? 360 MSE V CB  1 
HETATM 793  C  CG  . MSE B 2 13 ? -7.792  -5.204  -25.853 1.00 88.05  ? 360 MSE V CG  1 
HETATM 794  SE SE  . MSE B 2 13 ? -8.007  -6.894  -26.735 1.00 118.47 ? 360 MSE V SE  1 
HETATM 795  C  CE  . MSE B 2 13 ? -8.964  -7.813  -25.333 1.00 125.09 ? 360 MSE V CE  1 
ATOM   796  N  N   . PHE B 2 14 ? -4.777  -3.579  -25.401 1.00 62.48  ? 361 PHE V N   1 
ATOM   797  C  CA  . PHE B 2 14 ? -4.143  -2.534  -26.185 1.00 58.36  ? 361 PHE V CA  1 
ATOM   798  C  C   . PHE B 2 14 ? -2.712  -2.942  -26.486 1.00 56.39  ? 361 PHE V C   1 
ATOM   799  O  O   . PHE B 2 14 ? -2.302  -2.975  -27.645 1.00 54.29  ? 361 PHE V O   1 
ATOM   800  C  CB  . PHE B 2 14 ? -4.167  -1.207  -25.415 1.00 45.46  ? 361 PHE V CB  1 
ATOM   801  C  CG  . PHE B 2 14 ? -3.356  -0.113  -26.064 1.00 44.99  ? 361 PHE V CG  1 
ATOM   802  C  CD1 . PHE B 2 14 ? -3.642  0.307   -27.361 1.00 51.63  ? 361 PHE V CD1 1 
ATOM   803  C  CD2 . PHE B 2 14 ? -2.295  0.490   -25.381 1.00 24.32  ? 361 PHE V CD2 1 
ATOM   804  C  CE1 . PHE B 2 14 ? -2.881  1.315   -27.977 1.00 49.45  ? 361 PHE V CE1 1 
ATOM   805  C  CE2 . PHE B 2 14 ? -1.533  1.490   -25.980 1.00 39.79  ? 361 PHE V CE2 1 
ATOM   806  C  CZ  . PHE B 2 14 ? -1.829  1.906   -27.285 1.00 42.52  ? 361 PHE V CZ  1 
ATOM   807  N  N   . ALA B 2 15 ? -1.968  -3.261  -25.431 1.00 53.09  ? 362 ALA V N   1 
ATOM   808  C  CA  . ALA B 2 15 ? -0.577  -3.679  -25.550 1.00 54.47  ? 362 ALA V CA  1 
ATOM   809  C  C   . ALA B 2 15 ? -0.436  -4.723  -26.664 1.00 60.45  ? 362 ALA V C   1 
ATOM   810  O  O   . ALA B 2 15 ? 0.225   -4.481  -27.682 1.00 59.99  ? 362 ALA V O   1 
ATOM   811  C  CB  . ALA B 2 15 ? -0.110  -4.257  -24.221 1.00 46.88  ? 362 ALA V CB  1 
ATOM   812  N  N   . SER B 2 16 ? -1.070  -5.877  -26.456 1.00 59.68  ? 363 SER V N   1 
ATOM   813  C  CA  . SER B 2 16 ? -1.065  -6.976  -27.415 1.00 57.14  ? 363 SER V CA  1 
ATOM   814  C  C   . SER B 2 16 ? -1.433  -6.489  -28.812 1.00 56.14  ? 363 SER V C   1 
ATOM   815  O  O   . SER B 2 16 ? -0.678  -6.674  -29.767 1.00 56.75  ? 363 SER V O   1 
ATOM   816  C  CB  . SER B 2 16 ? -2.061  -8.051  -26.980 1.00 67.93  ? 363 SER V CB  1 
ATOM   817  O  OG  . SER B 2 16 ? -2.222  -9.038  -27.985 1.00 76.46  ? 363 SER V OG  1 
ATOM   818  N  N   . LEU B 2 17 ? -2.605  -5.868  -28.919 1.00 56.49  ? 364 LEU V N   1 
ATOM   819  C  CA  . LEU B 2 17 ? -3.100  -5.333  -30.187 1.00 48.26  ? 364 LEU V CA  1 
ATOM   820  C  C   . LEU B 2 17 ? -2.088  -4.418  -30.875 1.00 40.76  ? 364 LEU V C   1 
ATOM   821  O  O   . LEU B 2 17 ? -1.987  -4.406  -32.101 1.00 24.80  ? 364 LEU V O   1 
ATOM   822  C  CB  . LEU B 2 17 ? -4.411  -4.570  -29.955 1.00 43.74  ? 364 LEU V CB  1 
ATOM   823  C  CG  . LEU B 2 17 ? -4.851  -3.603  -31.061 1.00 44.90  ? 364 LEU V CG  1 
ATOM   824  C  CD1 . LEU B 2 17 ? -4.789  -4.289  -32.406 1.00 22.46  ? 364 LEU V CD1 1 
ATOM   825  C  CD2 . LEU B 2 17 ? -6.258  -3.090  -30.774 1.00 51.86  ? 364 LEU V CD2 1 
ATOM   826  N  N   . VAL B 2 18 ? -1.351  -3.644  -30.085 1.00 39.00  ? 365 VAL V N   1 
ATOM   827  C  CA  . VAL B 2 18 ? -0.358  -2.746  -30.644 1.00 40.94  ? 365 VAL V CA  1 
ATOM   828  C  C   . VAL B 2 18 ? 0.649   -3.552  -31.453 1.00 45.85  ? 365 VAL V C   1 
ATOM   829  O  O   . VAL B 2 18 ? 1.167   -3.073  -32.469 1.00 44.67  ? 365 VAL V O   1 
ATOM   830  C  CB  . VAL B 2 18 ? 0.375   -1.955  -29.534 1.00 38.29  ? 365 VAL V CB  1 
ATOM   831  C  CG1 . VAL B 2 18 ? 1.423   -1.024  -30.146 1.00 19.05  ? 365 VAL V CG1 1 
ATOM   832  C  CG2 . VAL B 2 18 ? -0.623  -1.138  -28.749 1.00 36.57  ? 365 VAL V CG2 1 
ATOM   833  N  N   . GLU B 2 19 ? 0.908   -4.782  -31.011 1.00 41.01  ? 366 GLU V N   1 
ATOM   834  C  CA  . GLU B 2 19 ? 1.859   -5.644  -31.704 1.00 44.70  ? 366 GLU V CA  1 
ATOM   835  C  C   . GLU B 2 19 ? 1.283   -6.229  -32.983 1.00 50.24  ? 366 GLU V C   1 
ATOM   836  O  O   . GLU B 2 19 ? 1.983   -6.335  -33.993 1.00 47.27  ? 366 GLU V O   1 
ATOM   837  C  CB  . GLU B 2 19 ? 2.327   -6.758  -30.779 1.00 49.54  ? 366 GLU V CB  1 
ATOM   838  C  CG  . GLU B 2 19 ? 2.762   -6.231  -29.422 1.00 87.71  ? 366 GLU V CG  1 
ATOM   839  C  CD  . GLU B 2 19 ? 3.505   -4.899  -29.516 1.00 93.84  ? 366 GLU V CD  1 
ATOM   840  O  OE1 . GLU B 2 19 ? 4.586   -4.860  -30.146 1.00 88.03  ? 366 GLU V OE1 1 
ATOM   841  O  OE2 . GLU B 2 19 ? 3.002   -3.892  -28.960 1.00 83.01  ? 366 GLU V OE2 1 
ATOM   842  N  N   . LYS B 2 20 ? 0.012   -6.615  -32.951 1.00 56.24  ? 367 LYS V N   1 
ATOM   843  C  CA  . LYS B 2 20 ? -0.618  -7.149  -34.150 1.00 61.38  ? 367 LYS V CA  1 
ATOM   844  C  C   . LYS B 2 20 ? -0.563  -6.039  -35.192 1.00 66.26  ? 367 LYS V C   1 
ATOM   845  O  O   . LYS B 2 20 ? -0.755  -6.277  -36.378 1.00 75.32  ? 367 LYS V O   1 
ATOM   846  C  CB  . LYS B 2 20 ? -2.084  -7.523  -33.891 1.00 66.78  ? 367 LYS V CB  1 
ATOM   847  C  CG  . LYS B 2 20 ? -2.303  -8.771  -33.045 1.00 83.52  ? 367 LYS V CG  1 
ATOM   848  C  CD  . LYS B 2 20 ? -1.769  -10.004 -33.758 1.00 107.63 ? 367 LYS V CD  1 
ATOM   849  C  CE  . LYS B 2 20 ? -1.874  -11.259 -32.901 1.00 113.90 ? 367 LYS V CE  1 
ATOM   850  N  NZ  . LYS B 2 20 ? -1.131  -12.407 -33.509 1.00 113.52 ? 367 LYS V NZ  1 
HETATM 851  N  N   . MSE B 2 21 ? -0.283  -4.821  -34.738 1.00 66.39  ? 368 MSE V N   1 
HETATM 852  C  CA  . MSE B 2 21 ? -0.233  -3.668  -35.625 1.00 67.03  ? 368 MSE V CA  1 
HETATM 853  C  C   . MSE B 2 21 ? 1.165   -3.137  -35.857 1.00 61.39  ? 368 MSE V C   1 
HETATM 854  O  O   . MSE B 2 21 ? 1.387   -2.379  -36.789 1.00 53.41  ? 368 MSE V O   1 
HETATM 855  C  CB  . MSE B 2 21 ? -1.089  -2.544  -35.049 1.00 78.99  ? 368 MSE V CB  1 
HETATM 856  C  CG  . MSE B 2 21 ? -2.513  -2.954  -34.742 1.00 100.87 ? 368 MSE V CG  1 
HETATM 857  SE SE  . MSE B 2 21 ? -3.576  -3.181  -36.326 1.00 115.52 ? 368 MSE V SE  1 
HETATM 858  C  CE  . MSE B 2 21 ? -5.013  -1.938  -35.911 1.00 113.20 ? 368 MSE V CE  1 
ATOM   859  N  N   . LYS B 2 22 ? 2.099   -3.528  -35.003 1.00 71.17  ? 369 LYS V N   1 
ATOM   860  C  CA  . LYS B 2 22 ? 3.478   -3.061  -35.097 1.00 81.62  ? 369 LYS V CA  1 
ATOM   861  C  C   . LYS B 2 22 ? 4.016   -2.933  -36.518 1.00 85.13  ? 369 LYS V C   1 
ATOM   862  O  O   . LYS B 2 22 ? 4.733   -1.984  -36.833 1.00 86.83  ? 369 LYS V O   1 
ATOM   863  C  CB  . LYS B 2 22 ? 4.399   -3.974  -34.280 1.00 90.32  ? 369 LYS V CB  1 
ATOM   864  C  CG  . LYS B 2 22 ? 5.859   -3.526  -34.254 1.00 101.97 ? 369 LYS V CG  1 
ATOM   865  C  CD  . LYS B 2 22 ? 6.002   -2.063  -33.833 1.00 108.49 ? 369 LYS V CD  1 
ATOM   866  C  CE  . LYS B 2 22 ? 5.459   -1.808  -32.432 1.00 108.49 ? 369 LYS V CE  1 
ATOM   867  N  NZ  . LYS B 2 22 ? 5.572   -0.372  -32.047 1.00 101.41 ? 369 LYS V NZ  1 
ATOM   868  N  N   . SER B 2 23 ? 3.670   -3.874  -37.385 1.00 87.86  ? 370 SER V N   1 
ATOM   869  C  CA  . SER B 2 23 ? 4.169   -3.808  -38.747 1.00 94.48  ? 370 SER V CA  1 
ATOM   870  C  C   . SER B 2 23 ? 3.124   -4.072  -39.827 1.00 102.58 ? 370 SER V C   1 
ATOM   871  O  O   . SER B 2 23 ? 3.225   -5.047  -40.566 1.00 108.91 ? 370 SER V O   1 
ATOM   872  C  CB  . SER B 2 23 ? 5.347   -4.776  -38.899 1.00 97.39  ? 370 SER V CB  1 
ATOM   873  O  OG  . SER B 2 23 ? 5.079   -6.019  -38.268 1.00 99.11  ? 370 SER V OG  1 
ATOM   874  N  N   . ARG B 2 24 ? 2.124   -3.199  -39.925 1.00 104.12 ? 371 ARG V N   1 
ATOM   875  C  CA  . ARG B 2 24 ? 1.086   -3.355  -40.938 1.00 100.96 ? 371 ARG V CA  1 
ATOM   876  C  C   . ARG B 2 24 ? 1.134   -2.255  -41.996 1.00 104.07 ? 371 ARG V C   1 
ATOM   877  O  O   . ARG B 2 24 ? 1.311   -1.073  -41.701 1.00 101.02 ? 371 ARG V O   1 
ATOM   878  C  CB  . ARG B 2 24 ? -0.293  -3.419  -40.287 1.00 93.44  ? 371 ARG V CB  1 
ATOM   879  C  CG  . ARG B 2 24 ? -0.646  -4.824  -39.858 1.00 95.04  ? 371 ARG V CG  1 
ATOM   880  C  CD  . ARG B 2 24 ? -2.081  -4.943  -39.400 1.00 116.72 ? 371 ARG V CD  1 
ATOM   881  N  NE  . ARG B 2 24 ? -2.451  -6.343  -39.203 1.00 137.22 ? 371 ARG V NE  1 
ATOM   882  C  CZ  . ARG B 2 24 ? -3.557  -6.750  -38.591 1.00 148.28 ? 371 ARG V CZ  1 
ATOM   883  N  NH1 . ARG B 2 24 ? -4.416  -5.862  -38.107 1.00 155.47 ? 371 ARG V NH1 1 
ATOM   884  N  NH2 . ARG B 2 24 ? -3.804  -8.047  -38.456 1.00 146.51 ? 371 ARG V NH2 1 
ATOM   885  N  N   . PRO B 2 25 ? 0.919   -2.692  -43.243 1.00 109.45 ? 372 PRO V N   1 
ATOM   886  C  CA  . PRO B 2 25 ? 0.956   -1.860  -44.473 1.00 107.89 ? 372 PRO V CA  1 
ATOM   887  C  C   . PRO B 2 25 ? 0.405   -0.433  -44.472 1.00 109.67 ? 372 PRO V C   1 
ATOM   888  O  O   . PRO B 2 25 ? 0.185   0.152   -45.526 1.00 114.16 ? 372 PRO V O   1 
ATOM   889  C  CB  . PRO B 2 25 ? 0.148   -2.672  -45.479 1.00 102.32 ? 372 PRO V CB  1 
ATOM   890  C  CG  . PRO B 2 25 ? 0.231   -4.070  -44.985 1.00 109.26 ? 372 PRO V CG  1 
ATOM   891  C  CD  . PRO B 2 25 ? 0.185   -3.937  -43.496 1.00 113.73 ? 372 PRO V CD  1 
ATOM   892  N  N   . LEU B 2 26 ? 0.170   0.127   -43.287 1.00 108.32 ? 373 LEU V N   1 
ATOM   893  C  CA  . LEU B 2 26 ? -0.207  1.524   -43.168 1.00 109.26 ? 373 LEU V CA  1 
ATOM   894  C  C   . LEU B 2 26 ? -0.397  1.880   -41.702 1.00 110.66 ? 373 LEU V C   1 
ATOM   895  O  O   . LEU B 2 26 ? -0.380  1.009   -40.831 1.00 109.19 ? 373 LEU V O   1 
ATOM   896  C  CB  . LEU B 2 26 ? -1.506  1.756   -43.954 1.00 109.11 ? 373 LEU V CB  1 
ATOM   897  C  CG  . LEU B 2 26 ? -2.148  3.138   -44.048 1.00 97.67  ? 373 LEU V CG  1 
ATOM   898  C  CD1 . LEU B 2 26 ? -1.170  4.103   -44.697 1.00 96.24  ? 373 LEU V CD1 1 
ATOM   899  C  CD2 . LEU B 2 26 ? -3.446  3.035   -44.852 1.00 70.81  ? 373 LEU V CD2 1 
ATOM   900  N  N   . ASN B 2 27 ? -0.548  3.170   -41.432 1.00 112.98 ? 374 ASN V N   1 
ATOM   901  C  CA  . ASN B 2 27 ? -0.778  3.638   -40.076 1.00 114.41 ? 374 ASN V CA  1 
ATOM   902  C  C   . ASN B 2 27 ? -2.268  3.927   -40.022 1.00 114.38 ? 374 ASN V C   1 
ATOM   903  O  O   . ASN B 2 27 ? -2.943  3.629   -39.040 1.00 115.88 ? 374 ASN V O   1 
ATOM   904  C  CB  . ASN B 2 27 ? 0.026   4.909   -39.796 1.00 116.83 ? 374 ASN V CB  1 
ATOM   905  C  CG  . ASN B 2 27 ? 1.520   4.654   -39.751 1.00 118.71 ? 374 ASN V CG  1 
ATOM   906  O  OD1 . ASN B 2 27 ? 2.003   3.889   -38.914 1.00 115.54 ? 374 ASN V OD1 1 
ATOM   907  N  ND2 . ASN B 2 27 ? 2.263   5.292   -40.652 1.00 118.76 ? 374 ASN V ND2 1 
ATOM   908  N  N   . GLU B 2 28 ? -2.775  4.503   -41.105 1.00 112.80 ? 375 GLU V N   1 
ATOM   909  C  CA  . GLU B 2 28 ? -4.189  4.820   -41.207 1.00 111.18 ? 375 GLU V CA  1 
ATOM   910  C  C   . GLU B 2 28 ? -4.924  3.489   -41.260 1.00 111.84 ? 375 GLU V C   1 
ATOM   911  O  O   . GLU B 2 28 ? -6.080  3.392   -40.839 1.00 112.26 ? 375 GLU V O   1 
ATOM   912  C  CB  . GLU B 2 28 ? -4.457  5.601   -42.485 1.00 106.41 ? 375 GLU V CB  1 
ATOM   913  C  CG  . GLU B 2 28 ? -3.250  6.363   -42.966 1.00 114.29 ? 375 GLU V CG  1 
ATOM   914  C  CD  . GLU B 2 28 ? -3.408  6.841   -44.387 1.00 127.78 ? 375 GLU V CD  1 
ATOM   915  O  OE1 . GLU B 2 28 ? -3.688  6.001   -45.270 1.00 136.44 ? 375 GLU V OE1 1 
ATOM   916  O  OE2 . GLU B 2 28 ? -3.240  8.052   -44.624 1.00 131.79 ? 375 GLU V OE2 1 
ATOM   917  N  N   . ILE B 2 29 ? -4.238  2.465   -41.780 1.00 109.56 ? 376 ILE V N   1 
ATOM   918  C  CA  . ILE B 2 29 ? -4.809  1.123   -41.897 1.00 106.30 ? 376 ILE V CA  1 
ATOM   919  C  C   . ILE B 2 29 ? -5.153  0.619   -40.500 1.00 107.27 ? 376 ILE V C   1 
ATOM   920  O  O   . ILE B 2 29 ? -5.839  -0.396  -40.344 1.00 108.92 ? 376 ILE V O   1 
ATOM   921  C  CB  . ILE B 2 29 ? -3.823  0.120   -42.566 1.00 94.43  ? 376 ILE V CB  1 
ATOM   922  C  CG1 . ILE B 2 29 ? -4.556  -1.170  -42.959 1.00 72.68  ? 376 ILE V CG1 1 
ATOM   923  C  CG2 . ILE B 2 29 ? -2.711  -0.238  -41.601 1.00 99.15  ? 376 ILE V CG2 1 
ATOM   924  C  CD1 . ILE B 2 29 ? -3.683  -2.192  -43.678 1.00 44.49  ? 376 ILE V CD1 1 
ATOM   925  N  N   . LEU B 2 30 ? -4.662  1.334   -39.490 1.00 103.74 ? 377 LEU V N   1 
ATOM   926  C  CA  . LEU B 2 30 ? -4.921  0.994   -38.093 1.00 102.54 ? 377 LEU V CA  1 
ATOM   927  C  C   . LEU B 2 30 ? -5.750  2.106   -37.458 1.00 100.13 ? 377 LEU V C   1 
ATOM   928  O  O   . LEU B 2 30 ? -6.654  1.856   -36.652 1.00 96.41  ? 377 LEU V O   1 
ATOM   929  C  CB  . LEU B 2 30 ? -3.602  0.833   -37.333 1.00 97.98  ? 377 LEU V CB  1 
ATOM   930  C  CG  . LEU B 2 30 ? -2.312  1.199   -38.067 1.00 91.24  ? 377 LEU V CG  1 
ATOM   931  C  CD1 . LEU B 2 30 ? -1.453  2.063   -37.162 1.00 97.22  ? 377 LEU V CD1 1 
ATOM   932  C  CD2 . LEU B 2 30 ? -1.569  -0.061  -38.481 1.00 92.93  ? 377 LEU V CD2 1 
ATOM   933  N  N   . GLU B 2 31 ? -5.422  3.336   -37.837 1.00 99.36  ? 378 GLU V N   1 
ATOM   934  C  CA  . GLU B 2 31 ? -6.107  4.519   -37.345 1.00 97.67  ? 378 GLU V CA  1 
ATOM   935  C  C   . GLU B 2 31 ? -7.514  4.569   -37.893 1.00 99.58  ? 378 GLU V C   1 
ATOM   936  O  O   . GLU B 2 31 ? -7.991  5.625   -38.305 1.00 97.50  ? 378 GLU V O   1 
ATOM   937  C  CB  . GLU B 2 31 ? -5.377  5.780   -37.787 1.00 94.09  ? 378 GLU V CB  1 
ATOM   938  C  CG  . GLU B 2 31 ? -4.052  5.997   -37.117 1.00 93.60  ? 378 GLU V CG  1 
ATOM   939  C  CD  . GLU B 2 31 ? -3.904  7.426   -36.671 1.00 100.08 ? 378 GLU V CD  1 
ATOM   940  O  OE1 . GLU B 2 31 ? -4.077  8.317   -37.524 1.00 104.42 ? 378 GLU V OE1 1 
ATOM   941  O  OE2 . GLU B 2 31 ? -3.628  7.657   -35.474 1.00 106.76 ? 378 GLU V OE2 1 
ATOM   942  N  N   . ASP B 2 32 ? -8.180  3.422   -37.905 1.00 103.16 ? 379 ASP V N   1 
ATOM   943  C  CA  . ASP B 2 32 ? -9.536  3.361   -38.413 1.00 102.31 ? 379 ASP V CA  1 
ATOM   944  C  C   . ASP B 2 32 ? -10.549 3.550   -37.303 1.00 99.37  ? 379 ASP V C   1 
ATOM   945  O  O   . ASP B 2 32 ? -11.586 4.181   -37.512 1.00 99.11  ? 379 ASP V O   1 
ATOM   946  C  CB  . ASP B 2 32 ? -9.763  2.039   -39.128 1.00 97.57  ? 379 ASP V CB  1 
ATOM   947  C  CG  . ASP B 2 32 ? -8.801  1.844   -40.274 1.00 102.96 ? 379 ASP V CG  1 
ATOM   948  O  OD1 . ASP B 2 32 ? -8.602  2.811   -41.041 1.00 97.63  ? 379 ASP V OD1 1 
ATOM   949  O  OD2 . ASP B 2 32 ? -8.253  0.729   -40.414 1.00 113.92 ? 379 ASP V OD2 1 
ATOM   950  N  N   . SER B 2 33 ? -10.251 3.020   -36.121 1.00 93.11  ? 380 SER V N   1 
ATOM   951  C  CA  . SER B 2 33 ? -11.164 3.177   -35.003 1.00 91.62  ? 380 SER V CA  1 
ATOM   952  C  C   . SER B 2 33 ? -10.766 2.346   -33.796 1.00 88.15  ? 380 SER V C   1 
ATOM   953  O  O   . SER B 2 33 ? -10.170 2.850   -32.850 1.00 89.45  ? 380 SER V O   1 
ATOM   954  C  CB  . SER B 2 33 ? -12.590 2.809   -35.437 1.00 100.33 ? 380 SER V CB  1 
ATOM   955  O  OG  . SER B 2 33 ? -13.548 3.145   -34.445 1.00 106.63 ? 380 SER V OG  1 
ATOM   956  N  N   . LYS B 2 34 ? -11.114 1.066   -33.844 1.00 86.92  ? 381 LYS V N   1 
ATOM   957  C  CA  . LYS B 2 34 ? -10.833 0.125   -32.772 1.00 84.04  ? 381 LYS V CA  1 
ATOM   958  C  C   . LYS B 2 34 ? -9.508  0.368   -32.061 1.00 78.08  ? 381 LYS V C   1 
ATOM   959  O  O   . LYS B 2 34 ? -9.417  0.236   -30.844 1.00 75.52  ? 381 LYS V O   1 
ATOM   960  C  CB  . LYS B 2 34 ? -10.889 -1.294  -33.332 1.00 92.85  ? 381 LYS V CB  1 
ATOM   961  C  CG  . LYS B 2 34 ? -12.218 -1.599  -34.010 1.00 105.95 ? 381 LYS V CG  1 
ATOM   962  C  CD  . LYS B 2 34 ? -13.385 -1.366  -33.045 1.00 111.48 ? 381 LYS V CD  1 
ATOM   963  C  CE  . LYS B 2 34 ? -14.748 -1.473  -33.731 1.00 107.74 ? 381 LYS V CE  1 
ATOM   964  N  NZ  . LYS B 2 34 ? -14.989 -0.382  -34.725 1.00 93.14  ? 381 LYS V NZ  1 
ATOM   965  N  N   . LEU B 2 35 ? -8.481  0.720   -32.824 1.00 72.73  ? 382 LEU V N   1 
ATOM   966  C  CA  . LEU B 2 35 ? -7.180  0.993   -32.238 1.00 68.33  ? 382 LEU V CA  1 
ATOM   967  C  C   . LEU B 2 35 ? -7.230  2.350   -31.558 1.00 67.18  ? 382 LEU V C   1 
ATOM   968  O  O   . LEU B 2 35 ? -6.858  2.489   -30.392 1.00 64.51  ? 382 LEU V O   1 
ATOM   969  C  CB  . LEU B 2 35 ? -6.092  1.004   -33.317 1.00 72.40  ? 382 LEU V CB  1 
ATOM   970  C  CG  . LEU B 2 35 ? -4.744  1.617   -32.914 1.00 78.26  ? 382 LEU V CG  1 
ATOM   971  C  CD1 . LEU B 2 35 ? -4.141  0.854   -31.748 1.00 61.47  ? 382 LEU V CD1 1 
ATOM   972  C  CD2 . LEU B 2 35 ? -3.801  1.598   -34.101 1.00 85.69  ? 382 LEU V CD2 1 
ATOM   973  N  N   . GLN B 2 36 ? -7.707  3.345   -32.300 1.00 67.94  ? 383 GLN V N   1 
ATOM   974  C  CA  . GLN B 2 36 ? -7.803  4.712   -31.805 1.00 59.67  ? 383 GLN V CA  1 
ATOM   975  C  C   . GLN B 2 36 ? -8.794  4.908   -30.663 1.00 54.58  ? 383 GLN V C   1 
ATOM   976  O  O   . GLN B 2 36 ? -8.542  5.695   -29.754 1.00 53.32  ? 383 GLN V O   1 
ATOM   977  C  CB  . GLN B 2 36 ? -8.125  5.657   -32.964 1.00 51.66  ? 383 GLN V CB  1 
ATOM   978  C  CG  . GLN B 2 36 ? -7.046  6.708   -33.194 1.00 67.65  ? 383 GLN V CG  1 
ATOM   979  C  CD  . GLN B 2 36 ? -5.637  6.125   -33.119 1.00 75.34  ? 383 GLN V CD  1 
ATOM   980  O  OE1 . GLN B 2 36 ? -5.319  5.160   -33.816 1.00 85.21  ? 383 GLN V OE1 1 
ATOM   981  N  NE2 . GLN B 2 36 ? -4.789  6.713   -32.273 1.00 42.89  ? 383 GLN V NE2 1 
ATOM   982  N  N   . ASN B 2 37 ? -9.919  4.210   -30.695 1.00 51.61  ? 384 ASN V N   1 
ATOM   983  C  CA  . ASN B 2 37 ? -10.873 4.350   -29.608 1.00 59.16  ? 384 ASN V CA  1 
ATOM   984  C  C   . ASN B 2 37 ? -10.367 3.598   -28.385 1.00 63.51  ? 384 ASN V C   1 
ATOM   985  O  O   . ASN B 2 37 ? -10.682 3.959   -27.244 1.00 68.11  ? 384 ASN V O   1 
ATOM   986  C  CB  . ASN B 2 37 ? -12.239 3.815   -30.013 1.00 65.19  ? 384 ASN V CB  1 
ATOM   987  C  CG  . ASN B 2 37 ? -12.868 4.627   -31.111 1.00 78.60  ? 384 ASN V CG  1 
ATOM   988  O  OD1 . ASN B 2 37 ? -12.836 5.858   -31.081 1.00 78.04  ? 384 ASN V OD1 1 
ATOM   989  N  ND2 . ASN B 2 37 ? -13.455 3.947   -32.086 1.00 100.19 ? 384 ASN V ND2 1 
ATOM   990  N  N   . LEU B 2 38 ? -9.582  2.552   -28.630 1.00 57.53  ? 385 LEU V N   1 
ATOM   991  C  CA  . LEU B 2 38 ? -9.019  1.740   -27.555 1.00 49.23  ? 385 LEU V CA  1 
ATOM   992  C  C   . LEU B 2 38 ? -7.879  2.502   -26.901 1.00 45.08  ? 385 LEU V C   1 
ATOM   993  O  O   . LEU B 2 38 ? -7.813  2.615   -25.678 1.00 41.31  ? 385 LEU V O   1 
ATOM   994  C  CB  . LEU B 2 38 ? -8.493  0.420   -28.116 1.00 44.91  ? 385 LEU V CB  1 
ATOM   995  C  CG  . LEU B 2 38 ? -7.762  -0.479  -27.125 1.00 43.91  ? 385 LEU V CG  1 
ATOM   996  C  CD1 . LEU B 2 38 ? -8.752  -1.088  -26.158 1.00 30.22  ? 385 LEU V CD1 1 
ATOM   997  C  CD2 . LEU B 2 38 ? -7.028  -1.561  -27.879 1.00 51.12  ? 385 LEU V CD2 1 
ATOM   998  N  N   . ALA B 2 39 ? -6.981  3.017   -27.734 1.00 45.81  ? 386 ALA V N   1 
ATOM   999  C  CA  . ALA B 2 39 ? -5.844  3.787   -27.259 1.00 47.79  ? 386 ALA V CA  1 
ATOM   1000 C  C   . ALA B 2 39 ? -6.367  4.871   -26.346 1.00 49.22  ? 386 ALA V C   1 
ATOM   1001 O  O   . ALA B 2 39 ? -5.904  5.019   -25.216 1.00 52.24  ? 386 ALA V O   1 
ATOM   1002 C  CB  . ALA B 2 39 ? -5.100  4.413   -28.431 1.00 51.92  ? 386 ALA V CB  1 
ATOM   1003 N  N   . GLN B 2 40 ? -7.345  5.619   -26.857 1.00 47.45  ? 387 GLN V N   1 
ATOM   1004 C  CA  . GLN B 2 40 ? -7.979  6.722   -26.141 1.00 43.21  ? 387 GLN V CA  1 
ATOM   1005 C  C   . GLN B 2 40 ? -8.359  6.347   -24.725 1.00 46.06  ? 387 GLN V C   1 
ATOM   1006 O  O   . GLN B 2 40 ? -8.034  7.058   -23.773 1.00 43.97  ? 387 GLN V O   1 
ATOM   1007 C  CB  . GLN B 2 40 ? -9.222  7.173   -26.899 1.00 43.87  ? 387 GLN V CB  1 
ATOM   1008 C  CG  . GLN B 2 40 ? -10.093 8.156   -26.155 1.00 62.39  ? 387 GLN V CG  1 
ATOM   1009 C  CD  . GLN B 2 40 ? -10.983 8.949   -27.089 1.00 77.41  ? 387 GLN V CD  1 
ATOM   1010 O  OE1 . GLN B 2 40 ? -11.523 8.410   -28.052 1.00 85.79  ? 387 GLN V OE1 1 
ATOM   1011 N  NE2 . GLN B 2 40 ? -11.143 10.238  -26.807 1.00 82.35  ? 387 GLN V NE2 1 
ATOM   1012 N  N   . ARG B 2 41 ? -9.057  5.226   -24.591 1.00 51.87  ? 388 ARG V N   1 
ATOM   1013 C  CA  . ARG B 2 41 ? -9.478  4.752   -23.285 1.00 49.12  ? 388 ARG V CA  1 
ATOM   1014 C  C   . ARG B 2 41 ? -8.247  4.399   -22.454 1.00 49.42  ? 388 ARG V C   1 
ATOM   1015 O  O   . ARG B 2 41 ? -8.057  4.915   -21.355 1.00 55.11  ? 388 ARG V O   1 
ATOM   1016 C  CB  . ARG B 2 41 ? -10.406 3.542   -23.443 1.00 42.53  ? 388 ARG V CB  1 
ATOM   1017 C  CG  . ARG B 2 41 ? -11.669 3.856   -24.254 1.00 60.50  ? 388 ARG V CG  1 
ATOM   1018 C  CD  . ARG B 2 41 ? -12.734 2.759   -24.187 1.00 75.99  ? 388 ARG V CD  1 
ATOM   1019 N  NE  . ARG B 2 41 ? -12.319 1.493   -24.791 1.00 89.65  ? 388 ARG V NE  1 
ATOM   1020 C  CZ  . ARG B 2 41 ? -11.603 0.557   -24.172 1.00 101.92 ? 388 ARG V CZ  1 
ATOM   1021 N  NH1 . ARG B 2 41 ? -11.210 0.736   -22.916 1.00 106.76 ? 388 ARG V NH1 1 
ATOM   1022 N  NH2 . ARG B 2 41 ? -11.286 -0.565  -24.805 1.00 95.96  ? 388 ARG V NH2 1 
ATOM   1023 N  N   . VAL B 2 42 ? -7.395  3.539   -22.990 1.00 45.83  ? 389 VAL V N   1 
ATOM   1024 C  CA  . VAL B 2 42 ? -6.188  3.149   -22.276 1.00 47.55  ? 389 VAL V CA  1 
ATOM   1025 C  C   . VAL B 2 42 ? -5.373  4.346   -21.768 1.00 42.73  ? 389 VAL V C   1 
ATOM   1026 O  O   . VAL B 2 42 ? -4.989  4.381   -20.594 1.00 41.23  ? 389 VAL V O   1 
ATOM   1027 C  CB  . VAL B 2 42 ? -5.288  2.252   -23.172 1.00 51.74  ? 389 VAL V CB  1 
ATOM   1028 C  CG1 . VAL B 2 42 ? -4.018  1.835   -22.418 1.00 28.64  ? 389 VAL V CG1 1 
ATOM   1029 C  CG2 . VAL B 2 42 ? -6.074  1.017   -23.598 1.00 51.11  ? 389 VAL V CG2 1 
ATOM   1030 N  N   . PHE B 2 43 ? -5.121  5.322   -22.642 1.00 37.66  ? 390 PHE V N   1 
ATOM   1031 C  CA  . PHE B 2 43 ? -4.328  6.505   -22.287 1.00 34.32  ? 390 PHE V CA  1 
ATOM   1032 C  C   . PHE B 2 43 ? -4.941  7.318   -21.184 1.00 42.48  ? 390 PHE V C   1 
ATOM   1033 O  O   . PHE B 2 43 ? -4.237  7.790   -20.298 1.00 42.08  ? 390 PHE V O   1 
ATOM   1034 C  CB  . PHE B 2 43 ? -4.118  7.389   -23.499 1.00 17.79  ? 390 PHE V CB  1 
ATOM   1035 C  CG  . PHE B 2 43 ? -3.200  6.786   -24.511 1.00 53.81  ? 390 PHE V CG  1 
ATOM   1036 C  CD1 . PHE B 2 43 ? -3.186  7.246   -25.826 1.00 51.54  ? 390 PHE V CD1 1 
ATOM   1037 C  CD2 . PHE B 2 43 ? -2.350  5.733   -24.150 1.00 57.86  ? 390 PHE V CD2 1 
ATOM   1038 C  CE1 . PHE B 2 43 ? -2.342  6.668   -26.766 1.00 59.66  ? 390 PHE V CE1 1 
ATOM   1039 C  CE2 . PHE B 2 43 ? -1.502  5.149   -25.081 1.00 60.53  ? 390 PHE V CE2 1 
ATOM   1040 C  CZ  . PHE B 2 43 ? -1.497  5.613   -26.390 1.00 67.11  ? 390 PHE V CZ  1 
ATOM   1041 N  N   . ALA B 2 44 ? -6.257  7.498   -21.252 1.00 55.42  ? 391 ALA V N   1 
ATOM   1042 C  CA  . ALA B 2 44 ? -6.983  8.245   -20.229 1.00 58.54  ? 391 ALA V CA  1 
ATOM   1043 C  C   . ALA B 2 44 ? -6.794  7.523   -18.895 1.00 58.29  ? 391 ALA V C   1 
ATOM   1044 O  O   . ALA B 2 44 ? -6.654  8.158   -17.847 1.00 56.05  ? 391 ALA V O   1 
ATOM   1045 C  CB  . ALA B 2 44 ? -8.473  8.312   -20.582 1.00 42.84  ? 391 ALA V CB  1 
ATOM   1046 N  N   . SER B 2 45 ? -6.774  6.192   -18.966 1.00 56.47  ? 392 SER V N   1 
ATOM   1047 C  CA  . SER B 2 45 ? -6.625  5.324   -17.807 1.00 50.14  ? 392 SER V CA  1 
ATOM   1048 C  C   . SER B 2 45 ? -5.303  5.472   -17.040 1.00 53.26  ? 392 SER V C   1 
ATOM   1049 O  O   . SER B 2 45 ? -5.170  4.962   -15.921 1.00 47.82  ? 392 SER V O   1 
ATOM   1050 C  CB  . SER B 2 45 ? -6.824  3.872   -18.226 1.00 39.65  ? 392 SER V CB  1 
ATOM   1051 O  OG  . SER B 2 45 ? -6.853  3.038   -17.080 1.00 59.08  ? 392 SER V OG  1 
ATOM   1052 N  N   . LYS B 2 46 ? -4.330  6.167   -17.625 1.00 51.42  ? 393 LYS V N   1 
ATOM   1053 C  CA  . LYS B 2 46 ? -3.062  6.377   -16.937 1.00 48.25  ? 393 LYS V CA  1 
ATOM   1054 C  C   . LYS B 2 46 ? -3.304  7.139   -15.642 1.00 52.44  ? 393 LYS V C   1 
ATOM   1055 O  O   . LYS B 2 46 ? -2.792  6.767   -14.588 1.00 60.37  ? 393 LYS V O   1 
ATOM   1056 C  CB  . LYS B 2 46 ? -2.094  7.176   -17.805 1.00 36.96  ? 393 LYS V CB  1 
ATOM   1057 C  CG  . LYS B 2 46 ? -1.178  6.331   -18.660 1.00 46.33  ? 393 LYS V CG  1 
ATOM   1058 C  CD  . LYS B 2 46 ? -0.542  7.159   -19.777 1.00 53.37  ? 393 LYS V CD  1 
ATOM   1059 C  CE  . LYS B 2 46 ? 0.333   8.273   -19.236 1.00 56.05  ? 393 LYS V CE  1 
ATOM   1060 N  NZ  . LYS B 2 46 ? 1.426   7.755   -18.368 1.00 45.71  ? 393 LYS V NZ  1 
ATOM   1061 N  N   . ALA B 2 47 ? -4.097  8.201   -15.722 1.00 47.50  ? 394 ALA V N   1 
ATOM   1062 C  CA  . ALA B 2 47 ? -4.380  9.013   -14.548 1.00 44.30  ? 394 ALA V CA  1 
ATOM   1063 C  C   . ALA B 2 47 ? -5.030  8.258   -13.386 1.00 48.53  ? 394 ALA V C   1 
ATOM   1064 O  O   . ALA B 2 47 ? -4.688  8.503   -12.233 1.00 50.45  ? 394 ALA V O   1 
ATOM   1065 C  CB  . ALA B 2 47 ? -5.225  10.204  -14.941 1.00 31.83  ? 394 ALA V CB  1 
ATOM   1066 N  N   . ARG B 2 48 ? -5.964  7.351   -13.677 1.00 55.17  ? 395 ARG V N   1 
ATOM   1067 C  CA  . ARG B 2 48 ? -6.635  6.581   -12.622 1.00 56.67  ? 395 ARG V CA  1 
ATOM   1068 C  C   . ARG B 2 48 ? -5.643  5.589   -12.046 1.00 55.12  ? 395 ARG V C   1 
ATOM   1069 O  O   . ARG B 2 48 ? -5.512  5.454   -10.829 1.00 54.43  ? 395 ARG V O   1 
ATOM   1070 C  CB  . ARG B 2 48 ? -7.846  5.806   -13.161 1.00 52.92  ? 395 ARG V CB  1 
ATOM   1071 C  CG  . ARG B 2 48 ? -9.041  6.654   -13.599 1.00 68.10  ? 395 ARG V CG  1 
ATOM   1072 C  CD  . ARG B 2 48 ? -10.281 6.374   -12.750 1.00 69.61  ? 395 ARG V CD  1 
ATOM   1073 N  NE  . ARG B 2 48 ? -10.590 4.949   -12.689 1.00 77.77  ? 395 ARG V NE  1 
ATOM   1074 C  CZ  . ARG B 2 48 ? -11.415 4.399   -11.804 1.00 87.28  ? 395 ARG V CZ  1 
ATOM   1075 N  NH1 . ARG B 2 48 ? -12.021 5.152   -10.896 1.00 81.03  ? 395 ARG V NH1 1 
ATOM   1076 N  NH2 . ARG B 2 48 ? -11.622 3.088   -11.817 1.00 99.64  ? 395 ARG V NH2 1 
ATOM   1077 N  N   . LEU B 2 49 ? -4.949  4.892   -12.938 1.00 49.15  ? 396 LEU V N   1 
ATOM   1078 C  CA  . LEU B 2 49 ? -3.968  3.915   -12.519 1.00 47.27  ? 396 LEU V CA  1 
ATOM   1079 C  C   . LEU B 2 49 ? -3.018  4.549   -11.507 1.00 49.74  ? 396 LEU V C   1 
ATOM   1080 O  O   . LEU B 2 49 ? -2.856  4.037   -10.398 1.00 54.49  ? 396 LEU V O   1 
ATOM   1081 C  CB  . LEU B 2 49 ? -3.206  3.385   -13.738 1.00 46.04  ? 396 LEU V CB  1 
ATOM   1082 C  CG  . LEU B 2 49 ? -2.043  2.429   -13.467 1.00 51.14  ? 396 LEU V CG  1 
ATOM   1083 C  CD1 . LEU B 2 49 ? -1.838  1.487   -14.638 1.00 49.77  ? 396 LEU V CD1 1 
ATOM   1084 C  CD2 . LEU B 2 49 ? -0.790  3.245   -13.204 1.00 65.02  ? 396 LEU V CD2 1 
ATOM   1085 N  N   . ASN B 2 50 ? -2.398  5.667   -11.872 1.00 43.36  ? 397 ASN V N   1 
ATOM   1086 C  CA  . ASN B 2 50 ? -1.480  6.335   -10.960 1.00 36.24  ? 397 ASN V CA  1 
ATOM   1087 C  C   . ASN B 2 50 ? -2.200  6.736   -9.685  1.00 37.92  ? 397 ASN V C   1 
ATOM   1088 O  O   . ASN B 2 50 ? -1.750  6.429   -8.580  1.00 36.51  ? 397 ASN V O   1 
ATOM   1089 C  CB  . ASN B 2 50 ? -0.898  7.575   -11.612 1.00 32.61  ? 397 ASN V CB  1 
ATOM   1090 C  CG  . ASN B 2 50 ? -0.011  7.243   -12.781 1.00 50.83  ? 397 ASN V CG  1 
ATOM   1091 O  OD1 . ASN B 2 50 ? 1.044   6.622   -12.625 1.00 52.90  ? 397 ASN V OD1 1 
ATOM   1092 N  ND2 . ASN B 2 50 ? -0.432  7.652   -13.969 1.00 54.76  ? 397 ASN V ND2 1 
ATOM   1093 N  N   . TYR B 2 51 ? -3.324  7.426   -9.837  1.00 38.04  ? 398 TYR V N   1 
ATOM   1094 C  CA  . TYR B 2 51 ? -4.081  7.850   -8.677  1.00 42.74  ? 398 TYR V CA  1 
ATOM   1095 C  C   . TYR B 2 51 ? -4.322  6.636   -7.795  1.00 46.83  ? 398 TYR V C   1 
ATOM   1096 O  O   . TYR B 2 51 ? -4.086  6.671   -6.591  1.00 52.16  ? 398 TYR V O   1 
ATOM   1097 C  CB  . TYR B 2 51 ? -5.412  8.479   -9.097  1.00 50.48  ? 398 TYR V CB  1 
ATOM   1098 C  CG  . TYR B 2 51 ? -6.207  8.997   -7.921  1.00 61.54  ? 398 TYR V CG  1 
ATOM   1099 C  CD1 . TYR B 2 51 ? -5.655  9.924   -7.040  1.00 59.21  ? 398 TYR V CD1 1 
ATOM   1100 C  CD2 . TYR B 2 51 ? -7.482  8.508   -7.650  1.00 83.02  ? 398 TYR V CD2 1 
ATOM   1101 C  CE1 . TYR B 2 51 ? -6.349  10.341  -5.913  1.00 78.88  ? 398 TYR V CE1 1 
ATOM   1102 C  CE2 . TYR B 2 51 ? -8.189  8.920   -6.524  1.00 85.04  ? 398 TYR V CE2 1 
ATOM   1103 C  CZ  . TYR B 2 51 ? -7.616  9.831   -5.660  1.00 80.66  ? 398 TYR V CZ  1 
ATOM   1104 O  OH  . TYR B 2 51 ? -8.305  10.211  -4.533  1.00 72.67  ? 398 TYR V OH  1 
ATOM   1105 N  N   . ALA B 2 52 ? -4.778  5.553   -8.410  1.00 52.19  ? 399 ALA V N   1 
ATOM   1106 C  CA  . ALA B 2 52 ? -5.039  4.312   -7.690  1.00 49.34  ? 399 ALA V CA  1 
ATOM   1107 C  C   . ALA B 2 52 ? -3.735  3.742   -7.123  1.00 46.06  ? 399 ALA V C   1 
ATOM   1108 O  O   . ALA B 2 52 ? -3.673  3.365   -5.953  1.00 44.13  ? 399 ALA V O   1 
ATOM   1109 C  CB  . ALA B 2 52 ? -5.695  3.303   -8.621  1.00 37.30  ? 399 ALA V CB  1 
ATOM   1110 N  N   . LEU B 2 53 ? -2.695  3.678   -7.947  1.00 45.29  ? 400 LEU V N   1 
ATOM   1111 C  CA  . LEU B 2 53 ? -1.414  3.164   -7.481  1.00 47.75  ? 400 LEU V CA  1 
ATOM   1112 C  C   . LEU B 2 53 ? -0.911  3.966   -6.282  1.00 51.65  ? 400 LEU V C   1 
ATOM   1113 O  O   . LEU B 2 53 ? -0.575  3.391   -5.247  1.00 47.25  ? 400 LEU V O   1 
ATOM   1114 C  CB  . LEU B 2 53 ? -0.358  3.202   -8.597  1.00 36.72  ? 400 LEU V CB  1 
ATOM   1115 C  CG  . LEU B 2 53 ? 0.990   2.550   -8.249  1.00 22.93  ? 400 LEU V CG  1 
ATOM   1116 C  CD1 . LEU B 2 53 ? 1.850   2.444   -9.483  1.00 45.69  ? 400 LEU V CD1 1 
ATOM   1117 C  CD2 . LEU B 2 53 ? 1.714   3.359   -7.199  1.00 52.05  ? 400 LEU V CD2 1 
ATOM   1118 N  N   . ASN B 2 54 ? -0.846  5.289   -6.423  1.00 58.91  ? 401 ASN V N   1 
ATOM   1119 C  CA  . ASN B 2 54 ? -0.364  6.147   -5.339  1.00 64.09  ? 401 ASN V CA  1 
ATOM   1120 C  C   . ASN B 2 54 ? -1.092  5.861   -4.017  1.00 59.67  ? 401 ASN V C   1 
ATOM   1121 O  O   . ASN B 2 54 ? -0.464  5.701   -2.969  1.00 53.67  ? 401 ASN V O   1 
ATOM   1122 C  CB  . ASN B 2 54 ? -0.538  7.617   -5.722  1.00 75.03  ? 401 ASN V CB  1 
ATOM   1123 C  CG  . ASN B 2 54 ? -0.069  8.565   -4.632  1.00 92.39  ? 401 ASN V CG  1 
ATOM   1124 O  OD1 . ASN B 2 54 ? 1.101   8.561   -4.256  1.00 87.53  ? 401 ASN V OD1 1 
ATOM   1125 N  ND2 . ASN B 2 54 ? -0.985  9.385   -4.120  1.00 106.29 ? 401 ASN V ND2 1 
ATOM   1126 N  N   . ASP B 2 55 ? -2.415  5.788   -4.081  1.00 54.63  ? 402 ASP V N   1 
ATOM   1127 C  CA  . ASP B 2 55 ? -3.223  5.513   -2.907  1.00 53.16  ? 402 ASP V CA  1 
ATOM   1128 C  C   . ASP B 2 55 ? -2.823  4.205   -2.225  1.00 51.20  ? 402 ASP V C   1 
ATOM   1129 O  O   . ASP B 2 55 ? -2.784  4.134   -0.997  1.00 54.77  ? 402 ASP V O   1 
ATOM   1130 C  CB  . ASP B 2 55 ? -4.704  5.476   -3.295  1.00 65.52  ? 402 ASP V CB  1 
ATOM   1131 C  CG  . ASP B 2 55 ? -5.621  5.298   -2.096  1.00 71.80  ? 402 ASP V CG  1 
ATOM   1132 O  OD1 . ASP B 2 55 ? -5.944  4.136   -1.758  1.00 60.80  ? 402 ASP V OD1 1 
ATOM   1133 O  OD2 . ASP B 2 55 ? -6.010  6.325   -1.492  1.00 66.46  ? 402 ASP V OD2 1 
ATOM   1134 N  N   . LYS B 2 56 ? -2.526  3.173   -3.010  1.00 47.28  ? 403 LYS V N   1 
ATOM   1135 C  CA  . LYS B 2 56 ? -2.127  1.884   -2.437  1.00 49.26  ? 403 LYS V CA  1 
ATOM   1136 C  C   . LYS B 2 56 ? -0.810  2.015   -1.651  1.00 50.15  ? 403 LYS V C   1 
ATOM   1137 O  O   . LYS B 2 56 ? -0.696  1.510   -0.524  1.00 45.56  ? 403 LYS V O   1 
ATOM   1138 C  CB  . LYS B 2 56 ? -1.953  0.823   -3.537  1.00 48.04  ? 403 LYS V CB  1 
ATOM   1139 C  CG  . LYS B 2 56 ? -3.104  0.717   -4.523  1.00 52.50  ? 403 LYS V CG  1 
ATOM   1140 C  CD  . LYS B 2 56 ? -4.430  0.581   -3.810  1.00 67.94  ? 403 LYS V CD  1 
ATOM   1141 C  CE  . LYS B 2 56 ? -5.584  0.493   -4.793  1.00 64.13  ? 403 LYS V CE  1 
ATOM   1142 N  NZ  . LYS B 2 56 ? -6.888  0.461   -4.066  1.00 68.65  ? 403 LYS V NZ  1 
ATOM   1143 N  N   . ALA B 2 57 ? 0.167   2.694   -2.261  1.00 49.93  ? 404 ALA V N   1 
ATOM   1144 C  CA  . ALA B 2 57 ? 1.498   2.929   -1.684  1.00 49.24  ? 404 ALA V CA  1 
ATOM   1145 C  C   . ALA B 2 57 ? 1.393   3.693   -0.375  1.00 49.38  ? 404 ALA V C   1 
ATOM   1146 O  O   . ALA B 2 57 ? 1.929   3.277   0.655   1.00 50.37  ? 404 ALA V O   1 
ATOM   1147 C  CB  . ALA B 2 57 ? 2.354   3.717   -2.673  1.00 56.29  ? 404 ALA V CB  1 
ATOM   1148 N  N   . GLN B 2 58 ? 0.716   4.834   -0.454  1.00 47.88  ? 405 GLN V N   1 
ATOM   1149 C  CA  . GLN B 2 58 ? 0.451   5.710   0.678   1.00 44.19  ? 405 GLN V CA  1 
ATOM   1150 C  C   . GLN B 2 58 ? -0.030  4.866   1.861   1.00 47.10  ? 405 GLN V C   1 
ATOM   1151 O  O   . GLN B 2 58 ? 0.624   4.812   2.904   1.00 45.89  ? 405 GLN V O   1 
ATOM   1152 C  CB  . GLN B 2 58 ? -0.555  6.799   0.255   1.00 47.03  ? 405 GLN V CB  1 
ATOM   1153 C  CG  . GLN B 2 58 ? -1.384  7.415   1.385   1.00 75.33  ? 405 GLN V CG  1 
ATOM   1154 C  CD  . GLN B 2 58 ? -2.706  7.988   0.899   1.00 87.18  ? 405 GLN V CD  1 
ATOM   1155 O  OE1 . GLN B 2 58 ? -3.689  7.253   0.780   1.00 93.54  ? 405 GLN V OE1 1 
ATOM   1156 N  NE2 . GLN B 2 58 ? -2.952  9.240   0.568   1.00 73.66  ? 405 GLN V NE2 1 
ATOM   1157 N  N   . LYS B 2 59 ? -1.167  4.222   1.702   1.00 48.24  ? 406 LYS V N   1 
ATOM   1158 C  CA  . LYS B 2 59 ? -1.717  3.382   2.726   1.00 52.47  ? 406 LYS V CA  1 
ATOM   1159 C  C   . LYS B 2 59 ? -0.712  2.388   3.299   1.00 57.79  ? 406 LYS V C   1 
ATOM   1160 O  O   . LYS B 2 59 ? -0.530  2.300   4.505   1.00 55.00  ? 406 LYS V O   1 
ATOM   1161 C  CB  . LYS B 2 59 ? -2.929  2.639   2.161   1.00 39.18  ? 406 LYS V CB  1 
ATOM   1162 C  CG  . LYS B 2 59 ? -4.160  3.510   1.976   1.00 61.44  ? 406 LYS V CG  1 
ATOM   1163 C  CD  . LYS B 2 59 ? -5.434  2.684   2.036   1.00 59.89  ? 406 LYS V CD  1 
ATOM   1164 C  CE  . LYS B 2 59 ? -6.659  3.537   1.749   1.00 53.18  ? 406 LYS V CE  1 
ATOM   1165 N  NZ  . LYS B 2 59 ? -7.912  2.730   1.751   1.00 77.07  ? 406 LYS V NZ  1 
ATOM   1166 N  N   . TYR B 2 60 ? -0.084  1.642   2.401   1.00 56.98  ? 407 TYR V N   1 
ATOM   1167 C  CA  . TYR B 2 60 ? 0.905   0.660   2.794   1.00 54.91  ? 407 TYR V CA  1 
ATOM   1168 C  C   . TYR B 2 60 ? 1.882   1.272   3.802   1.00 56.39  ? 407 TYR V C   1 
ATOM   1169 O  O   . TYR B 2 60 ? 2.119   0.704   4.871   1.00 55.97  ? 407 TYR V O   1 
ATOM   1170 C  CB  . TYR B 2 60 ? 1.649   0.166   1.553   1.00 54.02  ? 407 TYR V CB  1 
ATOM   1171 C  CG  . TYR B 2 60 ? 2.610   -0.964  1.827   1.00 54.69  ? 407 TYR V CG  1 
ATOM   1172 C  CD1 . TYR B 2 60 ? 2.153   -2.184  2.335   1.00 44.21  ? 407 TYR V CD1 1 
ATOM   1173 C  CD2 . TYR B 2 60 ? 3.983   -0.809  1.604   1.00 47.00  ? 407 TYR V CD2 1 
ATOM   1174 C  CE1 . TYR B 2 60 ? 3.035   -3.220  2.622   1.00 51.39  ? 407 TYR V CE1 1 
ATOM   1175 C  CE2 . TYR B 2 60 ? 4.876   -1.841  1.887   1.00 51.72  ? 407 TYR V CE2 1 
ATOM   1176 C  CZ  . TYR B 2 60 ? 4.395   -3.041  2.399   1.00 61.51  ? 407 TYR V CZ  1 
ATOM   1177 O  OH  . TYR B 2 60 ? 5.275   -4.055  2.709   1.00 69.12  ? 407 TYR V OH  1 
ATOM   1178 N  N   . ASN B 2 61 ? 2.434   2.434   3.464   1.00 50.15  ? 408 ASN V N   1 
ATOM   1179 C  CA  . ASN B 2 61 ? 3.381   3.113   4.342   1.00 53.55  ? 408 ASN V CA  1 
ATOM   1180 C  C   . ASN B 2 61 ? 2.764   3.488   5.680   1.00 53.71  ? 408 ASN V C   1 
ATOM   1181 O  O   . ASN B 2 61 ? 3.362   3.259   6.742   1.00 49.46  ? 408 ASN V O   1 
ATOM   1182 C  CB  . ASN B 2 61 ? 3.904   4.368   3.670   1.00 63.78  ? 408 ASN V CB  1 
ATOM   1183 C  CG  . ASN B 2 61 ? 4.680   4.067   2.426   1.00 60.67  ? 408 ASN V CG  1 
ATOM   1184 O  OD1 . ASN B 2 61 ? 5.677   3.347   2.466   1.00 76.86  ? 408 ASN V OD1 1 
ATOM   1185 N  ND2 . ASN B 2 61 ? 4.231   4.614   1.303   1.00 58.17  ? 408 ASN V ND2 1 
ATOM   1186 N  N   . THR B 2 62 ? 1.579   4.091   5.619   1.00 52.04  ? 409 THR V N   1 
ATOM   1187 C  CA  . THR B 2 62 ? 0.854   4.476   6.821   1.00 55.71  ? 409 THR V CA  1 
ATOM   1188 C  C   . THR B 2 62 ? 0.703   3.250   7.727   1.00 59.32  ? 409 THR V C   1 
ATOM   1189 O  O   . THR B 2 62 ? 0.677   3.338   8.942   1.00 57.06  ? 409 THR V O   1 
ATOM   1190 C  CB  . THR B 2 62 ? -0.567  5.007   6.471   1.00 60.61  ? 409 THR V CB  1 
ATOM   1191 O  OG1 . THR B 2 62 ? -0.452  6.034   5.471   1.00 51.90  ? 409 THR V OG1 1 
ATOM   1192 C  CG2 . THR B 2 62 ? -1.234  5.576   7.708   1.00 67.62  ? 409 THR V CG2 1 
ATOM   1193 N  N   . LEU B 2 63 ? 0.613   2.121   7.065   1.00 62.07  ? 410 LEU V N   1 
ATOM   1194 C  CA  . LEU B 2 63 ? 0.409   0.826   7.699   1.00 60.63  ? 410 LEU V CA  1 
ATOM   1195 C  C   . LEU B 2 63 ? 1.726   0.175   8.130   1.00 56.28  ? 410 LEU V C   1 
ATOM   1196 O  O   . LEU B 2 63 ? 1.801   -0.483  9.181   1.00 54.35  ? 410 LEU V O   1 
ATOM   1197 C  CB  . LEU B 2 63 ? -0.361  -0.093  6.768   1.00 61.96  ? 410 LEU V CB  1 
ATOM   1198 C  CG  . LEU B 2 63 ? -1.811  0.312   6.501   1.00 62.82  ? 410 LEU V CG  1 
ATOM   1199 C  CD1 . LEU B 2 63 ? -2.327  -0.343  5.228   1.00 71.42  ? 410 LEU V CD1 1 
ATOM   1200 C  CD2 . LEU B 2 63 ? -2.696  -0.042  7.687   1.00 47.40  ? 410 LEU V CD2 1 
ATOM   1201 N  N   . ILE B 2 64 ? 2.770   0.363   7.310   1.00 53.40  ? 411 ILE V N   1 
ATOM   1202 C  CA  . ILE B 2 64 ? 4.078   -0.133  7.691   1.00 54.50  ? 411 ILE V CA  1 
ATOM   1203 C  C   . ILE B 2 64 ? 4.388   0.586   8.983   1.00 57.91  ? 411 ILE V C   1 
ATOM   1204 O  O   . ILE B 2 64 ? 4.720   -0.033  9.998   1.00 63.27  ? 411 ILE V O   1 
ATOM   1205 C  CB  . ILE B 2 64 ? 5.163   0.275   6.698   1.00 54.06  ? 411 ILE V CB  1 
ATOM   1206 C  CG1 . ILE B 2 64 ? 4.992   -0.465  5.378   1.00 62.78  ? 411 ILE V CG1 1 
ATOM   1207 C  CG2 . ILE B 2 64 ? 6.525   -0.003  7.298   1.00 45.93  ? 411 ILE V CG2 1 
ATOM   1208 C  CD1 . ILE B 2 64 ? 5.938   0.039   4.305   1.00 74.79  ? 411 ILE V CD1 1 
ATOM   1209 N  N   . GLU B 2 65 ? 4.263   1.911   8.912   1.00 50.98  ? 412 GLU V N   1 
ATOM   1210 C  CA  . GLU B 2 65 ? 4.519   2.814   10.030  1.00 45.88  ? 412 GLU V CA  1 
ATOM   1211 C  C   . GLU B 2 65 ? 3.759   2.442   11.294  1.00 43.34  ? 412 GLU V C   1 
ATOM   1212 O  O   . GLU B 2 65 ? 4.335   2.373   12.376  1.00 44.11  ? 412 GLU V O   1 
ATOM   1213 C  CB  . GLU B 2 65 ? 4.148   4.235   9.634   1.00 44.27  ? 412 GLU V CB  1 
ATOM   1214 C  CG  . GLU B 2 65 ? 4.459   5.264   10.688  1.00 48.63  ? 412 GLU V CG  1 
ATOM   1215 C  CD  . GLU B 2 65 ? 3.853   6.601   10.351  1.00 89.80  ? 412 GLU V CD  1 
ATOM   1216 O  OE1 . GLU B 2 65 ? 2.611   6.714   10.413  1.00 105.54 ? 412 GLU V OE1 1 
ATOM   1217 O  OE2 . GLU B 2 65 ? 4.613   7.532   10.011  1.00 104.69 ? 412 GLU V OE2 1 
HETATM 1218 N  N   . MSE B 2 66 ? 2.457   2.231   11.157  1.00 41.20  ? 413 MSE V N   1 
HETATM 1219 C  CA  . MSE B 2 66 ? 1.640   1.849   12.291  1.00 41.79  ? 413 MSE V CA  1 
HETATM 1220 C  C   . MSE B 2 66 ? 2.158   0.542   12.866  1.00 42.33  ? 413 MSE V C   1 
HETATM 1221 O  O   . MSE B 2 66 ? 2.353   0.404   14.070  1.00 44.82  ? 413 MSE V O   1 
HETATM 1222 C  CB  . MSE B 2 66 ? 0.183   1.685   11.859  1.00 40.59  ? 413 MSE V CB  1 
HETATM 1223 C  CG  . MSE B 2 66 ? -0.518  2.990   11.638  1.00 61.82  ? 413 MSE V CG  1 
HETATM 1224 SE SE  . MSE B 2 66 ? -2.342  2.770   11.131  1.00 100.67 ? 413 MSE V SE  1 
HETATM 1225 C  CE  . MSE B 2 66 ? -3.142  2.659   12.882  1.00 111.87 ? 413 MSE V CE  1 
ATOM   1226 N  N   . ASN B 2 67 ? 2.390   -0.422  11.993  1.00 46.78  ? 414 ASN V N   1 
ATOM   1227 C  CA  . ASN B 2 67 ? 2.884   -1.710  12.434  1.00 58.72  ? 414 ASN V CA  1 
ATOM   1228 C  C   . ASN B 2 67 ? 4.161   -1.544  13.248  1.00 56.77  ? 414 ASN V C   1 
ATOM   1229 O  O   . ASN B 2 67 ? 4.274   -2.068  14.362  1.00 51.40  ? 414 ASN V O   1 
ATOM   1230 C  CB  . ASN B 2 67 ? 3.156   -2.605  11.230  1.00 69.41  ? 414 ASN V CB  1 
ATOM   1231 C  CG  . ASN B 2 67 ? 3.448   -4.027  11.631  1.00 69.64  ? 414 ASN V CG  1 
ATOM   1232 O  OD1 . ASN B 2 67 ? 2.625   -4.680  12.277  1.00 60.06  ? 414 ASN V OD1 1 
ATOM   1233 N  ND2 . ASN B 2 67 ? 4.627   -4.517  11.259  1.00 67.41  ? 414 ASN V ND2 1 
ATOM   1234 N  N   . GLY B 2 68 ? 5.120   -0.821  12.675  1.00 53.43  ? 415 GLY V N   1 
ATOM   1235 C  CA  . GLY B 2 68 ? 6.386   -0.585  13.346  1.00 50.26  ? 415 GLY V CA  1 
ATOM   1236 C  C   . GLY B 2 68 ? 6.170   -0.164  14.781  1.00 50.26  ? 415 GLY V C   1 
ATOM   1237 O  O   . GLY B 2 68 ? 6.683   -0.784  15.715  1.00 55.25  ? 415 GLY V O   1 
ATOM   1238 N  N   . LYS B 2 69 ? 5.399   0.899   14.959  1.00 49.95  ? 416 LYS V N   1 
ATOM   1239 C  CA  . LYS B 2 69 ? 5.099   1.390   16.290  1.00 43.86  ? 416 LYS V CA  1 
ATOM   1240 C  C   . LYS B 2 69 ? 4.481   0.270   17.121  1.00 43.21  ? 416 LYS V C   1 
ATOM   1241 O  O   . LYS B 2 69 ? 4.949   -0.011  18.219  1.00 50.10  ? 416 LYS V O   1 
ATOM   1242 C  CB  . LYS B 2 69 ? 4.171   2.608   16.193  1.00 23.06  ? 416 LYS V CB  1 
ATOM   1243 C  CG  . LYS B 2 69 ? 4.829   3.724   15.399  1.00 26.81  ? 416 LYS V CG  1 
ATOM   1244 C  CD  . LYS B 2 69 ? 4.004   4.992   15.275  1.00 48.79  ? 416 LYS V CD  1 
ATOM   1245 C  CE  . LYS B 2 69 ? 4.848   6.084   14.604  1.00 64.60  ? 416 LYS V CE  1 
ATOM   1246 N  NZ  . LYS B 2 69 ? 4.172   7.403   14.448  1.00 73.29  ? 416 LYS V NZ  1 
ATOM   1247 N  N   . ILE B 2 70 ? 3.458   -0.392  16.594  1.00 43.02  ? 417 ILE V N   1 
ATOM   1248 C  CA  . ILE B 2 70 ? 2.817   -1.478  17.334  1.00 45.43  ? 417 ILE V CA  1 
ATOM   1249 C  C   . ILE B 2 70 ? 3.843   -2.479  17.847  1.00 38.99  ? 417 ILE V C   1 
ATOM   1250 O  O   . ILE B 2 70 ? 3.789   -2.906  18.994  1.00 36.05  ? 417 ILE V O   1 
ATOM   1251 C  CB  . ILE B 2 70 ? 1.792   -2.242  16.470  1.00 54.77  ? 417 ILE V CB  1 
ATOM   1252 C  CG1 . ILE B 2 70 ? 0.659   -1.303  16.060  1.00 58.05  ? 417 ILE V CG1 1 
ATOM   1253 C  CG2 . ILE B 2 70 ? 1.244   -3.440  17.249  1.00 40.10  ? 417 ILE V CG2 1 
ATOM   1254 C  CD1 . ILE B 2 70 ? -0.504  -2.002  15.387  1.00 69.12  ? 417 ILE V CD1 1 
ATOM   1255 N  N   . SER B 2 71 ? 4.777   -2.859  16.989  1.00 40.42  ? 418 SER V N   1 
ATOM   1256 C  CA  . SER B 2 71 ? 5.798   -3.800  17.396  1.00 42.97  ? 418 SER V CA  1 
ATOM   1257 C  C   . SER B 2 71 ? 6.542   -3.215  18.579  1.00 42.72  ? 418 SER V C   1 
ATOM   1258 O  O   . SER B 2 71 ? 6.558   -3.794  19.666  1.00 41.75  ? 418 SER V O   1 
ATOM   1259 C  CB  . SER B 2 71 ? 6.780   -4.056  16.253  1.00 60.04  ? 418 SER V CB  1 
ATOM   1260 O  OG  . SER B 2 71 ? 7.801   -4.955  16.661  1.00 75.36  ? 418 SER V OG  1 
ATOM   1261 N  N   . GLU B 2 72 ? 7.150   -2.053  18.359  1.00 41.13  ? 419 GLU V N   1 
ATOM   1262 C  CA  . GLU B 2 72 ? 7.915   -1.388  19.404  1.00 46.00  ? 419 GLU V CA  1 
ATOM   1263 C  C   . GLU B 2 72 ? 7.146   -1.319  20.728  1.00 52.46  ? 419 GLU V C   1 
ATOM   1264 O  O   . GLU B 2 72 ? 7.732   -1.441  21.805  1.00 57.00  ? 419 GLU V O   1 
ATOM   1265 C  CB  . GLU B 2 72 ? 8.338   0.001   18.930  1.00 37.86  ? 419 GLU V CB  1 
ATOM   1266 C  CG  . GLU B 2 72 ? 9.294   -0.049  17.751  1.00 64.66  ? 419 GLU V CG  1 
ATOM   1267 C  CD  . GLU B 2 72 ? 9.891   1.306   17.418  1.00 93.20  ? 419 GLU V CD  1 
ATOM   1268 O  OE1 . GLU B 2 72 ? 10.377  1.989   18.347  1.00 101.52 ? 419 GLU V OE1 1 
ATOM   1269 O  OE2 . GLU B 2 72 ? 9.889   1.681   16.225  1.00 92.96  ? 419 GLU V OE2 1 
ATOM   1270 N  N   . ILE B 2 73 ? 5.835   -1.131  20.648  1.00 51.61  ? 420 ILE V N   1 
ATOM   1271 C  CA  . ILE B 2 73 ? 5.009   -1.089  21.842  1.00 48.75  ? 420 ILE V CA  1 
ATOM   1272 C  C   . ILE B 2 73 ? 5.051   -2.491  22.441  1.00 53.68  ? 420 ILE V C   1 
ATOM   1273 O  O   . ILE B 2 73 ? 5.548   -2.699  23.548  1.00 52.08  ? 420 ILE V O   1 
ATOM   1274 C  CB  . ILE B 2 73 ? 3.556   -0.715  21.485  1.00 48.62  ? 420 ILE V CB  1 
ATOM   1275 C  CG1 . ILE B 2 73 ? 3.514   0.736   21.007  1.00 41.77  ? 420 ILE V CG1 1 
ATOM   1276 C  CG2 . ILE B 2 73 ? 2.621   -0.939  22.684  1.00 40.55  ? 420 ILE V CG2 1 
ATOM   1277 C  CD1 . ILE B 2 73 ? 2.147   1.151   20.514  1.00 32.86  ? 420 ILE V CD1 1 
HETATM 1278 N  N   . MSE B 2 74 ? 4.545   -3.462  21.695  1.00 60.83  ? 421 MSE V N   1 
HETATM 1279 C  CA  . MSE B 2 74 ? 4.550   -4.834  22.167  1.00 71.13  ? 421 MSE V CA  1 
HETATM 1280 C  C   . MSE B 2 74 ? 5.964   -5.372  22.259  1.00 75.37  ? 421 MSE V C   1 
HETATM 1281 O  O   . MSE B 2 74 ? 6.181   -6.575  22.181  1.00 84.89  ? 421 MSE V O   1 
HETATM 1282 C  CB  . MSE B 2 74 ? 3.751   -5.711  21.222  1.00 74.11  ? 421 MSE V CB  1 
HETATM 1283 C  CG  . MSE B 2 74 ? 2.419   -6.100  21.765  1.00 91.38  ? 421 MSE V CG  1 
HETATM 1284 SE SE  . MSE B 2 74 ? 1.182   -6.060  20.350  1.00 121.23 ? 421 MSE V SE  1 
HETATM 1285 C  CE  . MSE B 2 74 ? 0.571   -4.244  20.607  1.00 124.75 ? 421 MSE V CE  1 
ATOM   1286 N  N   . ASN B 2 75 ? 6.930   -4.481  22.414  1.00 71.41  ? 422 ASN V N   1 
ATOM   1287 C  CA  . ASN B 2 75 ? 8.314   -4.897  22.505  1.00 70.87  ? 422 ASN V CA  1 
ATOM   1288 C  C   . ASN B 2 75 ? 8.881   -4.301  23.788  1.00 69.32  ? 422 ASN V C   1 
ATOM   1289 O  O   . ASN B 2 75 ? 9.639   -4.944  24.514  1.00 70.95  ? 422 ASN V O   1 
ATOM   1290 C  CB  . ASN B 2 75 ? 9.072   -4.409  21.268  1.00 78.94  ? 422 ASN V CB  1 
ATOM   1291 C  CG  . ASN B 2 75 ? 10.366  -5.157  21.039  1.00 86.03  ? 422 ASN V CG  1 
ATOM   1292 O  OD1 . ASN B 2 75 ? 10.542  -6.276  21.529  1.00 85.62  ? 422 ASN V OD1 1 
ATOM   1293 N  ND2 . ASN B 2 75 ? 11.275  -4.552  20.275  1.00 74.57  ? 422 ASN V ND2 1 
ATOM   1294 N  N   . ILE B 2 76 ? 8.488   -3.065  24.065  1.00 63.43  ? 423 ILE V N   1 
ATOM   1295 C  CA  . ILE B 2 76 ? 8.923   -2.371  25.264  1.00 55.42  ? 423 ILE V CA  1 
ATOM   1296 C  C   . ILE B 2 76 ? 8.195   -3.008  26.440  1.00 52.62  ? 423 ILE V C   1 
ATOM   1297 O  O   . ILE B 2 76 ? 8.803   -3.509  27.382  1.00 40.74  ? 423 ILE V O   1 
ATOM   1298 C  CB  . ILE B 2 76 ? 8.534   -0.880  25.207  1.00 50.09  ? 423 ILE V CB  1 
ATOM   1299 C  CG1 . ILE B 2 76 ? 9.198   -0.211  24.002  1.00 51.82  ? 423 ILE V CG1 1 
ATOM   1300 C  CG2 . ILE B 2 76 ? 8.920   -0.190  26.506  1.00 49.56  ? 423 ILE V CG2 1 
ATOM   1301 C  CD1 . ILE B 2 76 ? 8.912   1.289   23.887  1.00 46.96  ? 423 ILE V CD1 1 
ATOM   1302 N  N   . TYR B 2 77 ? 6.872   -2.973  26.353  1.00 63.46  ? 424 TYR V N   1 
ATOM   1303 C  CA  . TYR B 2 77 ? 5.973   -3.507  27.367  1.00 66.33  ? 424 TYR V CA  1 
ATOM   1304 C  C   . TYR B 2 77 ? 6.405   -4.861  27.923  1.00 70.37  ? 424 TYR V C   1 
ATOM   1305 O  O   . TYR B 2 77 ? 6.096   -5.212  29.061  1.00 71.69  ? 424 TYR V O   1 
ATOM   1306 C  CB  . TYR B 2 77 ? 4.576   -3.625  26.774  1.00 56.50  ? 424 TYR V CB  1 
ATOM   1307 C  CG  . TYR B 2 77 ? 3.550   -4.065  27.770  1.00 63.94  ? 424 TYR V CG  1 
ATOM   1308 C  CD1 . TYR B 2 77 ? 2.947   -3.152  28.626  1.00 70.19  ? 424 TYR V CD1 1 
ATOM   1309 C  CD2 . TYR B 2 77 ? 3.187   -5.404  27.869  1.00 74.33  ? 424 TYR V CD2 1 
ATOM   1310 C  CE1 . TYR B 2 77 ? 1.998   -3.563  29.556  1.00 78.86  ? 424 TYR V CE1 1 
ATOM   1311 C  CE2 . TYR B 2 77 ? 2.247   -5.824  28.794  1.00 78.28  ? 424 TYR V CE2 1 
ATOM   1312 C  CZ  . TYR B 2 77 ? 1.651   -4.903  29.633  1.00 79.76  ? 424 TYR V CZ  1 
ATOM   1313 O  OH  . TYR B 2 77 ? 0.696   -5.328  30.531  1.00 77.99  ? 424 TYR V OH  1 
ATOM   1314 N  N   . ASP B 2 78 ? 7.114   -5.624  27.105  1.00 76.38  ? 425 ASP V N   1 
ATOM   1315 C  CA  . ASP B 2 78 ? 7.595   -6.940  27.495  1.00 78.97  ? 425 ASP V CA  1 
ATOM   1316 C  C   . ASP B 2 78 ? 8.917   -6.770  28.224  1.00 75.19  ? 425 ASP V C   1 
ATOM   1317 O  O   . ASP B 2 78 ? 9.080   -7.241  29.348  1.00 69.92  ? 425 ASP V O   1 
ATOM   1318 C  CB  . ASP B 2 78 ? 7.777   -7.789  26.250  1.00 98.26  ? 425 ASP V CB  1 
ATOM   1319 C  CG  . ASP B 2 78 ? 7.522   -7.006  24.977  1.00 125.77 ? 425 ASP V CG  1 
ATOM   1320 O  OD1 . ASP B 2 78 ? 6.455   -6.354  24.871  1.00 127.08 ? 425 ASP V OD1 1 
ATOM   1321 O  OD2 . ASP B 2 78 ? 8.390   -7.048  24.081  1.00 145.81 ? 425 ASP V OD2 1 
ATOM   1322 N  N   . ARG B 2 79 ? 9.855   -6.091  27.570  1.00 73.90  ? 426 ARG V N   1 
ATOM   1323 C  CA  . ARG B 2 79 ? 11.158  -5.816  28.157  1.00 68.75  ? 426 ARG V CA  1 
ATOM   1324 C  C   . ARG B 2 79 ? 10.939  -5.258  29.559  1.00 62.27  ? 426 ARG V C   1 
ATOM   1325 O  O   . ARG B 2 79 ? 11.708  -5.539  30.465  1.00 63.13  ? 426 ARG V O   1 
ATOM   1326 C  CB  . ARG B 2 79 ? 11.911  -4.785  27.320  1.00 73.95  ? 426 ARG V CB  1 
ATOM   1327 C  CG  . ARG B 2 79 ? 12.224  -5.218  25.898  1.00 86.66  ? 426 ARG V CG  1 
ATOM   1328 C  CD  . ARG B 2 79 ? 12.578  -3.999  25.057  1.00 106.49 ? 426 ARG V CD  1 
ATOM   1329 N  NE  . ARG B 2 79 ? 13.122  -4.337  23.745  1.00 120.51 ? 426 ARG V NE  1 
ATOM   1330 C  CZ  . ARG B 2 79 ? 13.364  -3.446  22.786  1.00 124.75 ? 426 ARG V CZ  1 
ATOM   1331 N  NH1 . ARG B 2 79 ? 13.104  -2.160  22.991  1.00 129.89 ? 426 ARG V NH1 1 
ATOM   1332 N  NH2 . ARG B 2 79 ? 13.877  -3.835  21.627  1.00 114.87 ? 426 ARG V NH2 1 
ATOM   1333 N  N   . LEU B 2 80 ? 9.883   -4.468  29.736  1.00 57.83  ? 427 LEU V N   1 
ATOM   1334 C  CA  . LEU B 2 80 ? 9.585   -3.898  31.044  1.00 58.76  ? 427 LEU V CA  1 
ATOM   1335 C  C   . LEU B 2 80 ? 8.974   -4.927  31.985  1.00 62.49  ? 427 LEU V C   1 
ATOM   1336 O  O   . LEU B 2 80 ? 9.434   -5.077  33.118  1.00 62.49  ? 427 LEU V O   1 
ATOM   1337 C  CB  . LEU B 2 80 ? 8.638   -2.706  30.918  1.00 51.71  ? 427 LEU V CB  1 
ATOM   1338 C  CG  . LEU B 2 80 ? 9.109   -1.530  30.062  1.00 51.41  ? 427 LEU V CG  1 
ATOM   1339 C  CD1 . LEU B 2 80 ? 8.154   -0.366  30.250  1.00 43.00  ? 427 LEU V CD1 1 
ATOM   1340 C  CD2 . LEU B 2 80 ? 10.512  -1.116  30.459  1.00 62.36  ? 427 LEU V CD2 1 
ATOM   1341 N  N   . LEU B 2 81 ? 7.940   -5.632  31.521  1.00 62.99  ? 428 LEU V N   1 
ATOM   1342 C  CA  . LEU B 2 81 ? 7.275   -6.646  32.342  1.00 61.70  ? 428 LEU V CA  1 
ATOM   1343 C  C   . LEU B 2 81 ? 8.262   -7.757  32.694  1.00 62.44  ? 428 LEU V C   1 
ATOM   1344 O  O   . LEU B 2 81 ? 8.149   -8.394  33.737  1.00 63.69  ? 428 LEU V O   1 
ATOM   1345 C  CB  . LEU B 2 81 ? 6.074   -7.246  31.597  1.00 65.41  ? 428 LEU V CB  1 
ATOM   1346 C  CG  . LEU B 2 81 ? 4.858   -7.718  32.421  1.00 78.37  ? 428 LEU V CG  1 
ATOM   1347 C  CD1 . LEU B 2 81 ? 3.851   -8.402  31.502  1.00 83.92  ? 428 LEU V CD1 1 
ATOM   1348 C  CD2 . LEU B 2 81 ? 5.273   -8.672  33.522  1.00 58.12  ? 428 LEU V CD2 1 
ATOM   1349 N  N   . GLU B 2 82 ? 9.236   -7.974  31.820  1.00 64.43  ? 429 GLU V N   1 
ATOM   1350 C  CA  . GLU B 2 82 ? 10.251  -9.002  32.028  1.00 65.42  ? 429 GLU V CA  1 
ATOM   1351 C  C   . GLU B 2 82 ? 11.067  -8.699  33.283  1.00 64.03  ? 429 GLU V C   1 
ATOM   1352 O  O   . GLU B 2 82 ? 11.073  -9.476  34.234  1.00 61.10  ? 429 GLU V O   1 
ATOM   1353 C  CB  . GLU B 2 82 ? 11.179  -9.052  30.820  1.00 73.95  ? 429 GLU V CB  1 
ATOM   1354 C  CG  . GLU B 2 82 ? 11.911  -10.356 30.644  1.00 103.83 ? 429 GLU V CG  1 
ATOM   1355 C  CD  . GLU B 2 82 ? 10.998  -11.465 30.175  1.00 123.09 ? 429 GLU V CD  1 
ATOM   1356 O  OE1 . GLU B 2 82 ? 11.513  -12.551 29.835  1.00 143.21 ? 429 GLU V OE1 1 
ATOM   1357 O  OE2 . GLU B 2 82 ? 9.767   -11.252 30.149  1.00 122.96 ? 429 GLU V OE2 1 
ATOM   1358 N  N   . GLN B 2 83 ? 11.758  -7.562  33.275  1.00 66.28  ? 430 GLN V N   1 
ATOM   1359 C  CA  . GLN B 2 83 ? 12.580  -7.144  34.410  1.00 64.08  ? 430 GLN V CA  1 
ATOM   1360 C  C   . GLN B 2 83 ? 11.729  -7.125  35.658  1.00 68.43  ? 430 GLN V C   1 
ATOM   1361 O  O   . GLN B 2 83 ? 12.142  -7.610  36.711  1.00 74.88  ? 430 GLN V O   1 
ATOM   1362 C  CB  . GLN B 2 83 ? 13.146  -5.742  34.181  1.00 42.81  ? 430 GLN V CB  1 
ATOM   1363 C  CG  . GLN B 2 83 ? 13.878  -5.607  32.863  1.00 66.55  ? 430 GLN V CG  1 
ATOM   1364 C  CD  . GLN B 2 83 ? 14.222  -4.170  32.529  1.00 77.55  ? 430 GLN V CD  1 
ATOM   1365 O  OE1 . GLN B 2 83 ? 13.433  -3.252  32.782  1.00 61.09  ? 430 GLN V OE1 1 
ATOM   1366 N  NE2 . GLN B 2 83 ? 15.393  -3.969  31.930  1.00 81.73  ? 430 GLN V NE2 1 
ATOM   1367 N  N   . GLN B 2 84 ? 10.530  -6.568  35.527  1.00 66.82  ? 431 GLN V N   1 
ATOM   1368 C  CA  . GLN B 2 84 ? 9.613   -6.464  36.646  1.00 62.30  ? 431 GLN V CA  1 
ATOM   1369 C  C   . GLN B 2 84 ? 9.374   -7.809  37.313  1.00 61.10  ? 431 GLN V C   1 
ATOM   1370 O  O   . GLN B 2 84 ? 9.388   -7.909  38.533  1.00 57.71  ? 431 GLN V O   1 
ATOM   1371 C  CB  . GLN B 2 84 ? 8.290   -5.878  36.180  1.00 64.94  ? 431 GLN V CB  1 
ATOM   1372 C  CG  . GLN B 2 84 ? 7.422   -5.412  37.322  1.00 85.29  ? 431 GLN V CG  1 
ATOM   1373 C  CD  . GLN B 2 84 ? 8.134   -4.395  38.181  1.00 91.74  ? 431 GLN V CD  1 
ATOM   1374 O  OE1 . GLN B 2 84 ? 8.585   -3.359  37.687  1.00 81.73  ? 431 GLN V OE1 1 
ATOM   1375 N  NE2 . GLN B 2 84 ? 8.245   -4.683  39.474  1.00 91.58  ? 431 GLN V NE2 1 
ATOM   1376 N  N   . LEU B 2 85 ? 9.158   -8.847  36.513  1.00 68.02  ? 432 LEU V N   1 
ATOM   1377 C  CA  . LEU B 2 85 ? 8.926   -10.176 37.066  1.00 70.94  ? 432 LEU V CA  1 
ATOM   1378 C  C   . LEU B 2 85 ? 10.211  -10.782 37.608  1.00 72.83  ? 432 LEU V C   1 
ATOM   1379 O  O   . LEU B 2 85 ? 10.174  -11.561 38.559  1.00 76.35  ? 432 LEU V O   1 
ATOM   1380 C  CB  . LEU B 2 85 ? 8.315   -11.107 36.015  1.00 61.45  ? 432 LEU V CB  1 
ATOM   1381 C  CG  . LEU B 2 85 ? 6.837   -10.848 35.702  1.00 57.49  ? 432 LEU V CG  1 
ATOM   1382 C  CD1 . LEU B 2 85 ? 6.381   -11.832 34.649  1.00 58.89  ? 432 LEU V CD1 1 
ATOM   1383 C  CD2 . LEU B 2 85 ? 5.980   -10.981 36.967  1.00 51.12  ? 432 LEU V CD2 1 
ATOM   1384 N  N   . GLN B 2 86 ? 11.342  -10.423 37.002  1.00 70.46  ? 433 GLN V N   1 
ATOM   1385 C  CA  . GLN B 2 86 ? 12.637  -10.928 37.444  1.00 69.15  ? 433 GLN V CA  1 
ATOM   1386 C  C   . GLN B 2 86 ? 12.947  -10.387 38.835  1.00 69.36  ? 433 GLN V C   1 
ATOM   1387 O  O   . GLN B 2 86 ? 13.441  -11.116 39.694  1.00 67.45  ? 433 GLN V O   1 
ATOM   1388 C  CB  . GLN B 2 86 ? 13.740  -10.507 36.472  1.00 79.39  ? 433 GLN V CB  1 
ATOM   1389 C  CG  . GLN B 2 86 ? 14.358  -11.653 35.668  1.00 92.16  ? 433 GLN V CG  1 
ATOM   1390 C  CD  . GLN B 2 86 ? 14.922  -12.761 36.553  1.00 98.79  ? 433 GLN V CD  1 
ATOM   1391 O  OE1 . GLN B 2 86 ? 14.174  -13.543 37.140  1.00 99.08  ? 433 GLN V OE1 1 
ATOM   1392 N  NE2 . GLN B 2 86 ? 16.246  -12.825 36.658  1.00 87.38  ? 433 GLN V NE2 1 
ATOM   1393 N  N   . SER B 2 87 ? 12.649  -9.107  39.054  1.00 70.76  ? 434 SER V N   1 
ATOM   1394 C  CA  . SER B 2 87 ? 12.875  -8.470  40.350  1.00 70.31  ? 434 SER V CA  1 
ATOM   1395 C  C   . SER B 2 87 ? 12.162  -9.281  41.428  1.00 74.06  ? 434 SER V C   1 
ATOM   1396 O  O   . SER B 2 87 ? 12.740  -9.608  42.469  1.00 74.75  ? 434 SER V O   1 
ATOM   1397 C  CB  . SER B 2 87 ? 12.313  -7.044  40.355  1.00 63.88  ? 434 SER V CB  1 
ATOM   1398 O  OG  . SER B 2 87 ? 12.810  -6.280  39.275  1.00 73.19  ? 434 SER V OG  1 
ATOM   1399 N  N   . ILE B 2 88 ? 10.896  -9.593  41.164  1.00 72.70  ? 435 ILE V N   1 
ATOM   1400 C  CA  . ILE B 2 88 ? 10.071  -10.360 42.085  1.00 68.06  ? 435 ILE V CA  1 
ATOM   1401 C  C   . ILE B 2 88 ? 10.704  -11.725 42.314  1.00 66.33  ? 435 ILE V C   1 
ATOM   1402 O  O   . ILE B 2 88 ? 10.772  -12.214 43.440  1.00 70.14  ? 435 ILE V O   1 
ATOM   1403 C  CB  . ILE B 2 88 ? 8.636   -10.552 41.526  1.00 70.10  ? 435 ILE V CB  1 
ATOM   1404 C  CG1 . ILE B 2 88 ? 8.047   -9.195  41.129  1.00 68.51  ? 435 ILE V CG1 1 
ATOM   1405 C  CG2 . ILE B 2 88 ? 7.739   -11.216 42.582  1.00 70.05  ? 435 ILE V CG2 1 
ATOM   1406 C  CD1 . ILE B 2 88 ? 6.659   -9.274  40.503  1.00 75.52  ? 435 ILE V CD1 1 
ATOM   1407 N  N   . ASN B 2 89 ? 11.179  -12.329 41.232  1.00 66.28  ? 436 ASN V N   1 
ATOM   1408 C  CA  . ASN B 2 89 ? 11.811  -13.631 41.309  1.00 68.71  ? 436 ASN V CA  1 
ATOM   1409 C  C   . ASN B 2 89 ? 13.061  -13.577 42.178  1.00 69.80  ? 436 ASN V C   1 
ATOM   1410 O  O   . ASN B 2 89 ? 13.313  -14.481 42.973  1.00 75.06  ? 436 ASN V O   1 
ATOM   1411 C  CB  . ASN B 2 89 ? 12.166  -14.117 39.907  1.00 75.46  ? 436 ASN V CB  1 
ATOM   1412 C  CG  . ASN B 2 89 ? 12.881  -15.442 39.922  1.00 87.09  ? 436 ASN V CG  1 
ATOM   1413 O  OD1 . ASN B 2 89 ? 14.067  -15.517 40.241  1.00 91.37  ? 436 ASN V OD1 1 
ATOM   1414 N  ND2 . ASN B 2 89 ? 12.160  -16.506 39.590  1.00 98.64  ? 436 ASN V ND2 1 
ATOM   1415 N  N   . LEU B 2 90 ? 13.839  -12.512 42.026  1.00 70.73  ? 437 LEU V N   1 
ATOM   1416 C  CA  . LEU B 2 90 ? 15.058  -12.334 42.808  1.00 73.00  ? 437 LEU V CA  1 
ATOM   1417 C  C   . LEU B 2 90 ? 14.732  -11.891 44.228  1.00 71.69  ? 437 LEU V C   1 
ATOM   1418 O  O   . LEU B 2 90 ? 15.208  -10.853 44.676  1.00 70.94  ? 437 LEU V O   1 
ATOM   1419 C  CB  . LEU B 2 90 ? 15.967  -11.288 42.152  1.00 80.80  ? 437 LEU V CB  1 
ATOM   1420 C  CG  . LEU B 2 90 ? 16.995  -11.681 41.081  1.00 86.63  ? 437 LEU V CG  1 
ATOM   1421 C  CD1 . LEU B 2 90 ? 16.393  -12.613 40.034  1.00 77.95  ? 437 LEU V CD1 1 
ATOM   1422 C  CD2 . LEU B 2 90 ? 17.516  -10.402 40.437  1.00 81.29  ? 437 LEU V CD2 1 
ATOM   1423 N  N   . SER B 2 91 ? 13.922  -12.681 44.925  1.00 77.05  ? 438 SER V N   1 
ATOM   1424 C  CA  . SER B 2 91 ? 13.525  -12.358 46.291  1.00 78.10  ? 438 SER V CA  1 
ATOM   1425 C  C   . SER B 2 91 ? 13.060  -13.604 47.038  1.00 82.26  ? 438 SER V C   1 
ATOM   1426 O  O   . SER B 2 91 ? 13.755  -14.618 47.067  1.00 84.37  ? 438 SER V O   1 
ATOM   1427 C  CB  . SER B 2 91 ? 12.421  -11.300 46.292  1.00 65.83  ? 438 SER V CB  1 
ATOM   1428 O  OG  . SER B 2 91 ? 12.792  -10.174 45.516  1.00 51.84  ? 438 SER V OG  1 
ATOM   1429 O  OXT . SER B 2 91 ? 11.984  -13.560 47.669  1.00 0.00   ? 438 SER V OXT 1 
HETATM 1430 O  O   . HOH C 3 .  ? 12.860  -0.871  34.038  1.00 70.76  ? 4   HOH H O   1 
HETATM 1431 O  O   . HOH C 3 .  ? -4.736  -5.971  23.696  1.00 87.52  ? 5   HOH H O   1 
HETATM 1432 O  O   . HOH C 3 .  ? -7.220  -7.107  14.380  1.00 74.33  ? 7   HOH H O   1 
HETATM 1433 O  O   . HOH C 3 .  ? -15.392 -0.760  4.952   1.00 61.04  ? 9   HOH H O   1 
HETATM 1434 O  O   . HOH C 3 .  ? 6.194   6.766   -43.308 1.00 53.58  ? 12  HOH H O   1 
HETATM 1435 O  O   . HOH C 3 .  ? 4.056   10.049  17.295  1.00 45.12  ? 13  HOH H O   1 
HETATM 1436 O  O   . HOH C 3 .  ? -5.481  -9.417  17.936  1.00 129.08 ? 14  HOH H O   1 
HETATM 1437 O  O   . HOH C 3 .  ? -13.372 1.162   5.728   1.00 66.31  ? 15  HOH H O   1 
HETATM 1438 O  O   . HOH C 3 .  ? 2.323   7.309   -24.612 1.00 47.73  ? 18  HOH H O   1 
HETATM 1439 O  O   . HOH C 3 .  ? 8.739   4.151   38.962  1.00 58.49  ? 21  HOH H O   1 
HETATM 1440 O  O   . HOH C 3 .  ? 15.152  10.406  26.323  1.00 56.57  ? 22  HOH H O   1 
HETATM 1441 O  O   . HOH C 3 .  ? 7.399   -0.860  -25.129 1.00 52.24  ? 24  HOH H O   1 
HETATM 1442 O  O   . HOH C 3 .  ? -0.573  -6.440  18.100  1.00 86.10  ? 25  HOH H O   1 
HETATM 1443 O  O   . HOH C 3 .  ? 9.747   5.134   33.003  1.00 85.55  ? 29  HOH H O   1 
HETATM 1444 O  O   . HOH D 3 .  ? 17.609  -3.013  33.184  1.00 43.62  ? 1   HOH V O   1 
HETATM 1445 O  O   . HOH D 3 .  ? 1.103   7.601   7.316   1.00 44.46  ? 2   HOH V O   1 
HETATM 1446 O  O   . HOH D 3 .  ? -7.933  5.173   -41.570 1.00 66.26  ? 3   HOH V O   1 
HETATM 1447 O  O   . HOH D 3 .  ? -13.225 4.449   -39.989 1.00 52.47  ? 6   HOH V O   1 
HETATM 1448 O  O   . HOH D 3 .  ? -11.814 0.207   -30.013 1.00 58.63  ? 8   HOH V O   1 
HETATM 1449 O  O   . HOH D 3 .  ? -9.108  10.204  -28.491 1.00 86.59  ? 10  HOH V O   1 
HETATM 1450 O  O   . HOH D 3 .  ? 0.509   -6.328  -14.169 1.00 51.50  ? 11  HOH V O   1 
HETATM 1451 O  O   . HOH D 3 .  ? -7.093  6.802   -15.666 1.00 81.88  ? 16  HOH V O   1 
HETATM 1452 O  O   . HOH D 3 .  ? 7.019   -3.131  0.042   1.00 47.29  ? 17  HOH V O   1 
HETATM 1453 O  O   . HOH D 3 .  ? -3.557  8.839   -2.783  1.00 66.04  ? 19  HOH V O   1 
HETATM 1454 O  O   . HOH D 3 .  ? -11.998 5.000   -8.393  1.00 51.54  ? 20  HOH V O   1 
HETATM 1455 O  O   . HOH D 3 .  ? -7.544  1.780   -1.895  1.00 67.95  ? 23  HOH V O   1 
HETATM 1456 O  O   . HOH D 3 .  ? 11.401  -12.366 32.963  1.00 53.03  ? 26  HOH V O   1 
HETATM 1457 O  O   . HOH D 3 .  ? 5.991   -6.280  12.382  1.00 56.84  ? 27  HOH V O   1 
HETATM 1458 O  O   . HOH D 3 .  ? 0.696   5.046   -15.436 1.00 93.76  ? 28  HOH V O   1 
# 
